data_8AJJ
#
_entry.id   8AJJ
#
_cell.length_a   250.630
_cell.length_b   250.630
_cell.length_c   141.140
_cell.angle_alpha   90.000
_cell.angle_beta   90.000
_cell.angle_gamma   120.000
#
_symmetry.space_group_name_H-M   'P 63 2 2'
#
loop_
_entity.id
_entity.type
_entity.pdbx_description
1 polymer 'Dihydrolipoamide dehydrogenase'
2 non-polymer 'FLAVIN-ADENINE DINUCLEOTIDE'
3 non-polymer HISTIDINE
4 water water
#
_entity_poly.entity_id   1
_entity_poly.type   'polypeptide(L)'
_entity_poly.pdbx_seq_one_letter_code
;MGTYDLIVIGFGKAGKTLAKYAASTGQHVAVIEQSPKMYGGTCINIGCIPSKTLVHDGLEGKSFEASYNRKNDVVNALNN
KNYHLLADDNNIDVLDFKAQFKSNTEVNLLDQHDDIVDSITAPHIIINTGATSVIPNIKGLDQAKHVFDSTGLLNISYQP
KHLVIVGGGYIALEFASMFANLGSKVTVLERGESFMPREDQDVVAYGITDLENKGIALHTNVETTELSSDNHHTTVHTNV
DNFEADAVLLAIGRKPNTDLALENTDIELGDRGEIKVNAHLQTTVPHIYAAGDVKGGLQFTYISLDDYRIIKSALYGNQS
RTTDNRGSVPYTVFIDPPLSRVGLTSKEAAAQHYDYTEHQLLVSAIPRHKINNDPRGLFKVVINNENNMILGATLYGKQS
EELINIIKLAIDQNIPYTVLRDNIYTHPTMAESFNDLFNFHHHHHH
;
_entity_poly.pdbx_strand_id   C,A,B,D
#
loop_
_chem_comp.id
_chem_comp.type
_chem_comp.name
_chem_comp.formula
FAD non-polymer 'FLAVIN-ADENINE DINUCLEOTIDE' 'C27 H33 N9 O15 P2'
#
# COMPACT_ATOMS: atom_id res chain seq x y z
N THR A 3 18.26 9.05 -8.94
CA THR A 3 17.84 7.81 -9.59
C THR A 3 17.28 6.82 -8.57
N TYR A 4 16.13 6.26 -8.89
CA TYR A 4 15.48 5.24 -8.07
C TYR A 4 15.36 3.97 -8.88
N ASP A 5 15.03 2.86 -8.19
CA ASP A 5 14.73 1.64 -8.91
C ASP A 5 13.29 1.64 -9.42
N LEU A 6 12.37 2.21 -8.65
CA LEU A 6 10.96 2.24 -8.99
C LEU A 6 10.39 3.60 -8.61
N ILE A 7 9.59 4.17 -9.50
CA ILE A 7 8.84 5.38 -9.23
C ILE A 7 7.36 5.02 -9.25
N VAL A 8 6.65 5.39 -8.18
CA VAL A 8 5.20 5.23 -8.09
C VAL A 8 4.60 6.63 -8.03
N ILE A 9 3.73 6.95 -8.98
CA ILE A 9 3.05 8.24 -9.03
C ILE A 9 1.65 8.05 -8.45
N GLY A 10 1.42 8.59 -7.26
CA GLY A 10 0.15 8.45 -6.58
C GLY A 10 0.19 7.46 -5.43
N PHE A 11 -0.26 7.90 -4.26
CA PHE A 11 -0.34 7.07 -3.05
C PHE A 11 -1.60 6.20 -3.05
N GLY A 12 -1.93 5.59 -4.18
CA GLY A 12 -3.10 4.73 -4.27
C GLY A 12 -2.85 3.35 -3.70
N LYS A 13 -3.84 2.47 -3.89
CA LYS A 13 -3.79 1.15 -3.29
C LYS A 13 -2.73 0.27 -3.93
N ALA A 14 -2.77 0.15 -5.27
CA ALA A 14 -1.74 -0.61 -5.96
C ALA A 14 -0.37 -0.01 -5.71
N GLY A 15 -0.28 1.32 -5.69
CA GLY A 15 1.02 1.97 -5.56
C GLY A 15 1.67 1.72 -4.22
N LYS A 16 0.96 1.96 -3.12
CA LYS A 16 1.55 1.77 -1.80
C LYS A 16 1.88 0.30 -1.56
N THR A 17 1.06 -0.62 -2.10
CA THR A 17 1.33 -2.03 -1.91
C THR A 17 2.54 -2.48 -2.73
N LEU A 18 2.63 -2.00 -3.98
CA LEU A 18 3.79 -2.34 -4.81
C LEU A 18 5.05 -1.68 -4.29
N ALA A 19 4.94 -0.44 -3.78
CA ALA A 19 6.10 0.23 -3.19
C ALA A 19 6.62 -0.54 -1.99
N LYS A 20 5.72 -1.02 -1.13
CA LYS A 20 6.14 -1.75 0.06
C LYS A 20 6.81 -3.07 -0.32
N TYR A 21 6.30 -3.77 -1.34
CA TYR A 21 6.94 -5.02 -1.74
C TYR A 21 8.32 -4.78 -2.33
N ALA A 22 8.43 -3.84 -3.27
CA ALA A 22 9.71 -3.58 -3.90
C ALA A 22 10.77 -3.18 -2.88
N ALA A 23 10.37 -2.42 -1.86
CA ALA A 23 11.31 -2.02 -0.81
C ALA A 23 11.80 -3.23 -0.02
N SER A 24 10.90 -4.16 0.28
CA SER A 24 11.32 -5.39 0.95
C SER A 24 12.32 -6.17 0.11
N THR A 25 12.21 -6.07 -1.22
CA THR A 25 13.14 -6.70 -2.14
C THR A 25 14.53 -6.08 -2.05
N GLY A 26 14.64 -4.84 -1.61
CA GLY A 26 15.90 -4.12 -1.57
C GLY A 26 15.97 -2.97 -2.54
N GLN A 27 14.93 -2.76 -3.35
CA GLN A 27 14.91 -1.67 -4.30
C GLN A 27 14.64 -0.35 -3.58
N HIS A 28 15.14 0.74 -4.17
CA HIS A 28 14.88 2.08 -3.68
C HIS A 28 13.69 2.65 -4.44
N VAL A 29 12.62 2.93 -3.71
CA VAL A 29 11.34 3.35 -4.29
C VAL A 29 11.08 4.81 -3.96
N ALA A 30 10.65 5.57 -4.95
CA ALA A 30 10.11 6.90 -4.76
C ALA A 30 8.60 6.86 -4.97
N VAL A 31 7.85 7.40 -4.02
CA VAL A 31 6.41 7.51 -4.13
C VAL A 31 6.05 8.98 -4.11
N ILE A 32 5.43 9.46 -5.18
CA ILE A 32 5.06 10.87 -5.32
C ILE A 32 3.59 11.01 -4.99
N GLU A 33 3.29 11.85 -3.99
CA GLU A 33 1.93 12.14 -3.58
C GLU A 33 1.79 13.64 -3.42
N GLN A 34 0.78 14.22 -4.09
CA GLN A 34 0.65 15.66 -4.14
C GLN A 34 0.02 16.24 -2.88
N SER A 35 -0.79 15.47 -2.15
CA SER A 35 -1.47 16.00 -0.99
C SER A 35 -1.15 15.16 0.25
N PRO A 36 -0.71 15.79 1.34
CA PRO A 36 -0.56 15.06 2.61
C PRO A 36 -1.89 14.63 3.22
N LYS A 37 -3.01 15.18 2.77
CA LYS A 37 -4.32 14.68 3.15
C LYS A 37 -4.70 13.41 2.40
N MET A 38 -3.82 12.92 1.51
CA MET A 38 -4.10 11.76 0.67
C MET A 38 -3.17 10.58 0.94
N TYR A 39 -2.39 10.64 2.02
CA TYR A 39 -1.56 9.49 2.39
C TYR A 39 -2.44 8.28 2.64
N GLY A 40 -2.29 7.26 1.80
CA GLY A 40 -3.09 6.06 1.86
C GLY A 40 -4.02 5.88 0.67
N GLY A 41 -4.35 6.95 -0.02
CA GLY A 41 -5.16 6.89 -1.22
C GLY A 41 -6.54 7.48 -1.00
N THR A 42 -7.38 7.29 -2.01
CA THR A 42 -8.74 7.82 -1.96
C THR A 42 -9.60 7.04 -0.96
N CYS A 43 -9.40 5.73 -0.86
CA CYS A 43 -10.22 4.91 0.02
C CYS A 43 -10.01 5.29 1.48
N ILE A 44 -8.78 5.58 1.88
CA ILE A 44 -8.49 5.85 3.28
C ILE A 44 -9.03 7.22 3.70
N ASN A 45 -8.96 8.20 2.81
CA ASN A 45 -9.17 9.59 3.18
C ASN A 45 -10.51 10.17 2.70
N ILE A 46 -10.95 9.86 1.48
CA ILE A 46 -12.13 10.50 0.92
C ILE A 46 -13.05 9.48 0.27
N GLY A 47 -12.93 8.21 0.67
CA GLY A 47 -13.66 7.16 -0.01
C GLY A 47 -14.34 6.14 0.88
N CYS A 48 -13.90 4.88 0.78
CA CYS A 48 -14.60 3.79 1.45
C CYS A 48 -14.56 3.93 2.96
N ILE A 49 -13.40 4.26 3.52
CA ILE A 49 -13.22 4.27 4.97
C ILE A 49 -14.08 5.34 5.62
N PRO A 50 -14.03 6.62 5.22
CA PRO A 50 -14.92 7.60 5.86
C PRO A 50 -16.39 7.37 5.52
N SER A 51 -16.68 6.87 4.32
CA SER A 51 -18.07 6.66 3.92
C SER A 51 -18.74 5.61 4.79
N LYS A 52 -18.11 4.44 4.92
CA LYS A 52 -18.72 3.35 5.68
C LYS A 52 -18.57 3.51 7.18
N THR A 53 -17.64 4.36 7.64
CA THR A 53 -17.64 4.72 9.05
C THR A 53 -18.92 5.46 9.40
N LEU A 54 -19.38 6.34 8.51
CA LEU A 54 -20.60 7.09 8.75
C LEU A 54 -21.85 6.24 8.53
N VAL A 55 -21.82 5.32 7.57
CA VAL A 55 -22.94 4.39 7.40
C VAL A 55 -23.08 3.49 8.61
N HIS A 56 -21.95 2.97 9.11
CA HIS A 56 -21.97 2.09 10.27
C HIS A 56 -22.46 2.83 11.52
N ASP A 57 -21.97 4.06 11.72
CA ASP A 57 -22.37 4.81 12.91
C ASP A 57 -23.81 5.30 12.82
N GLY A 58 -24.27 5.65 11.61
CA GLY A 58 -25.67 6.02 11.45
C GLY A 58 -26.61 4.87 11.70
N LEU A 59 -26.19 3.64 11.36
CA LEU A 59 -26.98 2.45 11.68
C LEU A 59 -27.10 2.24 13.19
N GLU A 60 -26.12 2.72 13.95
CA GLU A 60 -26.08 2.53 15.40
C GLU A 60 -26.84 3.61 16.16
N GLY A 61 -27.45 4.57 15.46
CA GLY A 61 -28.15 5.64 16.13
C GLY A 61 -27.28 6.80 16.56
N LYS A 62 -26.01 6.84 16.13
CA LYS A 62 -25.15 7.96 16.48
C LYS A 62 -25.63 9.23 15.79
N SER A 63 -25.40 10.36 16.44
CA SER A 63 -25.79 11.64 15.89
C SER A 63 -24.92 11.99 14.69
N PHE A 64 -25.31 13.05 13.97
CA PHE A 64 -24.49 13.55 12.88
C PHE A 64 -23.13 14.02 13.37
N GLU A 65 -23.12 14.79 14.46
CA GLU A 65 -21.88 15.37 14.96
C GLU A 65 -20.95 14.30 15.51
N ALA A 66 -21.51 13.33 16.25
CA ALA A 66 -20.67 12.27 16.81
C ALA A 66 -20.09 11.39 15.71
N SER A 67 -20.91 11.04 14.71
CA SER A 67 -20.43 10.19 13.63
C SER A 67 -19.33 10.88 12.82
N TYR A 68 -19.49 12.18 12.56
CA TYR A 68 -18.48 12.90 11.79
C TYR A 68 -17.18 13.07 12.57
N ASN A 69 -17.27 13.24 13.89
CA ASN A 69 -16.05 13.34 14.69
C ASN A 69 -15.28 12.03 14.70
N ARG A 70 -15.97 10.90 14.87
CA ARG A 70 -15.31 9.61 14.79
C ARG A 70 -14.77 9.33 13.39
N LYS A 71 -15.43 9.87 12.36
CA LYS A 71 -14.91 9.77 11.01
C LYS A 71 -13.58 10.47 10.88
N ASN A 72 -13.44 11.64 11.53
CA ASN A 72 -12.18 12.37 11.47
C ASN A 72 -11.06 11.60 12.16
N ASP A 73 -11.34 11.06 13.34
CA ASP A 73 -10.33 10.30 14.07
C ASP A 73 -9.88 9.07 13.28
N VAL A 74 -10.83 8.36 12.68
CA VAL A 74 -10.50 7.16 11.90
C VAL A 74 -9.68 7.53 10.68
N VAL A 75 -10.08 8.60 9.97
CA VAL A 75 -9.32 9.03 8.80
C VAL A 75 -7.94 9.50 9.19
N ASN A 76 -7.84 10.31 10.24
CA ASN A 76 -6.54 10.82 10.67
C ASN A 76 -5.63 9.70 11.15
N ALA A 77 -6.19 8.70 11.82
CA ALA A 77 -5.36 7.60 12.32
C ALA A 77 -4.81 6.76 11.17
N LEU A 78 -5.65 6.43 10.19
CA LEU A 78 -5.19 5.58 9.09
C LEU A 78 -4.32 6.36 8.11
N ASN A 79 -4.60 7.65 7.91
CA ASN A 79 -3.71 8.49 7.10
C ASN A 79 -2.31 8.52 7.69
N ASN A 80 -2.21 8.80 8.99
CA ASN A 80 -0.92 8.80 9.66
C ASN A 80 -0.27 7.42 9.58
N LYS A 81 -1.06 6.37 9.77
CA LYS A 81 -0.54 5.01 9.70
C LYS A 81 0.00 4.72 8.31
N ASN A 82 -0.78 5.03 7.28
CA ASN A 82 -0.36 4.75 5.90
C ASN A 82 0.91 5.52 5.55
N TYR A 83 0.99 6.79 5.98
CA TYR A 83 2.17 7.59 5.65
C TYR A 83 3.43 6.97 6.23
N HIS A 84 3.41 6.63 7.51
CA HIS A 84 4.61 6.13 8.16
C HIS A 84 4.93 4.71 7.72
N LEU A 85 3.92 3.92 7.33
CA LEU A 85 4.20 2.59 6.80
C LEU A 85 5.10 2.66 5.58
N LEU A 86 5.03 3.76 4.83
CA LEU A 86 5.87 3.97 3.65
C LEU A 86 7.09 4.82 3.95
N ALA A 87 6.88 6.01 4.55
CA ALA A 87 7.98 6.96 4.73
C ALA A 87 9.05 6.41 5.66
N ASP A 88 8.66 5.68 6.71
CA ASP A 88 9.62 5.15 7.67
C ASP A 88 10.46 4.01 7.09
N ASP A 89 10.05 3.43 5.97
CA ASP A 89 10.88 2.45 5.28
C ASP A 89 12.15 3.12 4.77
N ASN A 90 13.29 2.49 5.01
CA ASN A 90 14.57 3.05 4.57
C ASN A 90 14.73 3.01 3.06
N ASN A 91 13.91 2.25 2.35
CA ASN A 91 14.01 2.11 0.91
C ASN A 91 12.90 2.84 0.16
N ILE A 92 12.05 3.58 0.87
CA ILE A 92 10.97 4.34 0.27
C ILE A 92 11.10 5.80 0.69
N ASP A 93 11.09 6.68 -0.30
CA ASP A 93 10.98 8.12 -0.08
C ASP A 93 9.62 8.57 -0.56
N VAL A 94 8.83 9.14 0.34
CA VAL A 94 7.54 9.72 0.00
C VAL A 94 7.78 11.19 -0.31
N LEU A 95 7.68 11.56 -1.57
CA LEU A 95 7.96 12.91 -2.02
C LEU A 95 6.65 13.68 -2.14
N ASP A 96 6.55 14.81 -1.43
CA ASP A 96 5.34 15.63 -1.41
C ASP A 96 5.41 16.64 -2.55
N PHE A 97 5.01 16.19 -3.74
CA PHE A 97 5.02 17.03 -4.93
C PHE A 97 3.93 16.56 -5.87
N LYS A 98 3.63 17.40 -6.86
CA LYS A 98 2.80 16.99 -7.99
C LYS A 98 3.72 16.50 -9.10
N ALA A 99 3.49 15.28 -9.56
CA ALA A 99 4.33 14.67 -10.59
C ALA A 99 3.83 15.04 -11.98
N GLN A 100 4.77 15.39 -12.85
CA GLN A 100 4.47 15.64 -14.26
C GLN A 100 5.62 15.10 -15.09
N PHE A 101 5.28 14.36 -16.14
CA PHE A 101 6.30 13.73 -16.97
C PHE A 101 7.10 14.79 -17.73
N LYS A 102 8.42 14.75 -17.58
CA LYS A 102 9.29 15.53 -18.45
C LYS A 102 9.55 14.79 -19.75
N SER A 103 9.66 13.47 -19.70
CA SER A 103 9.90 12.63 -20.86
C SER A 103 9.41 11.22 -20.51
N ASN A 104 9.70 10.27 -21.39
CA ASN A 104 9.36 8.88 -21.12
C ASN A 104 10.12 8.31 -19.93
N THR A 105 11.20 8.95 -19.49
CA THR A 105 12.11 8.34 -18.53
C THR A 105 12.35 9.15 -17.27
N GLU A 106 11.88 10.39 -17.18
CA GLU A 106 12.10 11.17 -15.97
C GLU A 106 10.89 12.03 -15.66
N VAL A 107 10.68 12.29 -14.37
CA VAL A 107 9.46 12.86 -13.83
C VAL A 107 9.81 14.15 -13.10
N ASN A 108 9.13 15.24 -13.45
CA ASN A 108 9.29 16.49 -12.73
C ASN A 108 8.48 16.47 -11.45
N LEU A 109 9.00 17.15 -10.42
CA LEU A 109 8.34 17.30 -9.14
C LEU A 109 7.92 18.76 -8.99
N LEU A 110 6.61 19.01 -9.00
CA LEU A 110 6.06 20.35 -9.02
C LEU A 110 5.51 20.70 -7.64
N ASP A 111 5.80 21.91 -7.18
CA ASP A 111 5.15 22.40 -5.97
C ASP A 111 3.76 22.95 -6.32
N GLN A 112 3.03 23.42 -5.31
CA GLN A 112 1.67 23.84 -5.54
C GLN A 112 1.55 25.11 -6.38
N HIS A 113 2.65 25.79 -6.66
CA HIS A 113 2.67 26.86 -7.64
C HIS A 113 3.05 26.38 -9.03
N ASP A 114 3.01 25.07 -9.27
CA ASP A 114 3.34 24.45 -10.55
C ASP A 114 4.76 24.72 -11.00
N ASP A 115 5.67 25.00 -10.07
CA ASP A 115 7.08 25.19 -10.37
C ASP A 115 7.83 23.89 -10.18
N ILE A 116 8.82 23.66 -11.04
CA ILE A 116 9.62 22.44 -10.97
C ILE A 116 10.67 22.61 -9.88
N VAL A 117 10.62 21.74 -8.87
CA VAL A 117 11.60 21.75 -7.78
C VAL A 117 12.79 20.88 -8.11
N ASP A 118 12.56 19.76 -8.76
CA ASP A 118 13.60 18.79 -9.10
C ASP A 118 12.98 17.77 -10.04
N SER A 119 13.80 16.78 -10.44
CA SER A 119 13.32 15.72 -11.30
C SER A 119 14.02 14.42 -10.91
N ILE A 120 13.30 13.30 -11.08
CA ILE A 120 13.81 11.98 -10.73
C ILE A 120 13.59 11.04 -11.91
N THR A 121 14.30 9.91 -11.88
CA THR A 121 14.20 8.91 -12.94
C THR A 121 14.30 7.52 -12.33
N ALA A 122 13.83 6.53 -13.10
CA ALA A 122 13.86 5.12 -12.71
C ALA A 122 13.52 4.26 -13.92
N PRO A 123 14.04 3.02 -13.98
CA PRO A 123 13.75 2.17 -15.15
C PRO A 123 12.30 1.70 -15.23
N HIS A 124 11.52 1.85 -14.17
CA HIS A 124 10.11 1.47 -14.18
C HIS A 124 9.31 2.51 -13.42
N ILE A 125 8.19 2.92 -14.00
CA ILE A 125 7.33 3.96 -13.43
C ILE A 125 5.90 3.41 -13.38
N ILE A 126 5.22 3.63 -12.26
CA ILE A 126 3.86 3.17 -12.05
C ILE A 126 2.96 4.39 -11.93
N ILE A 127 1.98 4.50 -12.81
CA ILE A 127 0.98 5.56 -12.74
C ILE A 127 -0.21 5.03 -11.94
N ASN A 128 -0.47 5.65 -10.79
CA ASN A 128 -1.50 5.20 -9.86
C ASN A 128 -2.24 6.40 -9.29
N THR A 129 -2.73 7.27 -10.17
CA THR A 129 -3.21 8.59 -9.81
C THR A 129 -4.71 8.66 -9.56
N GLY A 130 -5.44 7.56 -9.71
CA GLY A 130 -6.85 7.54 -9.34
C GLY A 130 -7.74 8.31 -10.29
N ALA A 131 -8.86 8.80 -9.75
CA ALA A 131 -9.90 9.48 -10.52
C ALA A 131 -10.32 10.76 -9.81
N THR A 132 -11.09 11.58 -10.52
CA THR A 132 -11.68 12.81 -9.96
C THR A 132 -13.17 12.83 -10.28
N SER A 133 -13.91 13.55 -9.47
CA SER A 133 -15.35 13.67 -9.66
C SER A 133 -15.66 14.38 -10.97
N VAL A 134 -16.67 13.85 -11.68
CA VAL A 134 -17.11 14.45 -12.93
C VAL A 134 -18.01 15.64 -12.59
N ILE A 135 -17.56 16.84 -12.95
CA ILE A 135 -18.35 18.05 -12.76
C ILE A 135 -19.26 18.21 -13.99
N PRO A 136 -20.58 18.23 -13.82
CA PRO A 136 -21.47 18.36 -14.97
C PRO A 136 -21.60 19.80 -15.43
N ASN A 137 -21.93 19.95 -16.71
CA ASN A 137 -22.15 21.28 -17.30
C ASN A 137 -23.59 21.68 -17.02
N ILE A 138 -23.78 22.50 -15.99
CA ILE A 138 -25.12 22.87 -15.53
C ILE A 138 -25.13 24.37 -15.27
N LYS A 139 -26.16 25.05 -15.76
CA LYS A 139 -26.24 26.51 -15.63
C LYS A 139 -26.25 26.91 -14.16
N GLY A 140 -25.31 27.78 -13.79
CA GLY A 140 -25.26 28.31 -12.45
C GLY A 140 -24.43 27.52 -11.46
N LEU A 141 -23.79 26.44 -11.89
CA LEU A 141 -22.99 25.64 -10.97
C LEU A 141 -21.85 26.47 -10.38
N ASP A 142 -21.07 27.12 -11.24
CA ASP A 142 -19.92 27.89 -10.80
C ASP A 142 -20.30 29.12 -10.00
N GLN A 143 -21.60 29.34 -9.77
CA GLN A 143 -22.07 30.42 -8.91
C GLN A 143 -22.98 29.94 -7.79
N ALA A 144 -23.48 28.70 -7.84
CA ALA A 144 -24.37 28.22 -6.80
C ALA A 144 -23.59 27.84 -5.56
N LYS A 145 -24.25 27.93 -4.41
CA LYS A 145 -23.64 27.64 -3.13
C LYS A 145 -24.19 26.33 -2.58
N HIS A 146 -23.49 25.79 -1.58
CA HIS A 146 -23.88 24.56 -0.89
C HIS A 146 -23.97 23.38 -1.85
N VAL A 147 -23.11 23.34 -2.86
CA VAL A 147 -23.00 22.24 -3.80
C VAL A 147 -21.72 21.48 -3.49
N PHE A 148 -21.82 20.15 -3.39
CA PHE A 148 -20.76 19.37 -2.81
C PHE A 148 -20.33 18.21 -3.70
N ASP A 149 -19.04 17.90 -3.62
CA ASP A 149 -18.47 16.65 -4.09
C ASP A 149 -18.97 15.49 -3.25
N SER A 150 -18.64 14.27 -3.69
CA SER A 150 -18.65 13.17 -2.74
C SER A 150 -17.71 13.46 -1.58
N THR A 151 -16.53 14.01 -1.90
CA THR A 151 -15.55 14.33 -0.86
C THR A 151 -15.93 15.59 -0.09
N GLY A 152 -16.54 16.57 -0.77
CA GLY A 152 -17.02 17.73 -0.05
C GLY A 152 -18.12 17.39 0.94
N LEU A 153 -18.99 16.44 0.57
CA LEU A 153 -20.07 16.05 1.46
C LEU A 153 -19.53 15.31 2.69
N LEU A 154 -18.48 14.51 2.50
CA LEU A 154 -17.89 13.79 3.63
C LEU A 154 -17.21 14.74 4.63
N ASN A 155 -16.96 15.99 4.23
CA ASN A 155 -16.37 16.98 5.13
C ASN A 155 -17.35 18.11 5.44
N ILE A 156 -18.66 17.87 5.33
CA ILE A 156 -19.63 18.93 5.49
C ILE A 156 -19.74 19.32 6.97
N SER A 157 -19.82 20.63 7.22
CA SER A 157 -19.81 21.17 8.58
C SER A 157 -21.19 21.30 9.18
N TYR A 158 -22.22 20.75 8.53
CA TYR A 158 -23.57 20.83 9.05
C TYR A 158 -24.36 19.67 8.48
N GLN A 159 -25.40 19.28 9.20
CA GLN A 159 -26.32 18.27 8.70
C GLN A 159 -27.42 18.95 7.89
N PRO A 160 -27.58 18.60 6.61
CA PRO A 160 -28.57 19.30 5.79
C PRO A 160 -29.98 18.90 6.16
N LYS A 161 -30.88 19.90 6.17
CA LYS A 161 -32.29 19.60 6.34
C LYS A 161 -32.83 18.85 5.11
N HIS A 162 -32.42 19.28 3.92
CA HIS A 162 -32.82 18.61 2.68
C HIS A 162 -31.59 18.48 1.80
N LEU A 163 -31.12 17.25 1.61
CA LEU A 163 -30.05 16.94 0.68
C LEU A 163 -30.67 16.51 -0.64
N VAL A 164 -30.34 17.21 -1.72
CA VAL A 164 -30.74 16.83 -3.07
C VAL A 164 -29.53 16.26 -3.77
N ILE A 165 -29.68 15.07 -4.35
CA ILE A 165 -28.59 14.35 -5.00
C ILE A 165 -28.84 14.34 -6.49
N VAL A 166 -27.91 14.91 -7.26
CA VAL A 166 -27.93 14.84 -8.71
C VAL A 166 -27.13 13.60 -9.10
N GLY A 167 -27.82 12.57 -9.54
CA GLY A 167 -27.19 11.29 -9.85
C GLY A 167 -27.81 10.17 -9.05
N GLY A 168 -27.80 8.97 -9.59
CA GLY A 168 -28.43 7.84 -8.92
C GLY A 168 -27.61 6.57 -8.97
N GLY A 169 -26.29 6.72 -9.08
CA GLY A 169 -25.40 5.57 -9.06
C GLY A 169 -25.26 4.99 -7.67
N TYR A 170 -24.33 4.03 -7.57
CA TYR A 170 -24.09 3.34 -6.30
C TYR A 170 -23.68 4.32 -5.20
N ILE A 171 -22.73 5.21 -5.52
CA ILE A 171 -22.27 6.18 -4.53
C ILE A 171 -23.41 7.10 -4.10
N ALA A 172 -24.23 7.52 -5.06
CA ALA A 172 -25.36 8.40 -4.74
C ALA A 172 -26.33 7.72 -3.78
N LEU A 173 -26.65 6.45 -4.03
CA LEU A 173 -27.60 5.76 -3.17
C LEU A 173 -27.00 5.49 -1.80
N GLU A 174 -25.68 5.35 -1.70
CA GLU A 174 -25.06 5.16 -0.40
C GLU A 174 -25.15 6.41 0.46
N PHE A 175 -24.94 7.59 -0.14
CA PHE A 175 -25.09 8.84 0.60
C PHE A 175 -26.54 9.07 0.98
N ALA A 176 -27.47 8.70 0.09
CA ALA A 176 -28.89 8.87 0.39
C ALA A 176 -29.30 8.05 1.59
N SER A 177 -28.90 6.77 1.63
CA SER A 177 -29.20 5.94 2.78
C SER A 177 -28.49 6.44 4.03
N MET A 178 -27.22 6.84 3.88
CA MET A 178 -26.45 7.30 5.03
C MET A 178 -27.07 8.53 5.67
N PHE A 179 -27.46 9.51 4.85
CA PHE A 179 -27.99 10.75 5.38
C PHE A 179 -29.44 10.61 5.82
N ALA A 180 -30.20 9.71 5.19
CA ALA A 180 -31.55 9.43 5.68
C ALA A 180 -31.51 8.85 7.08
N ASN A 181 -30.57 7.94 7.34
CA ASN A 181 -30.45 7.35 8.66
C ASN A 181 -30.02 8.37 9.71
N LEU A 182 -29.35 9.45 9.29
CA LEU A 182 -28.98 10.54 10.19
C LEU A 182 -30.08 11.58 10.36
N GLY A 183 -31.26 11.35 9.76
CA GLY A 183 -32.40 12.22 9.94
C GLY A 183 -32.66 13.21 8.82
N SER A 184 -31.73 13.36 7.88
CA SER A 184 -31.91 14.31 6.79
C SER A 184 -32.97 13.82 5.81
N LYS A 185 -33.76 14.76 5.29
CA LYS A 185 -34.63 14.48 4.15
C LYS A 185 -33.77 14.44 2.89
N VAL A 186 -33.96 13.42 2.06
CA VAL A 186 -33.11 13.20 0.89
C VAL A 186 -33.99 13.03 -0.33
N THR A 187 -33.70 13.80 -1.38
CA THR A 187 -34.23 13.56 -2.72
C THR A 187 -33.05 13.21 -3.62
N VAL A 188 -33.20 12.15 -4.42
CA VAL A 188 -32.17 11.76 -5.38
C VAL A 188 -32.79 11.74 -6.77
N LEU A 189 -32.06 12.28 -7.74
CA LEU A 189 -32.56 12.48 -9.10
C LEU A 189 -31.67 11.72 -10.07
N GLU A 190 -32.27 10.84 -10.85
CA GLU A 190 -31.56 10.03 -11.83
C GLU A 190 -31.99 10.46 -13.23
N ARG A 191 -31.00 10.67 -14.09
CA ARG A 191 -31.29 11.07 -15.48
C ARG A 191 -31.84 9.90 -16.28
N GLY A 192 -31.37 8.68 -16.00
CA GLY A 192 -31.76 7.52 -16.76
C GLY A 192 -33.16 7.04 -16.44
N GLU A 193 -33.56 5.99 -17.15
CA GLU A 193 -34.90 5.44 -17.00
C GLU A 193 -35.09 4.70 -15.69
N SER A 194 -34.01 4.18 -15.10
CA SER A 194 -34.16 3.34 -13.92
C SER A 194 -32.91 3.42 -13.06
N PHE A 195 -33.11 3.11 -11.78
CA PHE A 195 -32.00 3.04 -10.84
C PHE A 195 -31.27 1.72 -10.97
N MET A 196 -29.97 1.77 -10.72
CA MET A 196 -29.07 0.62 -10.72
C MET A 196 -29.40 -0.39 -11.84
N PRO A 197 -29.37 0.04 -13.11
CA PRO A 197 -29.38 -0.95 -14.19
C PRO A 197 -28.10 -1.74 -14.12
N ARG A 198 -28.09 -2.87 -14.83
CA ARG A 198 -27.06 -3.90 -14.73
C ARG A 198 -27.19 -4.70 -13.43
N GLU A 199 -28.11 -4.34 -12.55
CA GLU A 199 -28.41 -5.13 -11.36
C GLU A 199 -29.75 -5.83 -11.55
N ASP A 200 -29.90 -6.97 -10.87
CA ASP A 200 -31.15 -7.71 -10.89
C ASP A 200 -32.29 -6.79 -10.48
N GLN A 201 -33.09 -6.36 -11.46
CA GLN A 201 -34.12 -5.36 -11.20
C GLN A 201 -35.22 -5.87 -10.28
N ASP A 202 -35.29 -7.18 -10.01
CA ASP A 202 -36.17 -7.64 -8.94
C ASP A 202 -35.61 -7.25 -7.58
N VAL A 203 -34.30 -7.39 -7.40
CA VAL A 203 -33.69 -6.98 -6.14
C VAL A 203 -33.67 -5.46 -6.03
N VAL A 204 -33.51 -4.76 -7.16
CA VAL A 204 -33.44 -3.31 -7.13
C VAL A 204 -34.75 -2.72 -6.60
N ALA A 205 -35.89 -3.30 -7.00
CA ALA A 205 -37.17 -2.80 -6.51
C ALA A 205 -37.28 -2.88 -5.00
N TYR A 206 -36.49 -3.75 -4.37
CA TYR A 206 -36.45 -3.83 -2.91
C TYR A 206 -35.67 -2.68 -2.32
N GLY A 207 -34.44 -2.46 -2.80
CA GLY A 207 -33.69 -1.31 -2.36
C GLY A 207 -34.51 -0.04 -2.50
N ILE A 208 -35.20 0.11 -3.63
CA ILE A 208 -35.99 1.31 -3.87
C ILE A 208 -37.07 1.48 -2.80
N THR A 209 -37.85 0.42 -2.56
CA THR A 209 -38.93 0.54 -1.59
C THR A 209 -38.38 0.75 -0.18
N ASP A 210 -37.32 0.03 0.17
CA ASP A 210 -36.70 0.21 1.47
C ASP A 210 -36.16 1.63 1.63
N LEU A 211 -35.60 2.19 0.57
CA LEU A 211 -35.19 3.60 0.63
C LEU A 211 -36.40 4.52 0.76
N GLU A 212 -37.47 4.26 0.01
CA GLU A 212 -38.63 5.13 0.09
C GLU A 212 -39.32 5.03 1.45
N ASN A 213 -39.33 3.84 2.05
CA ASN A 213 -39.94 3.69 3.37
C ASN A 213 -39.20 4.45 4.46
N LYS A 214 -37.94 4.81 4.21
CA LYS A 214 -37.18 5.70 5.08
C LYS A 214 -37.46 7.18 4.79
N GLY A 215 -38.33 7.48 3.83
CA GLY A 215 -38.61 8.84 3.48
C GLY A 215 -37.76 9.42 2.38
N ILE A 216 -37.01 8.59 1.66
CA ILE A 216 -36.20 9.07 0.56
C ILE A 216 -37.09 9.23 -0.67
N ALA A 217 -37.01 10.40 -1.30
CA ALA A 217 -37.73 10.67 -2.55
C ALA A 217 -36.82 10.35 -3.73
N LEU A 218 -37.27 9.46 -4.60
CA LEU A 218 -36.51 9.04 -5.77
C LEU A 218 -37.24 9.45 -7.03
N HIS A 219 -36.45 9.80 -8.05
CA HIS A 219 -37.00 10.27 -9.33
C HIS A 219 -36.11 9.77 -10.45
N THR A 220 -36.74 9.32 -11.53
CA THR A 220 -36.04 8.95 -12.75
C THR A 220 -36.47 9.86 -13.88
N ASN A 221 -35.75 9.76 -15.01
CA ASN A 221 -36.02 10.59 -16.19
C ASN A 221 -36.00 12.07 -15.82
N VAL A 222 -35.03 12.47 -15.00
CA VAL A 222 -34.94 13.83 -14.50
C VAL A 222 -33.73 14.50 -15.13
N GLU A 223 -33.97 15.58 -15.86
CA GLU A 223 -32.93 16.37 -16.50
C GLU A 223 -32.72 17.63 -15.66
N THR A 224 -31.58 17.73 -14.99
CA THR A 224 -31.25 18.91 -14.19
C THR A 224 -30.68 19.98 -15.13
N THR A 225 -31.35 21.14 -15.17
CA THR A 225 -31.02 22.18 -16.12
C THR A 225 -30.32 23.40 -15.51
N GLU A 226 -30.54 23.68 -14.22
CA GLU A 226 -30.02 24.90 -13.64
C GLU A 226 -29.89 24.75 -12.14
N LEU A 227 -28.88 25.42 -11.59
CA LEU A 227 -28.71 25.58 -10.15
C LEU A 227 -28.77 27.07 -9.81
N SER A 228 -29.53 27.41 -8.76
CA SER A 228 -29.59 28.77 -8.27
C SER A 228 -29.62 28.73 -6.75
N SER A 229 -29.10 29.78 -6.13
CA SER A 229 -29.01 29.84 -4.68
C SER A 229 -29.32 31.25 -4.19
N ASP A 230 -30.02 31.34 -3.05
CA ASP A 230 -30.02 32.59 -2.29
C ASP A 230 -28.76 32.62 -1.44
N ASN A 231 -28.88 32.72 -0.11
CA ASN A 231 -27.72 32.65 0.75
C ASN A 231 -27.65 31.38 1.59
N HIS A 232 -28.81 30.80 1.95
CA HIS A 232 -28.85 29.62 2.81
C HIS A 232 -29.64 28.48 2.18
N HIS A 233 -30.05 28.61 0.91
CA HIS A 233 -30.79 27.57 0.22
C HIS A 233 -30.36 27.56 -1.25
N THR A 234 -30.40 26.37 -1.85
CA THR A 234 -30.07 26.19 -3.26
C THR A 234 -31.18 25.42 -3.93
N THR A 235 -31.62 25.90 -5.09
CA THR A 235 -32.70 25.28 -5.85
C THR A 235 -32.13 24.51 -7.03
N VAL A 236 -32.57 23.26 -7.19
CA VAL A 236 -32.17 22.41 -8.30
C VAL A 236 -33.31 22.43 -9.32
N HIS A 237 -33.08 23.10 -10.45
CA HIS A 237 -34.10 23.23 -11.48
C HIS A 237 -34.06 22.03 -12.41
N THR A 238 -35.17 21.29 -12.46
CA THR A 238 -35.27 20.09 -13.29
C THR A 238 -36.52 20.17 -14.17
N ASN A 239 -36.66 19.16 -15.03
CA ASN A 239 -37.80 19.11 -15.94
C ASN A 239 -39.10 18.75 -15.25
N VAL A 240 -39.04 18.16 -14.05
CA VAL A 240 -40.25 17.71 -13.37
C VAL A 240 -40.63 18.69 -12.27
N ASP A 241 -39.64 19.36 -11.68
CA ASP A 241 -39.87 20.12 -10.47
C ASP A 241 -38.62 20.93 -10.14
N ASN A 242 -38.80 21.90 -9.25
CA ASN A 242 -37.70 22.62 -8.63
C ASN A 242 -37.58 22.14 -7.19
N PHE A 243 -36.38 21.73 -6.79
CA PHE A 243 -36.13 21.18 -5.47
C PHE A 243 -35.26 22.15 -4.68
N GLU A 244 -35.75 22.59 -3.53
CA GLU A 244 -35.01 23.50 -2.66
C GLU A 244 -34.27 22.68 -1.62
N ALA A 245 -32.98 22.96 -1.45
CA ALA A 245 -32.11 22.08 -0.67
C ALA A 245 -31.22 22.87 0.28
N ASP A 246 -30.85 22.21 1.38
CA ASP A 246 -29.77 22.68 2.23
C ASP A 246 -28.41 22.43 1.60
N ALA A 247 -28.28 21.31 0.89
CA ALA A 247 -27.02 20.90 0.29
C ALA A 247 -27.33 20.07 -0.94
N VAL A 248 -26.52 20.24 -1.98
CA VAL A 248 -26.65 19.48 -3.22
C VAL A 248 -25.40 18.64 -3.40
N LEU A 249 -25.59 17.36 -3.71
CA LEU A 249 -24.49 16.45 -4.01
C LEU A 249 -24.47 16.17 -5.51
N LEU A 250 -23.32 16.39 -6.13
CA LEU A 250 -23.09 16.00 -7.52
C LEU A 250 -22.37 14.66 -7.52
N ALA A 251 -23.09 13.60 -7.89
CA ALA A 251 -22.54 12.24 -7.89
C ALA A 251 -22.97 11.58 -9.20
N ILE A 252 -22.25 11.90 -10.28
CA ILE A 252 -22.59 11.38 -11.59
C ILE A 252 -21.37 10.71 -12.22
N GLY A 253 -20.50 10.17 -11.39
CA GLY A 253 -19.38 9.38 -11.86
C GLY A 253 -18.05 10.07 -11.60
N ARG A 254 -16.98 9.29 -11.82
CA ARG A 254 -15.61 9.74 -11.59
C ARG A 254 -14.75 9.40 -12.79
N LYS A 255 -13.96 10.37 -13.27
CA LYS A 255 -13.17 10.22 -14.49
C LYS A 255 -11.68 10.08 -14.17
N PRO A 256 -10.91 9.44 -15.05
CA PRO A 256 -9.48 9.22 -14.76
C PRO A 256 -8.73 10.53 -14.61
N ASN A 257 -7.83 10.56 -13.62
CA ASN A 257 -6.95 11.70 -13.37
C ASN A 257 -5.65 11.49 -14.12
N THR A 258 -5.53 12.11 -15.30
CA THR A 258 -4.36 11.95 -16.15
C THR A 258 -3.60 13.26 -16.33
N ASP A 259 -3.68 14.16 -15.34
CA ASP A 259 -3.03 15.45 -15.43
C ASP A 259 -1.54 15.29 -15.12
N LEU A 260 -0.84 14.66 -16.07
CA LEU A 260 0.56 14.27 -15.87
C LEU A 260 1.47 14.80 -16.98
N ALA A 261 1.00 15.74 -17.80
CA ALA A 261 1.74 16.24 -18.95
C ALA A 261 2.12 15.09 -19.88
N LEU A 262 1.13 14.27 -20.20
CA LEU A 262 1.36 13.08 -21.04
C LEU A 262 1.79 13.44 -22.46
N GLU A 263 1.67 14.70 -22.87
CA GLU A 263 2.15 15.11 -24.19
C GLU A 263 3.68 15.04 -24.28
N ASN A 264 4.38 15.02 -23.15
CA ASN A 264 5.81 14.82 -23.13
C ASN A 264 6.20 13.35 -23.18
N THR A 265 5.24 12.46 -23.40
CA THR A 265 5.47 11.02 -23.41
C THR A 265 4.78 10.42 -24.62
N ASP A 266 4.92 9.10 -24.76
CA ASP A 266 4.19 8.31 -25.74
C ASP A 266 3.07 7.50 -25.09
N ILE A 267 2.67 7.88 -23.88
CA ILE A 267 1.57 7.21 -23.19
C ILE A 267 0.25 7.63 -23.84
N GLU A 268 -0.52 6.67 -24.32
CA GLU A 268 -1.75 6.94 -25.04
C GLU A 268 -2.96 6.87 -24.10
N LEU A 269 -4.03 7.53 -24.54
CA LEU A 269 -5.30 7.55 -23.82
C LEU A 269 -6.39 6.94 -24.68
N GLY A 270 -7.36 6.28 -24.03
CA GLY A 270 -8.46 5.65 -24.72
C GLY A 270 -9.66 6.58 -24.90
N ASP A 271 -10.74 5.98 -25.45
CA ASP A 271 -11.94 6.75 -25.77
C ASP A 271 -12.51 7.49 -24.56
N ARG A 272 -12.34 6.94 -23.36
CA ARG A 272 -12.98 7.49 -22.17
C ARG A 272 -11.97 8.16 -21.25
N GLY A 273 -10.89 8.70 -21.82
CA GLY A 273 -9.88 9.43 -21.08
C GLY A 273 -8.99 8.58 -20.19
N GLU A 274 -9.12 7.25 -20.25
CA GLU A 274 -8.30 6.38 -19.45
C GLU A 274 -6.94 6.18 -20.11
N ILE A 275 -5.96 5.80 -19.29
CA ILE A 275 -4.64 5.43 -19.81
C ILE A 275 -4.75 4.03 -20.41
N LYS A 276 -4.38 3.90 -21.68
CA LYS A 276 -4.47 2.61 -22.35
C LYS A 276 -3.47 1.63 -21.77
N VAL A 277 -3.92 0.42 -21.47
CA VAL A 277 -3.06 -0.62 -20.91
C VAL A 277 -3.38 -1.95 -21.58
N ASN A 278 -2.39 -2.85 -21.57
CA ASN A 278 -2.59 -4.20 -22.07
C ASN A 278 -2.98 -5.10 -20.90
N ALA A 279 -2.98 -6.42 -21.13
CA ALA A 279 -3.42 -7.36 -20.10
C ALA A 279 -2.47 -7.40 -18.91
N HIS A 280 -1.23 -6.97 -19.08
CA HIS A 280 -0.28 -6.88 -17.97
C HIS A 280 -0.21 -5.49 -17.39
N LEU A 281 -1.16 -4.62 -17.73
CA LEU A 281 -1.25 -3.24 -17.27
C LEU A 281 -0.08 -2.38 -17.73
N GLN A 282 0.59 -2.77 -18.80
CA GLN A 282 1.59 -1.93 -19.44
C GLN A 282 0.90 -0.83 -20.23
N THR A 283 1.42 0.40 -20.13
CA THR A 283 0.99 1.46 -21.03
C THR A 283 1.63 1.27 -22.39
N THR A 284 1.36 2.20 -23.32
CA THR A 284 2.01 2.16 -24.62
C THR A 284 3.50 2.48 -24.54
N VAL A 285 3.99 2.90 -23.38
CA VAL A 285 5.42 2.94 -23.09
C VAL A 285 5.73 1.71 -22.24
N PRO A 286 6.60 0.80 -22.71
CA PRO A 286 6.65 -0.55 -22.10
C PRO A 286 7.12 -0.56 -20.66
N HIS A 287 8.00 0.34 -20.25
CA HIS A 287 8.49 0.34 -18.88
C HIS A 287 7.60 1.13 -17.94
N ILE A 288 6.45 1.61 -18.40
CA ILE A 288 5.52 2.38 -17.58
C ILE A 288 4.22 1.60 -17.47
N TYR A 289 3.76 1.38 -16.25
CA TYR A 289 2.53 0.67 -15.96
C TYR A 289 1.51 1.63 -15.35
N ALA A 290 0.24 1.26 -15.46
CA ALA A 290 -0.85 2.06 -14.90
C ALA A 290 -1.76 1.15 -14.11
N ALA A 291 -2.15 1.59 -12.92
CA ALA A 291 -2.92 0.75 -12.00
C ALA A 291 -4.06 1.56 -11.39
N GLY A 292 -5.14 0.85 -11.08
CA GLY A 292 -6.25 1.49 -10.39
C GLY A 292 -7.23 2.17 -11.34
N ASP A 293 -7.90 3.21 -10.82
CA ASP A 293 -8.96 3.87 -11.57
C ASP A 293 -8.46 4.51 -12.86
N VAL A 294 -7.20 4.98 -12.88
CA VAL A 294 -6.75 5.83 -13.97
C VAL A 294 -6.71 5.07 -15.29
N LYS A 295 -6.59 3.74 -15.26
CA LYS A 295 -6.58 2.95 -16.48
C LYS A 295 -7.97 2.48 -16.89
N GLY A 296 -9.02 3.07 -16.33
CA GLY A 296 -10.37 2.75 -16.74
C GLY A 296 -10.89 1.47 -16.12
N GLY A 297 -12.14 1.16 -16.45
CA GLY A 297 -12.78 -0.03 -15.93
C GLY A 297 -13.31 0.16 -14.52
N LEU A 298 -13.43 -0.97 -13.83
CA LEU A 298 -14.01 -0.98 -12.49
C LEU A 298 -13.18 -0.13 -11.53
N GLN A 299 -13.85 0.72 -10.76
CA GLN A 299 -13.21 1.60 -9.79
C GLN A 299 -13.50 1.04 -8.40
N PHE A 300 -12.65 0.13 -7.95
CA PHE A 300 -12.73 -0.42 -6.61
C PHE A 300 -11.34 -0.51 -6.02
N THR A 301 -11.27 -0.44 -4.70
CA THR A 301 -9.99 -0.57 -4.02
C THR A 301 -9.40 -1.97 -4.19
N TYR A 302 -10.25 -2.99 -4.25
CA TYR A 302 -9.74 -4.36 -4.41
C TYR A 302 -9.32 -4.63 -5.84
N ILE A 303 -9.93 -3.96 -6.83
CA ILE A 303 -9.39 -4.05 -8.18
C ILE A 303 -7.99 -3.43 -8.21
N SER A 304 -7.83 -2.28 -7.54
CA SER A 304 -6.50 -1.67 -7.46
C SER A 304 -5.51 -2.59 -6.76
N LEU A 305 -5.95 -3.28 -5.71
CA LEU A 305 -5.06 -4.23 -5.03
C LEU A 305 -4.70 -5.38 -5.96
N ASP A 306 -5.66 -5.83 -6.77
CA ASP A 306 -5.37 -6.88 -7.73
C ASP A 306 -4.44 -6.38 -8.84
N ASP A 307 -4.54 -5.10 -9.19
CA ASP A 307 -3.60 -4.52 -10.15
C ASP A 307 -2.17 -4.63 -9.66
N TYR A 308 -1.96 -4.50 -8.34
CA TYR A 308 -0.64 -4.73 -7.78
C TYR A 308 -0.19 -6.17 -8.02
N ARG A 309 -1.13 -7.12 -7.97
CA ARG A 309 -0.78 -8.52 -8.21
C ARG A 309 -0.36 -8.74 -9.65
N ILE A 310 -1.03 -8.08 -10.59
CA ILE A 310 -0.67 -8.19 -12.00
C ILE A 310 0.69 -7.54 -12.26
N ILE A 311 0.91 -6.35 -11.70
CA ILE A 311 2.16 -5.64 -11.97
C ILE A 311 3.32 -6.36 -11.29
N LYS A 312 3.12 -6.81 -10.06
CA LYS A 312 4.14 -7.60 -9.38
C LYS A 312 4.44 -8.88 -10.14
N SER A 313 3.41 -9.52 -10.70
CA SER A 313 3.63 -10.71 -11.51
C SER A 313 4.45 -10.39 -12.75
N ALA A 314 4.24 -9.21 -13.33
CA ALA A 314 4.93 -8.84 -14.56
C ALA A 314 6.37 -8.44 -14.31
N LEU A 315 6.63 -7.69 -13.24
CA LEU A 315 7.96 -7.15 -12.98
C LEU A 315 8.81 -8.02 -12.08
N TYR A 316 8.21 -8.88 -11.26
CA TYR A 316 8.96 -9.67 -10.29
C TYR A 316 8.66 -11.15 -10.31
N GLY A 317 7.60 -11.59 -10.99
CA GLY A 317 7.18 -12.99 -10.94
C GLY A 317 7.15 -13.68 -12.29
N ASN A 318 6.21 -14.60 -12.45
CA ASN A 318 6.15 -15.46 -13.63
C ASN A 318 5.22 -14.91 -14.72
N GLN A 319 4.69 -13.70 -14.53
CA GLN A 319 3.91 -12.99 -15.55
C GLN A 319 2.62 -13.70 -15.91
N SER A 320 2.14 -14.62 -15.07
CA SER A 320 0.91 -15.35 -15.38
C SER A 320 -0.35 -14.55 -15.05
N ARG A 321 -0.25 -13.49 -14.25
CA ARG A 321 -1.42 -12.75 -13.82
C ARG A 321 -1.70 -11.60 -14.77
N THR A 322 -2.93 -11.55 -15.28
CA THR A 322 -3.35 -10.52 -16.23
C THR A 322 -4.73 -10.02 -15.83
N THR A 323 -5.21 -8.99 -16.52
CA THR A 323 -6.59 -8.57 -16.35
C THR A 323 -7.59 -9.59 -16.86
N ASP A 324 -7.13 -10.65 -17.54
CA ASP A 324 -8.00 -11.69 -18.07
C ASP A 324 -8.16 -12.88 -17.13
N ASN A 325 -7.46 -12.93 -16.01
CA ASN A 325 -7.65 -14.03 -15.06
C ASN A 325 -7.77 -13.50 -13.64
N ARG A 326 -8.54 -12.43 -13.45
CA ARG A 326 -8.81 -11.93 -12.10
C ARG A 326 -9.75 -12.83 -11.32
N GLY A 327 -10.47 -13.72 -11.99
CA GLY A 327 -11.60 -14.41 -11.39
C GLY A 327 -12.83 -13.51 -11.38
N SER A 328 -13.94 -14.06 -10.92
CA SER A 328 -15.16 -13.27 -10.85
C SER A 328 -15.02 -12.19 -9.78
N VAL A 329 -15.51 -11.00 -10.11
CA VAL A 329 -15.28 -9.80 -9.31
C VAL A 329 -16.56 -9.49 -8.54
N PRO A 330 -16.57 -9.63 -7.23
CA PRO A 330 -17.76 -9.25 -6.46
C PRO A 330 -17.78 -7.75 -6.18
N TYR A 331 -18.95 -7.26 -5.80
CA TYR A 331 -19.05 -5.88 -5.36
C TYR A 331 -20.26 -5.73 -4.44
N THR A 332 -20.23 -4.64 -3.68
CA THR A 332 -21.28 -4.36 -2.70
C THR A 332 -21.70 -2.90 -2.83
N VAL A 333 -23.00 -2.67 -2.91
CA VAL A 333 -23.56 -1.33 -2.77
C VAL A 333 -24.01 -1.20 -1.32
N PHE A 334 -23.37 -0.31 -0.57
CA PHE A 334 -23.57 -0.23 0.88
C PHE A 334 -24.78 0.65 1.23
N ILE A 335 -25.94 0.28 0.68
CA ILE A 335 -27.19 0.79 1.19
C ILE A 335 -27.53 -0.02 2.44
N ASP A 336 -28.73 0.16 2.99
CA ASP A 336 -29.11 -0.51 4.23
C ASP A 336 -30.33 -1.39 4.00
N PRO A 337 -30.18 -2.73 3.99
CA PRO A 337 -28.94 -3.53 4.11
C PRO A 337 -28.12 -3.49 2.83
N PRO A 338 -26.88 -3.99 2.84
CA PRO A 338 -26.05 -3.89 1.64
C PRO A 338 -26.52 -4.81 0.53
N LEU A 339 -26.39 -4.33 -0.71
CA LEU A 339 -26.69 -5.12 -1.89
C LEU A 339 -25.37 -5.63 -2.48
N SER A 340 -25.17 -6.94 -2.43
CA SER A 340 -23.93 -7.57 -2.88
C SER A 340 -24.17 -8.43 -4.12
N ARG A 341 -23.14 -8.55 -4.95
CA ARG A 341 -23.30 -9.09 -6.29
C ARG A 341 -22.04 -9.78 -6.75
N VAL A 342 -22.20 -10.89 -7.46
CA VAL A 342 -21.11 -11.55 -8.15
C VAL A 342 -21.68 -12.30 -9.35
N GLY A 343 -20.90 -12.38 -10.43
CA GLY A 343 -21.33 -13.11 -11.60
C GLY A 343 -22.50 -12.44 -12.33
N LEU A 344 -23.19 -13.26 -13.12
CA LEU A 344 -24.26 -12.77 -13.99
C LEU A 344 -25.53 -12.49 -13.21
N THR A 345 -26.27 -11.47 -13.68
CA THR A 345 -27.68 -11.33 -13.35
C THR A 345 -28.50 -12.32 -14.18
N SER A 346 -29.70 -12.63 -13.70
CA SER A 346 -30.56 -13.53 -14.46
C SER A 346 -30.94 -12.91 -15.81
N LYS A 347 -31.04 -11.59 -15.88
CA LYS A 347 -31.27 -10.95 -17.17
C LYS A 347 -30.11 -11.21 -18.12
N GLU A 348 -28.88 -11.14 -17.62
CA GLU A 348 -27.71 -11.43 -18.44
C GLU A 348 -27.70 -12.89 -18.88
N ALA A 349 -27.96 -13.81 -17.94
CA ALA A 349 -27.98 -15.23 -18.29
C ALA A 349 -29.06 -15.51 -19.33
N ALA A 350 -30.19 -14.83 -19.24
CA ALA A 350 -31.25 -15.03 -20.22
C ALA A 350 -30.85 -14.49 -21.59
N ALA A 351 -30.17 -13.34 -21.62
CA ALA A 351 -29.83 -12.73 -22.90
C ALA A 351 -28.77 -13.53 -23.65
N GLN A 352 -27.90 -14.23 -22.94
CA GLN A 352 -26.89 -15.08 -23.55
C GLN A 352 -27.41 -16.48 -23.88
N HIS A 353 -28.67 -16.76 -23.55
CA HIS A 353 -29.36 -17.98 -23.96
C HIS A 353 -28.91 -19.21 -23.18
N TYR A 354 -28.51 -19.02 -21.92
CA TYR A 354 -28.35 -20.14 -21.02
C TYR A 354 -29.69 -20.80 -20.73
N ASP A 355 -29.65 -22.09 -20.46
CA ASP A 355 -30.77 -22.76 -19.80
C ASP A 355 -30.49 -22.62 -18.30
N TYR A 356 -31.06 -21.58 -17.70
CA TYR A 356 -30.72 -21.20 -16.34
C TYR A 356 -31.89 -21.44 -15.39
N THR A 357 -31.55 -21.58 -14.11
CA THR A 357 -32.51 -21.60 -13.01
C THR A 357 -32.19 -20.43 -12.10
N GLU A 358 -33.20 -19.63 -11.78
CA GLU A 358 -33.07 -18.62 -10.73
C GLU A 358 -33.95 -18.99 -9.56
N HIS A 359 -33.43 -18.76 -8.36
CA HIS A 359 -34.14 -19.08 -7.13
C HIS A 359 -33.86 -17.97 -6.13
N GLN A 360 -34.89 -17.50 -5.45
CA GLN A 360 -34.74 -16.45 -4.46
C GLN A 360 -35.16 -16.94 -3.09
N LEU A 361 -34.73 -16.20 -2.07
CA LEU A 361 -35.07 -16.47 -0.68
C LEU A 361 -35.19 -15.14 0.03
N LEU A 362 -36.36 -14.87 0.61
CA LEU A 362 -36.54 -13.63 1.35
C LEU A 362 -35.80 -13.70 2.68
N VAL A 363 -35.20 -12.58 3.07
CA VAL A 363 -34.44 -12.53 4.33
C VAL A 363 -35.35 -12.77 5.51
N SER A 364 -36.62 -12.36 5.42
CA SER A 364 -37.58 -12.67 6.47
C SER A 364 -37.84 -14.16 6.61
N ALA A 365 -37.46 -14.96 5.61
CA ALA A 365 -37.49 -16.41 5.70
C ALA A 365 -36.20 -16.99 6.24
N ILE A 366 -35.23 -16.15 6.59
CA ILE A 366 -34.00 -16.58 7.25
C ILE A 366 -34.16 -16.35 8.74
N PRO A 367 -34.13 -17.39 9.57
CA PRO A 367 -34.37 -17.19 11.02
C PRO A 367 -33.38 -16.26 11.69
N ARG A 368 -32.17 -16.13 11.16
CA ARG A 368 -31.18 -15.23 11.73
C ARG A 368 -31.62 -13.77 11.67
N HIS A 369 -32.51 -13.42 10.73
CA HIS A 369 -33.00 -12.05 10.65
C HIS A 369 -33.68 -11.61 11.93
N LYS A 370 -34.32 -12.55 12.65
CA LYS A 370 -34.96 -12.20 13.91
C LYS A 370 -33.94 -11.79 14.96
N ILE A 371 -32.78 -12.46 14.98
CA ILE A 371 -31.69 -12.02 15.83
C ILE A 371 -31.15 -10.68 15.34
N ASN A 372 -31.09 -10.48 14.03
CA ASN A 372 -30.60 -9.22 13.47
C ASN A 372 -31.55 -8.06 13.70
N ASN A 373 -32.82 -8.35 13.99
CA ASN A 373 -33.86 -7.33 14.15
C ASN A 373 -34.05 -6.53 12.85
N ASP A 374 -33.97 -7.23 11.72
CA ASP A 374 -34.13 -6.63 10.40
C ASP A 374 -34.65 -7.68 9.43
N PRO A 375 -35.93 -7.59 9.04
CA PRO A 375 -36.49 -8.56 8.09
C PRO A 375 -36.27 -8.22 6.62
N ARG A 376 -35.59 -7.11 6.32
CA ARG A 376 -35.48 -6.64 4.95
C ARG A 376 -34.39 -7.40 4.21
N GLY A 377 -34.71 -7.85 3.01
CA GLY A 377 -33.69 -8.37 2.12
C GLY A 377 -34.21 -9.48 1.23
N LEU A 378 -33.45 -9.72 0.15
CA LEU A 378 -33.74 -10.77 -0.81
C LEU A 378 -32.44 -11.38 -1.28
N PHE A 379 -32.33 -12.70 -1.18
CA PHE A 379 -31.19 -13.43 -1.71
C PHE A 379 -31.61 -14.14 -2.99
N LYS A 380 -30.69 -14.19 -3.96
CA LYS A 380 -31.02 -14.66 -5.29
C LYS A 380 -29.80 -15.34 -5.89
N VAL A 381 -30.02 -16.47 -6.56
CA VAL A 381 -28.95 -17.19 -7.25
C VAL A 381 -29.41 -17.53 -8.66
N VAL A 382 -28.45 -17.61 -9.57
CA VAL A 382 -28.70 -17.99 -10.96
C VAL A 382 -27.76 -19.15 -11.32
N ILE A 383 -28.33 -20.28 -11.71
CA ILE A 383 -27.58 -21.51 -11.90
C ILE A 383 -27.73 -21.96 -13.36
N ASN A 384 -26.63 -22.46 -13.93
CA ASN A 384 -26.63 -23.05 -15.27
C ASN A 384 -27.15 -24.49 -15.15
N ASN A 385 -28.32 -24.77 -15.73
CA ASN A 385 -28.97 -26.06 -15.58
C ASN A 385 -28.21 -27.20 -16.26
N GLU A 386 -27.34 -26.90 -17.21
CA GLU A 386 -26.68 -27.97 -17.95
C GLU A 386 -25.47 -28.53 -17.22
N ASN A 387 -24.91 -27.80 -16.24
CA ASN A 387 -23.74 -28.29 -15.53
C ASN A 387 -23.77 -27.96 -14.04
N ASN A 388 -24.87 -27.42 -13.52
CA ASN A 388 -25.04 -27.12 -12.09
C ASN A 388 -24.08 -26.07 -11.58
N MET A 389 -23.43 -25.33 -12.48
CA MET A 389 -22.50 -24.29 -12.08
C MET A 389 -23.27 -23.04 -11.68
N ILE A 390 -22.66 -22.24 -10.79
CA ILE A 390 -23.26 -21.01 -10.33
C ILE A 390 -22.89 -19.90 -11.29
N LEU A 391 -23.88 -19.32 -11.96
CA LEU A 391 -23.63 -18.24 -12.91
C LEU A 391 -23.54 -16.89 -12.21
N GLY A 392 -24.37 -16.66 -11.20
CA GLY A 392 -24.32 -15.40 -10.48
C GLY A 392 -25.20 -15.46 -9.26
N ALA A 393 -25.08 -14.42 -8.44
CA ALA A 393 -25.92 -14.28 -7.26
C ALA A 393 -26.02 -12.82 -6.88
N THR A 394 -27.18 -12.46 -6.32
CA THR A 394 -27.41 -11.15 -5.73
C THR A 394 -27.93 -11.36 -4.32
N LEU A 395 -27.18 -10.86 -3.34
CA LEU A 395 -27.55 -10.98 -1.93
C LEU A 395 -27.80 -9.57 -1.39
N TYR A 396 -29.07 -9.27 -1.13
CA TYR A 396 -29.48 -8.01 -0.53
C TYR A 396 -29.94 -8.33 0.88
N GLY A 397 -29.14 -7.97 1.87
CA GLY A 397 -29.46 -8.29 3.26
C GLY A 397 -28.25 -8.17 4.14
N LYS A 398 -28.50 -8.33 5.45
CA LYS A 398 -27.42 -8.30 6.44
C LYS A 398 -26.35 -9.33 6.13
N GLN A 399 -25.08 -8.94 6.30
CA GLN A 399 -23.89 -9.78 6.10
C GLN A 399 -23.65 -10.13 4.64
N SER A 400 -24.40 -9.53 3.71
CA SER A 400 -24.23 -9.88 2.31
C SER A 400 -22.83 -9.53 1.80
N GLU A 401 -22.23 -8.47 2.33
CA GLU A 401 -20.90 -8.10 1.88
C GLU A 401 -19.85 -9.12 2.32
N GLU A 402 -20.16 -9.93 3.34
CA GLU A 402 -19.30 -11.05 3.70
C GLU A 402 -19.69 -12.32 2.94
N LEU A 403 -20.99 -12.61 2.85
CA LEU A 403 -21.45 -13.85 2.26
C LEU A 403 -21.12 -13.94 0.78
N ILE A 404 -21.12 -12.81 0.07
CA ILE A 404 -20.91 -12.86 -1.37
C ILE A 404 -19.56 -13.50 -1.71
N ASN A 405 -18.60 -13.44 -0.79
CA ASN A 405 -17.28 -14.00 -1.06
C ASN A 405 -17.30 -15.52 -1.09
N ILE A 406 -18.28 -16.15 -0.43
CA ILE A 406 -18.43 -17.60 -0.52
C ILE A 406 -18.81 -17.99 -1.94
N ILE A 407 -19.77 -17.28 -2.52
CA ILE A 407 -20.25 -17.61 -3.85
C ILE A 407 -19.19 -17.29 -4.90
N LYS A 408 -18.45 -16.19 -4.70
CA LYS A 408 -17.32 -15.89 -5.57
C LYS A 408 -16.35 -17.07 -5.63
N LEU A 409 -15.96 -17.58 -4.45
CA LEU A 409 -15.02 -18.70 -4.41
C LEU A 409 -15.57 -19.91 -5.14
N ALA A 410 -16.86 -20.22 -4.92
CA ALA A 410 -17.48 -21.35 -5.59
C ALA A 410 -17.47 -21.18 -7.11
N ILE A 411 -17.79 -19.98 -7.60
CA ILE A 411 -17.81 -19.75 -9.03
C ILE A 411 -16.42 -19.99 -9.61
N ASP A 412 -15.40 -19.41 -8.98
CA ASP A 412 -14.03 -19.52 -9.51
C ASP A 412 -13.57 -20.96 -9.56
N GLN A 413 -13.89 -21.75 -8.53
CA GLN A 413 -13.38 -23.12 -8.44
C GLN A 413 -14.30 -24.13 -9.10
N ASN A 414 -15.35 -23.68 -9.78
CA ASN A 414 -16.29 -24.58 -10.44
C ASN A 414 -16.89 -25.57 -9.45
N ILE A 415 -17.30 -25.06 -8.30
CA ILE A 415 -18.01 -25.84 -7.30
C ILE A 415 -19.50 -25.80 -7.65
N PRO A 416 -20.13 -26.93 -7.93
CA PRO A 416 -21.55 -26.91 -8.31
C PRO A 416 -22.44 -26.46 -7.15
N TYR A 417 -23.60 -25.89 -7.50
CA TYR A 417 -24.46 -25.30 -6.48
C TYR A 417 -24.91 -26.32 -5.46
N THR A 418 -24.98 -27.59 -5.83
CA THR A 418 -25.42 -28.63 -4.90
C THR A 418 -24.52 -28.71 -3.67
N VAL A 419 -23.23 -28.37 -3.82
CA VAL A 419 -22.35 -28.38 -2.67
C VAL A 419 -22.76 -27.32 -1.66
N LEU A 420 -23.00 -26.09 -2.14
CA LEU A 420 -23.45 -25.04 -1.23
C LEU A 420 -24.83 -25.36 -0.65
N ARG A 421 -25.68 -26.03 -1.43
CA ARG A 421 -27.01 -26.38 -0.95
C ARG A 421 -26.95 -27.35 0.22
N ASP A 422 -26.01 -28.31 0.18
CA ASP A 422 -25.99 -29.40 1.13
C ASP A 422 -24.95 -29.24 2.23
N ASN A 423 -24.17 -28.15 2.22
CA ASN A 423 -23.09 -28.00 3.18
C ASN A 423 -23.62 -27.74 4.59
N ILE A 424 -22.79 -28.07 5.56
CA ILE A 424 -23.06 -27.76 6.96
C ILE A 424 -22.53 -26.36 7.24
N TYR A 425 -23.41 -25.49 7.72
CA TYR A 425 -23.06 -24.12 8.08
C TYR A 425 -23.21 -23.92 9.58
N THR A 426 -22.42 -22.98 10.11
CA THR A 426 -22.59 -22.55 11.48
C THR A 426 -24.01 -22.01 11.69
N HIS A 427 -24.46 -22.04 12.94
CA HIS A 427 -25.84 -21.72 13.28
C HIS A 427 -25.92 -21.02 14.63
N PRO A 428 -26.73 -19.95 14.74
CA PRO A 428 -27.55 -19.31 13.70
C PRO A 428 -26.76 -18.24 12.93
N THR A 429 -26.80 -18.28 11.61
CA THR A 429 -26.03 -17.37 10.78
C THR A 429 -26.87 -16.97 9.57
N MET A 430 -26.37 -15.98 8.83
CA MET A 430 -26.93 -15.69 7.52
C MET A 430 -26.44 -16.70 6.49
N ALA A 431 -25.24 -17.25 6.67
CA ALA A 431 -24.68 -18.20 5.71
C ALA A 431 -25.53 -19.46 5.58
N GLU A 432 -26.13 -19.91 6.68
CA GLU A 432 -26.90 -21.15 6.62
C GLU A 432 -28.14 -21.02 5.76
N SER A 433 -28.55 -19.79 5.43
CA SER A 433 -29.62 -19.59 4.46
C SER A 433 -29.31 -20.24 3.13
N PHE A 434 -28.03 -20.47 2.83
CA PHE A 434 -27.65 -21.11 1.57
C PHE A 434 -28.28 -22.49 1.44
N ASN A 435 -28.54 -23.18 2.55
CA ASN A 435 -29.23 -24.47 2.49
C ASN A 435 -30.57 -24.34 1.78
N ASP A 436 -31.28 -23.24 2.01
CA ASP A 436 -32.56 -23.00 1.36
C ASP A 436 -32.42 -22.21 0.06
N LEU A 437 -31.51 -21.23 0.03
CA LEU A 437 -31.36 -20.40 -1.16
C LEU A 437 -30.97 -21.24 -2.36
N PHE A 438 -30.15 -22.27 -2.16
CA PHE A 438 -29.65 -23.12 -3.22
C PHE A 438 -30.46 -24.41 -3.38
N ASN A 439 -31.63 -24.49 -2.77
CA ASN A 439 -32.49 -25.66 -2.85
C ASN A 439 -33.59 -25.38 -3.88
N PHE A 440 -33.55 -26.09 -5.00
CA PHE A 440 -34.53 -25.90 -6.06
C PHE A 440 -35.68 -26.91 -5.98
N HIS A 441 -35.62 -27.85 -5.04
CA HIS A 441 -36.76 -28.71 -4.71
C HIS A 441 -37.19 -29.57 -5.90
N HIS A 442 -36.22 -30.10 -6.64
CA HIS A 442 -36.53 -30.93 -7.80
C HIS A 442 -37.25 -32.21 -7.40
N HIS A 443 -37.04 -32.68 -6.17
CA HIS A 443 -37.65 -33.93 -5.70
C HIS A 443 -38.92 -33.69 -4.90
N HIS A 444 -39.50 -32.50 -4.97
CA HIS A 444 -40.67 -32.14 -4.17
C HIS A 444 -41.94 -32.50 -4.94
N HIS A 445 -42.20 -33.81 -5.01
CA HIS A 445 -43.35 -34.30 -5.76
C HIS A 445 -43.62 -35.74 -5.35
N HIS A 446 -44.76 -36.26 -5.82
CA HIS A 446 -45.21 -37.62 -5.49
C HIS A 446 -44.38 -38.70 -6.18
N THR B 3 -10.55 41.97 -31.60
CA THR B 3 -10.27 43.30 -31.05
C THR B 3 -11.16 43.60 -29.84
N TYR B 4 -10.57 44.25 -28.84
CA TYR B 4 -11.23 44.58 -27.58
C TYR B 4 -11.25 46.08 -27.39
N ASP B 5 -11.98 46.52 -26.36
CA ASP B 5 -11.95 47.92 -25.97
C ASP B 5 -10.74 48.23 -25.09
N LEU B 6 -10.33 47.26 -24.27
CA LEU B 6 -9.22 47.42 -23.34
C LEU B 6 -8.52 46.08 -23.19
N ILE B 7 -7.19 46.12 -23.16
CA ILE B 7 -6.36 44.95 -22.90
C ILE B 7 -5.58 45.18 -21.63
N VAL B 8 -5.67 44.22 -20.71
CA VAL B 8 -4.89 44.23 -19.47
C VAL B 8 -3.94 43.04 -19.53
N ILE B 9 -2.63 43.32 -19.52
CA ILE B 9 -1.60 42.29 -19.53
C ILE B 9 -1.19 42.06 -18.08
N GLY B 10 -1.66 40.95 -17.51
CA GLY B 10 -1.34 40.63 -16.13
C GLY B 10 -2.55 40.70 -15.21
N PHE B 11 -2.80 39.63 -14.47
CA PHE B 11 -3.91 39.56 -13.52
C PHE B 11 -3.50 40.17 -12.19
N GLY B 12 -2.96 41.40 -12.21
CA GLY B 12 -2.51 42.06 -11.01
C GLY B 12 -3.63 42.84 -10.32
N LYS B 13 -3.23 43.58 -9.29
CA LYS B 13 -4.20 44.33 -8.49
C LYS B 13 -4.88 45.41 -9.33
N ALA B 14 -4.09 46.33 -9.88
CA ALA B 14 -4.65 47.38 -10.73
C ALA B 14 -5.41 46.77 -11.90
N GLY B 15 -4.85 45.73 -12.52
CA GLY B 15 -5.47 45.18 -13.71
C GLY B 15 -6.83 44.57 -13.46
N LYS B 16 -6.93 43.72 -12.43
CA LYS B 16 -8.23 43.11 -12.14
C LYS B 16 -9.24 44.14 -11.66
N THR B 17 -8.77 45.18 -10.97
CA THR B 17 -9.69 46.25 -10.55
C THR B 17 -10.13 47.11 -11.73
N LEU B 18 -9.17 47.47 -12.59
CA LEU B 18 -9.52 48.28 -13.76
C LEU B 18 -10.41 47.51 -14.71
N ALA B 19 -10.12 46.22 -14.92
CA ALA B 19 -10.91 45.42 -15.85
C ALA B 19 -12.35 45.27 -15.38
N LYS B 20 -12.54 45.13 -14.07
CA LYS B 20 -13.89 45.02 -13.53
C LYS B 20 -14.65 46.33 -13.68
N TYR B 21 -13.98 47.47 -13.52
CA TYR B 21 -14.65 48.75 -13.70
C TYR B 21 -15.00 48.98 -15.16
N ALA B 22 -14.04 48.75 -16.06
CA ALA B 22 -14.30 48.97 -17.48
C ALA B 22 -15.48 48.14 -17.96
N ALA B 23 -15.60 46.91 -17.44
CA ALA B 23 -16.72 46.05 -17.83
C ALA B 23 -18.05 46.58 -17.34
N SER B 24 -18.07 47.22 -16.16
CA SER B 24 -19.31 47.77 -15.63
C SER B 24 -19.83 48.91 -16.52
N THR B 25 -18.94 49.64 -17.17
CA THR B 25 -19.36 50.69 -18.08
C THR B 25 -19.85 50.15 -19.42
N GLY B 26 -19.59 48.88 -19.73
CA GLY B 26 -20.00 48.27 -20.97
C GLY B 26 -18.87 47.94 -21.92
N GLN B 27 -17.62 48.18 -21.52
CA GLN B 27 -16.49 47.89 -22.38
C GLN B 27 -16.19 46.40 -22.41
N HIS B 28 -15.68 45.94 -23.55
CA HIS B 28 -15.22 44.56 -23.70
C HIS B 28 -13.74 44.50 -23.40
N VAL B 29 -13.37 43.78 -22.34
CA VAL B 29 -12.02 43.76 -21.80
C VAL B 29 -11.40 42.40 -22.00
N ALA B 30 -10.10 42.39 -22.29
CA ALA B 30 -9.30 41.17 -22.30
C ALA B 30 -8.25 41.26 -21.20
N VAL B 31 -8.15 40.21 -20.40
CA VAL B 31 -7.13 40.10 -19.36
C VAL B 31 -6.28 38.88 -19.69
N ILE B 32 -5.00 39.11 -19.94
CA ILE B 32 -4.05 38.05 -20.30
C ILE B 32 -3.28 37.67 -19.04
N GLU B 33 -3.32 36.39 -18.68
CA GLU B 33 -2.60 35.87 -17.52
C GLU B 33 -1.92 34.57 -17.92
N GLN B 34 -0.62 34.46 -17.63
CA GLN B 34 0.16 33.34 -18.14
C GLN B 34 0.07 32.09 -17.27
N SER B 35 -0.32 32.22 -16.01
CA SER B 35 -0.35 31.08 -15.09
C SER B 35 -1.70 31.01 -14.39
N PRO B 36 -2.43 29.91 -14.48
CA PRO B 36 -3.67 29.77 -13.69
C PRO B 36 -3.43 29.78 -12.18
N LYS B 37 -2.19 29.56 -11.74
CA LYS B 37 -1.82 29.72 -10.34
C LYS B 37 -1.58 31.17 -9.95
N MET B 38 -1.91 32.11 -10.85
CA MET B 38 -1.70 33.53 -10.61
C MET B 38 -2.99 34.34 -10.75
N TYR B 39 -4.14 33.68 -10.87
CA TYR B 39 -5.42 34.39 -10.84
C TYR B 39 -5.54 35.17 -9.55
N GLY B 40 -5.67 36.49 -9.67
CA GLY B 40 -5.69 37.37 -8.52
C GLY B 40 -4.39 38.11 -8.29
N GLY B 41 -3.27 37.57 -8.75
CA GLY B 41 -2.01 38.28 -8.75
C GLY B 41 -1.03 37.72 -7.74
N THR B 42 0.07 38.46 -7.56
CA THR B 42 1.14 38.05 -6.66
C THR B 42 0.67 38.03 -5.21
N CYS B 43 -0.10 39.04 -4.79
CA CYS B 43 -0.54 39.12 -3.40
C CYS B 43 -1.42 37.95 -3.03
N ILE B 44 -2.37 37.59 -3.89
CA ILE B 44 -3.31 36.51 -3.56
C ILE B 44 -2.60 35.17 -3.51
N ASN B 45 -1.67 34.91 -4.43
CA ASN B 45 -1.14 33.57 -4.63
C ASN B 45 0.22 33.34 -3.99
N ILE B 46 1.16 34.28 -4.11
CA ILE B 46 2.52 34.06 -3.64
C ILE B 46 3.00 35.23 -2.79
N GLY B 47 2.08 36.08 -2.34
CA GLY B 47 2.48 37.30 -1.65
C GLY B 47 1.88 37.50 -0.27
N CYS B 48 1.14 38.59 -0.11
CA CYS B 48 0.67 39.01 1.20
C CYS B 48 -0.20 37.94 1.86
N ILE B 49 -1.14 37.38 1.11
CA ILE B 49 -2.15 36.49 1.67
C ILE B 49 -1.53 35.21 2.23
N PRO B 50 -0.78 34.42 1.46
CA PRO B 50 -0.19 33.21 2.07
C PRO B 50 0.83 33.54 3.14
N SER B 51 1.58 34.63 2.99
CA SER B 51 2.60 35.00 3.97
C SER B 51 1.98 35.29 5.32
N LYS B 52 1.02 36.21 5.38
CA LYS B 52 0.42 36.58 6.66
C LYS B 52 -0.54 35.53 7.20
N THR B 53 -1.09 34.67 6.34
CA THR B 53 -1.80 33.50 6.86
C THR B 53 -0.90 32.67 7.75
N LEU B 54 0.35 32.45 7.31
CA LEU B 54 1.30 31.66 8.09
C LEU B 54 1.78 32.44 9.31
N VAL B 55 1.96 33.75 9.17
CA VAL B 55 2.34 34.58 10.31
C VAL B 55 1.24 34.53 11.37
N HIS B 56 -0.02 34.65 10.94
CA HIS B 56 -1.13 34.67 11.89
C HIS B 56 -1.25 33.35 12.62
N ASP B 57 -1.13 32.23 11.89
CA ASP B 57 -1.27 30.91 12.52
C ASP B 57 -0.10 30.61 13.44
N GLY B 58 1.12 31.05 13.06
CA GLY B 58 2.26 30.85 13.94
C GLY B 58 2.11 31.56 15.27
N LEU B 59 1.56 32.78 15.25
CA LEU B 59 1.27 33.48 16.49
C LEU B 59 0.29 32.70 17.36
N GLU B 60 -0.62 31.96 16.74
CA GLU B 60 -1.63 31.20 17.47
C GLU B 60 -1.12 29.87 17.99
N GLY B 61 0.15 29.53 17.75
CA GLY B 61 0.68 28.26 18.19
C GLY B 61 0.38 27.09 17.29
N LYS B 62 -0.23 27.32 16.12
CA LYS B 62 -0.51 26.24 15.21
C LYS B 62 0.78 25.63 14.68
N SER B 63 0.72 24.34 14.36
CA SER B 63 1.88 23.60 13.89
C SER B 63 2.27 24.06 12.49
N PHE B 64 3.48 23.66 12.07
CA PHE B 64 3.93 23.94 10.72
C PHE B 64 3.00 23.32 9.69
N GLU B 65 2.66 22.04 9.89
CA GLU B 65 1.83 21.34 8.91
C GLU B 65 0.42 21.91 8.87
N ALA B 66 -0.16 22.22 10.04
CA ALA B 66 -1.51 22.76 10.07
C ALA B 66 -1.57 24.14 9.43
N SER B 67 -0.56 24.98 9.68
CA SER B 67 -0.55 26.32 9.09
C SER B 67 -0.40 26.25 7.57
N TYR B 68 0.51 25.39 7.09
CA TYR B 68 0.74 25.32 5.66
C TYR B 68 -0.46 24.74 4.92
N ASN B 69 -1.17 23.80 5.54
CA ASN B 69 -2.39 23.28 4.92
C ASN B 69 -3.45 24.36 4.81
N ARG B 70 -3.68 25.10 5.90
CA ARG B 70 -4.65 26.19 5.85
C ARG B 70 -4.22 27.27 4.87
N LYS B 71 -2.90 27.49 4.76
CA LYS B 71 -2.39 28.45 3.77
C LYS B 71 -2.86 28.09 2.37
N ASN B 72 -2.79 26.80 2.02
CA ASN B 72 -3.17 26.41 0.66
C ASN B 72 -4.68 26.43 0.48
N ASP B 73 -5.45 26.17 1.54
CA ASP B 73 -6.89 26.31 1.45
C ASP B 73 -7.28 27.76 1.15
N VAL B 74 -6.63 28.71 1.84
CA VAL B 74 -6.95 30.12 1.65
C VAL B 74 -6.55 30.58 0.25
N VAL B 75 -5.33 30.26 -0.17
CA VAL B 75 -4.86 30.63 -1.50
C VAL B 75 -5.78 30.07 -2.58
N ASN B 76 -6.10 28.77 -2.47
CA ASN B 76 -6.95 28.15 -3.49
C ASN B 76 -8.33 28.79 -3.56
N ALA B 77 -8.88 29.18 -2.41
CA ALA B 77 -10.21 29.80 -2.40
C ALA B 77 -10.19 31.18 -3.05
N LEU B 78 -9.24 32.03 -2.65
CA LEU B 78 -9.20 33.39 -3.20
C LEU B 78 -8.73 33.39 -4.65
N ASN B 79 -7.87 32.45 -5.03
CA ASN B 79 -7.52 32.29 -6.45
C ASN B 79 -8.76 31.98 -7.27
N ASN B 80 -9.55 31.00 -6.82
CA ASN B 80 -10.78 30.66 -7.54
C ASN B 80 -11.78 31.82 -7.51
N LYS B 81 -11.87 32.51 -6.38
CA LYS B 81 -12.76 33.66 -6.28
C LYS B 81 -12.34 34.76 -7.26
N ASN B 82 -11.04 35.05 -7.31
CA ASN B 82 -10.56 36.12 -8.19
C ASN B 82 -10.79 35.78 -9.66
N TYR B 83 -10.56 34.51 -10.03
CA TYR B 83 -10.76 34.12 -11.42
C TYR B 83 -12.20 34.31 -11.85
N HIS B 84 -13.14 33.81 -11.05
CA HIS B 84 -14.54 33.85 -11.46
C HIS B 84 -15.11 35.26 -11.42
N LEU B 85 -14.58 36.13 -10.55
CA LEU B 85 -15.03 37.52 -10.54
C LEU B 85 -14.83 38.17 -11.90
N LEU B 86 -13.77 37.78 -12.62
CA LEU B 86 -13.47 38.35 -13.92
C LEU B 86 -14.03 37.50 -15.06
N ALA B 87 -13.74 36.20 -15.04
CA ALA B 87 -14.12 35.34 -16.16
C ALA B 87 -15.64 35.27 -16.32
N ASP B 88 -16.36 35.20 -15.20
CA ASP B 88 -17.82 35.08 -15.26
C ASP B 88 -18.49 36.35 -15.76
N ASP B 89 -17.79 37.48 -15.76
CA ASP B 89 -18.31 38.70 -16.35
C ASP B 89 -18.52 38.52 -17.85
N ASN B 90 -19.69 38.93 -18.34
CA ASN B 90 -19.97 38.82 -19.76
C ASN B 90 -19.08 39.72 -20.60
N ASN B 91 -18.48 40.75 -19.99
CA ASN B 91 -17.69 41.74 -20.70
C ASN B 91 -16.19 41.55 -20.53
N ILE B 92 -15.76 40.47 -19.88
CA ILE B 92 -14.34 40.22 -19.64
C ILE B 92 -14.00 38.83 -20.12
N ASP B 93 -12.86 38.70 -20.81
CA ASP B 93 -12.29 37.43 -21.21
C ASP B 93 -10.94 37.27 -20.52
N VAL B 94 -10.80 36.21 -19.74
CA VAL B 94 -9.53 35.86 -19.13
C VAL B 94 -8.81 34.90 -20.09
N LEU B 95 -7.75 35.40 -20.72
CA LEU B 95 -7.01 34.64 -21.74
C LEU B 95 -5.77 34.03 -21.10
N ASP B 96 -5.66 32.71 -21.18
CA ASP B 96 -4.57 31.97 -20.53
C ASP B 96 -3.44 31.78 -21.53
N PHE B 97 -2.67 32.85 -21.71
CA PHE B 97 -1.51 32.85 -22.61
C PHE B 97 -0.43 33.74 -22.01
N LYS B 98 0.76 33.64 -22.57
CA LYS B 98 1.83 34.59 -22.27
C LYS B 98 1.81 35.69 -23.31
N ALA B 99 1.64 36.93 -22.85
CA ALA B 99 1.52 38.07 -23.76
C ALA B 99 2.90 38.59 -24.13
N GLN B 100 3.07 38.89 -25.42
CA GLN B 100 4.26 39.55 -25.93
C GLN B 100 3.82 40.51 -27.02
N PHE B 101 4.33 41.75 -26.96
CA PHE B 101 3.97 42.74 -27.96
C PHE B 101 4.51 42.36 -29.33
N LYS B 102 3.67 42.49 -30.35
CA LYS B 102 4.13 42.44 -31.73
C LYS B 102 4.36 43.83 -32.31
N SER B 103 3.54 44.80 -31.90
CA SER B 103 3.72 46.19 -32.30
C SER B 103 3.24 47.07 -31.15
N ASN B 104 3.26 48.38 -31.39
CA ASN B 104 2.69 49.31 -30.43
C ASN B 104 1.18 49.12 -30.26
N THR B 105 0.52 48.39 -31.17
CA THR B 105 -0.93 48.36 -31.22
C THR B 105 -1.55 46.98 -31.07
N GLU B 106 -0.79 45.89 -31.14
CA GLU B 106 -1.38 44.57 -30.94
C GLU B 106 -0.42 43.64 -30.21
N VAL B 107 -1.01 42.67 -29.51
CA VAL B 107 -0.31 41.82 -28.56
C VAL B 107 -0.45 40.37 -29.01
N ASN B 108 0.65 39.63 -29.00
CA ASN B 108 0.65 38.22 -29.34
C ASN B 108 0.30 37.38 -28.12
N LEU B 109 -0.40 36.27 -28.35
CA LEU B 109 -0.74 35.30 -27.32
C LEU B 109 0.08 34.04 -27.56
N LEU B 110 0.92 33.69 -26.59
CA LEU B 110 1.83 32.56 -26.71
C LEU B 110 1.37 31.43 -25.81
N ASP B 111 1.40 30.20 -26.34
CA ASP B 111 1.04 29.03 -25.54
C ASP B 111 2.27 28.58 -24.75
N GLN B 112 2.17 27.41 -24.10
CA GLN B 112 3.26 26.96 -23.24
C GLN B 112 4.49 26.56 -24.03
N HIS B 113 4.36 26.34 -25.34
CA HIS B 113 5.49 26.07 -26.21
C HIS B 113 6.05 27.34 -26.84
N ASP B 114 5.68 28.51 -26.31
CA ASP B 114 6.18 29.81 -26.80
C ASP B 114 5.83 30.05 -28.26
N ASP B 115 4.74 29.44 -28.74
CA ASP B 115 4.26 29.63 -30.10
C ASP B 115 3.11 30.61 -30.12
N ILE B 116 3.06 31.45 -31.16
CA ILE B 116 2.00 32.44 -31.28
C ILE B 116 0.71 31.75 -31.68
N VAL B 117 -0.30 31.83 -30.82
CA VAL B 117 -1.60 31.23 -31.10
C VAL B 117 -2.54 32.24 -31.75
N ASP B 118 -2.50 33.50 -31.31
CA ASP B 118 -3.38 34.52 -31.83
C ASP B 118 -2.79 35.88 -31.48
N SER B 119 -3.46 36.94 -31.96
CA SER B 119 -3.07 38.31 -31.67
C SER B 119 -4.33 39.14 -31.47
N ILE B 120 -4.30 40.00 -30.45
CA ILE B 120 -5.45 40.84 -30.12
C ILE B 120 -5.00 42.29 -30.08
N THR B 121 -5.97 43.19 -30.27
CA THR B 121 -5.69 44.62 -30.28
C THR B 121 -6.79 45.35 -29.51
N ALA B 122 -6.47 46.58 -29.10
CA ALA B 122 -7.40 47.44 -28.37
C ALA B 122 -6.86 48.87 -28.36
N PRO B 123 -7.73 49.89 -28.26
CA PRO B 123 -7.23 51.27 -28.27
C PRO B 123 -6.37 51.63 -27.06
N HIS B 124 -6.44 50.87 -25.98
CA HIS B 124 -5.64 51.15 -24.79
C HIS B 124 -5.18 49.85 -24.18
N ILE B 125 -3.90 49.78 -23.81
CA ILE B 125 -3.29 48.58 -23.25
C ILE B 125 -2.69 48.92 -21.90
N ILE B 126 -2.97 48.11 -20.90
CA ILE B 126 -2.43 48.28 -19.55
C ILE B 126 -1.41 47.18 -19.31
N ILE B 127 -0.18 47.57 -18.98
CA ILE B 127 0.87 46.63 -18.61
C ILE B 127 0.88 46.51 -17.09
N ASN B 128 0.60 45.31 -16.58
CA ASN B 128 0.44 45.07 -15.16
C ASN B 128 1.02 43.70 -14.84
N THR B 129 2.28 43.50 -15.23
CA THR B 129 2.93 42.20 -15.20
C THR B 129 3.76 41.95 -13.94
N GLY B 130 3.76 42.88 -12.99
CA GLY B 130 4.39 42.64 -11.69
C GLY B 130 5.90 42.54 -11.74
N ALA B 131 6.44 41.91 -10.70
CA ALA B 131 7.88 41.76 -10.52
C ALA B 131 8.24 40.28 -10.35
N THR B 132 9.53 39.99 -10.52
CA THR B 132 10.09 38.67 -10.23
C THR B 132 11.22 38.80 -9.23
N SER B 133 11.57 37.67 -8.62
CA SER B 133 12.63 37.66 -7.62
C SER B 133 13.99 37.93 -8.27
N VAL B 134 14.83 38.67 -7.56
CA VAL B 134 16.19 38.94 -8.03
C VAL B 134 17.05 37.71 -7.74
N ILE B 135 17.73 37.22 -8.77
CA ILE B 135 18.53 36.00 -8.68
C ILE B 135 19.99 36.41 -8.48
N PRO B 136 20.59 36.11 -7.33
CA PRO B 136 21.99 36.50 -7.11
C PRO B 136 22.95 35.61 -7.88
N ASN B 137 24.09 36.19 -8.23
CA ASN B 137 25.17 35.44 -8.89
C ASN B 137 26.06 34.87 -7.79
N ILE B 138 25.79 33.63 -7.41
CA ILE B 138 26.56 32.93 -6.38
C ILE B 138 26.99 31.58 -6.92
N LYS B 139 28.22 31.19 -6.60
CA LYS B 139 28.76 29.93 -7.11
C LYS B 139 28.02 28.75 -6.49
N GLY B 140 27.71 27.75 -7.33
CA GLY B 140 27.01 26.57 -6.90
C GLY B 140 25.51 26.68 -6.89
N LEU B 141 24.97 27.90 -7.04
CA LEU B 141 23.52 28.11 -7.00
C LEU B 141 22.80 27.23 -8.02
N ASP B 142 23.34 27.14 -9.23
CA ASP B 142 22.65 26.44 -10.31
C ASP B 142 22.57 24.93 -10.10
N GLN B 143 23.33 24.38 -9.16
CA GLN B 143 23.26 22.96 -8.84
C GLN B 143 22.97 22.69 -7.37
N ALA B 144 22.80 23.73 -6.55
CA ALA B 144 22.55 23.53 -5.13
C ALA B 144 21.11 23.11 -4.90
N LYS B 145 20.90 22.29 -3.87
CA LYS B 145 19.58 21.78 -3.53
C LYS B 145 19.01 22.51 -2.32
N HIS B 146 17.68 22.47 -2.20
CA HIS B 146 16.94 23.11 -1.11
C HIS B 146 17.18 24.61 -1.08
N VAL B 147 17.26 25.22 -2.26
CA VAL B 147 17.44 26.67 -2.42
C VAL B 147 16.11 27.24 -2.92
N PHE B 148 15.59 28.22 -2.20
CA PHE B 148 14.20 28.61 -2.36
C PHE B 148 14.04 30.10 -2.65
N ASP B 149 13.10 30.38 -3.54
CA ASP B 149 12.51 31.70 -3.71
C ASP B 149 11.71 32.07 -2.46
N SER B 150 11.23 33.31 -2.43
CA SER B 150 10.11 33.61 -1.54
C SER B 150 8.89 32.81 -1.98
N THR B 151 8.64 32.74 -3.29
CA THR B 151 7.58 31.90 -3.81
C THR B 151 7.83 30.43 -3.50
N GLY B 152 9.08 29.98 -3.65
CA GLY B 152 9.39 28.59 -3.39
C GLY B 152 9.27 28.23 -1.92
N LEU B 153 9.62 29.16 -1.03
CA LEU B 153 9.52 28.88 0.40
C LEU B 153 8.06 28.77 0.84
N LEU B 154 7.19 29.61 0.29
CA LEU B 154 5.76 29.53 0.56
C LEU B 154 5.13 28.25 0.02
N ASN B 155 5.85 27.50 -0.83
CA ASN B 155 5.37 26.23 -1.33
C ASN B 155 6.31 25.08 -0.99
N ILE B 156 7.10 25.22 0.07
CA ILE B 156 8.01 24.17 0.50
C ILE B 156 7.21 22.98 1.04
N SER B 157 7.77 21.78 0.88
CA SER B 157 7.06 20.55 1.21
C SER B 157 7.49 19.93 2.53
N TYR B 158 8.27 20.65 3.33
CA TYR B 158 8.78 20.14 4.60
C TYR B 158 9.15 21.33 5.47
N GLN B 159 9.22 21.08 6.78
CA GLN B 159 9.69 22.11 7.70
C GLN B 159 11.20 22.00 7.85
N PRO B 160 11.96 23.07 7.53
CA PRO B 160 13.41 23.03 7.74
C PRO B 160 13.74 23.16 9.22
N LYS B 161 14.62 22.28 9.70
CA LYS B 161 15.11 22.41 11.07
C LYS B 161 15.96 23.67 11.23
N HIS B 162 16.75 23.98 10.21
CA HIS B 162 17.57 25.19 10.16
C HIS B 162 17.36 25.86 8.81
N LEU B 163 16.83 27.07 8.84
CA LEU B 163 16.59 27.88 7.64
C LEU B 163 17.55 29.05 7.65
N VAL B 164 18.43 29.12 6.64
CA VAL B 164 19.37 30.22 6.47
C VAL B 164 18.82 31.15 5.41
N ILE B 165 18.71 32.43 5.73
CA ILE B 165 18.16 33.42 4.81
C ILE B 165 19.32 34.30 4.31
N VAL B 166 19.49 34.35 3.00
CA VAL B 166 20.45 35.25 2.37
C VAL B 166 19.70 36.54 2.05
N GLY B 167 19.97 37.59 2.83
CA GLY B 167 19.24 38.83 2.71
C GLY B 167 18.61 39.23 4.03
N GLY B 168 18.55 40.53 4.29
CA GLY B 168 18.00 41.02 5.55
C GLY B 168 16.96 42.10 5.39
N GLY B 169 16.35 42.17 4.21
CA GLY B 169 15.31 43.15 3.96
C GLY B 169 14.03 42.81 4.70
N TYR B 170 12.99 43.58 4.38
CA TYR B 170 11.72 43.43 5.09
C TYR B 170 11.10 42.06 4.84
N ILE B 171 11.11 41.59 3.60
CA ILE B 171 10.54 40.29 3.29
C ILE B 171 11.35 39.17 3.95
N ALA B 172 12.68 39.33 3.98
CA ALA B 172 13.52 38.34 4.64
C ALA B 172 13.21 38.27 6.15
N LEU B 173 13.06 39.43 6.80
CA LEU B 173 12.78 39.44 8.23
C LEU B 173 11.39 38.88 8.51
N GLU B 174 10.44 39.10 7.61
CA GLU B 174 9.11 38.52 7.75
C GLU B 174 9.20 36.99 7.81
N PHE B 175 9.93 36.40 6.88
CA PHE B 175 10.06 34.94 6.85
C PHE B 175 10.80 34.45 8.09
N ALA B 176 11.79 35.21 8.56
CA ALA B 176 12.53 34.81 9.76
C ALA B 176 11.61 34.72 10.97
N SER B 177 10.77 35.73 11.19
CA SER B 177 9.83 35.68 12.29
C SER B 177 8.80 34.58 12.08
N MET B 178 8.33 34.40 10.84
CA MET B 178 7.27 33.45 10.57
C MET B 178 7.75 32.01 10.78
N PHE B 179 8.98 31.70 10.36
CA PHE B 179 9.48 30.34 10.52
C PHE B 179 9.96 30.07 11.94
N ALA B 180 10.41 31.09 12.67
CA ALA B 180 10.78 30.90 14.06
C ALA B 180 9.55 30.56 14.90
N ASN B 181 8.45 31.29 14.69
CA ASN B 181 7.21 31.01 15.42
C ASN B 181 6.60 29.66 15.04
N LEU B 182 7.09 29.03 13.98
CA LEU B 182 6.65 27.69 13.60
C LEU B 182 7.63 26.60 14.04
N GLY B 183 8.66 26.97 14.80
CA GLY B 183 9.56 26.00 15.40
C GLY B 183 10.90 25.81 14.72
N SER B 184 11.18 26.53 13.64
CA SER B 184 12.42 26.36 12.90
C SER B 184 13.51 27.26 13.48
N LYS B 185 14.75 26.76 13.42
CA LYS B 185 15.91 27.59 13.71
C LYS B 185 16.26 28.41 12.48
N VAL B 186 16.45 29.72 12.66
CA VAL B 186 16.59 30.65 11.54
C VAL B 186 17.86 31.47 11.73
N THR B 187 18.65 31.57 10.66
CA THR B 187 19.79 32.46 10.58
C THR B 187 19.57 33.44 9.43
N VAL B 188 19.79 34.73 9.70
CA VAL B 188 19.59 35.79 8.72
C VAL B 188 20.93 36.44 8.43
N LEU B 189 21.23 36.64 7.14
CA LEU B 189 22.50 37.19 6.69
C LEU B 189 22.25 38.47 5.90
N GLU B 190 22.76 39.59 6.39
CA GLU B 190 22.62 40.88 5.75
C GLU B 190 23.98 41.33 5.21
N ARG B 191 24.01 41.78 3.95
CA ARG B 191 25.26 42.22 3.35
C ARG B 191 25.69 43.59 3.91
N GLY B 192 24.73 44.47 4.14
CA GLY B 192 25.03 45.81 4.61
C GLY B 192 25.51 45.85 6.04
N GLU B 193 25.71 47.08 6.52
CA GLU B 193 26.27 47.30 7.86
C GLU B 193 25.24 47.04 8.96
N SER B 194 23.95 47.25 8.69
CA SER B 194 22.93 47.09 9.70
C SER B 194 21.61 46.66 9.07
N PHE B 195 20.72 46.17 9.92
CA PHE B 195 19.39 45.75 9.50
C PHE B 195 18.44 46.95 9.47
N MET B 196 17.52 46.91 8.51
CA MET B 196 16.50 47.95 8.36
C MET B 196 17.09 49.36 8.46
N PRO B 197 18.04 49.71 7.57
CA PRO B 197 18.79 50.97 7.75
C PRO B 197 17.95 52.22 7.54
N ARG B 198 16.84 52.14 6.82
CA ARG B 198 16.01 53.31 6.56
C ARG B 198 14.93 53.53 7.60
N GLU B 199 14.96 52.78 8.70
CA GLU B 199 13.99 52.89 9.77
C GLU B 199 14.62 53.52 10.99
N ASP B 200 13.78 53.99 11.91
CA ASP B 200 14.27 54.59 13.14
C ASP B 200 15.10 53.57 13.92
N GLN B 201 16.38 53.88 14.12
CA GLN B 201 17.29 52.89 14.68
C GLN B 201 17.05 52.64 16.16
N ASP B 202 16.39 53.55 16.87
CA ASP B 202 15.93 53.22 18.23
C ASP B 202 14.92 52.09 18.19
N VAL B 203 13.96 52.16 17.27
CA VAL B 203 12.94 51.12 17.15
C VAL B 203 13.57 49.82 16.65
N VAL B 204 14.52 49.93 15.70
CA VAL B 204 15.15 48.74 15.14
C VAL B 204 15.93 47.99 16.20
N ALA B 205 16.53 48.70 17.16
CA ALA B 205 17.23 48.05 18.26
C ALA B 205 16.28 47.17 19.07
N TYR B 206 15.06 47.65 19.32
CA TYR B 206 14.09 46.83 20.02
C TYR B 206 13.66 45.64 19.17
N GLY B 207 13.46 45.86 17.87
CA GLY B 207 13.09 44.77 16.99
C GLY B 207 14.15 43.69 16.91
N ILE B 208 15.42 44.10 16.86
CA ILE B 208 16.51 43.13 16.83
C ILE B 208 16.49 42.27 18.09
N THR B 209 16.34 42.91 19.25
CA THR B 209 16.29 42.17 20.51
C THR B 209 15.13 41.19 20.50
N ASP B 210 13.95 41.64 20.10
CA ASP B 210 12.78 40.76 20.07
C ASP B 210 12.99 39.60 19.11
N LEU B 211 13.67 39.83 17.99
CA LEU B 211 13.95 38.75 17.06
C LEU B 211 14.93 37.75 17.66
N GLU B 212 15.98 38.25 18.32
CA GLU B 212 16.94 37.35 18.94
C GLU B 212 16.33 36.59 20.11
N ASN B 213 15.41 37.21 20.84
CA ASN B 213 14.80 36.54 21.98
C ASN B 213 13.94 35.36 21.55
N LYS B 214 13.54 35.30 20.28
CA LYS B 214 12.87 34.13 19.74
C LYS B 214 13.85 33.12 19.16
N GLY B 215 15.14 33.28 19.41
CA GLY B 215 16.14 32.32 18.99
C GLY B 215 16.73 32.54 17.62
N ILE B 216 16.45 33.66 16.97
CA ILE B 216 16.93 33.92 15.62
C ILE B 216 18.34 34.46 15.67
N ALA B 217 19.17 33.98 14.75
CA ALA B 217 20.54 34.47 14.60
C ALA B 217 20.57 35.52 13.48
N LEU B 218 21.19 36.66 13.77
CA LEU B 218 21.32 37.75 12.82
C LEU B 218 22.78 38.12 12.66
N HIS B 219 23.20 38.38 11.42
CA HIS B 219 24.57 38.73 11.11
C HIS B 219 24.60 39.83 10.06
N THR B 220 25.54 40.77 10.21
CA THR B 220 25.70 41.88 9.31
C THR B 220 27.07 41.81 8.63
N ASN B 221 27.25 42.63 7.61
CA ASN B 221 28.48 42.68 6.83
C ASN B 221 28.86 41.29 6.33
N VAL B 222 27.87 40.61 5.74
CA VAL B 222 27.99 39.22 5.34
C VAL B 222 27.98 39.14 3.82
N GLU B 223 29.07 38.63 3.24
CA GLU B 223 29.15 38.41 1.82
C GLU B 223 29.10 36.91 1.57
N THR B 224 28.03 36.45 0.92
CA THR B 224 27.85 35.03 0.62
C THR B 224 28.61 34.69 -0.67
N THR B 225 29.58 33.78 -0.56
CA THR B 225 30.46 33.47 -1.67
C THR B 225 30.06 32.22 -2.45
N GLU B 226 29.46 31.23 -1.80
CA GLU B 226 29.21 29.96 -2.47
C GLU B 226 28.10 29.20 -1.75
N LEU B 227 27.40 28.36 -2.51
CA LEU B 227 26.44 27.42 -1.96
C LEU B 227 26.87 26.00 -2.34
N SER B 228 26.80 25.09 -1.38
CA SER B 228 27.12 23.69 -1.63
C SER B 228 26.10 22.82 -0.91
N SER B 229 25.61 21.77 -1.59
CA SER B 229 24.58 20.89 -1.04
C SER B 229 24.99 19.43 -0.90
N ASP B 230 24.20 18.56 -1.55
CA ASP B 230 24.44 17.12 -1.66
C ASP B 230 24.00 16.34 -0.43
N ASN B 231 24.52 16.69 0.76
CA ASN B 231 24.32 15.87 1.95
C ASN B 231 22.90 15.97 2.52
N HIS B 232 21.91 16.29 1.69
CA HIS B 232 20.61 16.79 2.14
C HIS B 232 20.79 18.05 2.98
N HIS B 233 21.97 18.64 2.92
CA HIS B 233 22.33 19.79 3.74
C HIS B 233 23.06 20.78 2.83
N THR B 234 22.42 21.90 2.54
CA THR B 234 23.05 22.94 1.73
C THR B 234 23.84 23.87 2.64
N THR B 235 25.12 24.01 2.37
CA THR B 235 26.00 24.88 3.15
C THR B 235 26.07 26.26 2.51
N VAL B 236 25.92 27.29 3.33
CA VAL B 236 26.04 28.68 2.86
C VAL B 236 27.44 29.16 3.21
N HIS B 237 28.29 29.30 2.20
CA HIS B 237 29.66 29.77 2.40
C HIS B 237 29.68 31.28 2.50
N THR B 238 30.39 31.80 3.51
CA THR B 238 30.26 33.18 3.89
C THR B 238 31.59 33.67 4.45
N ASN B 239 31.86 34.96 4.27
CA ASN B 239 33.11 35.55 4.78
C ASN B 239 33.21 35.42 6.30
N VAL B 240 32.08 35.39 7.01
CA VAL B 240 32.14 35.29 8.46
C VAL B 240 32.18 33.84 8.93
N ASP B 241 31.39 32.95 8.32
CA ASP B 241 31.24 31.58 8.81
C ASP B 241 30.76 30.70 7.66
N ASN B 242 30.55 29.42 7.97
CA ASN B 242 29.85 28.49 7.10
C ASN B 242 28.60 27.99 7.84
N PHE B 243 27.45 28.08 7.19
CA PHE B 243 26.17 27.76 7.81
C PHE B 243 25.55 26.57 7.11
N GLU B 244 25.23 25.53 7.88
CA GLU B 244 24.61 24.33 7.35
C GLU B 244 23.09 24.44 7.52
N ALA B 245 22.34 24.18 6.44
CA ALA B 245 20.91 24.45 6.41
C ALA B 245 20.14 23.28 5.83
N ASP B 246 18.85 23.19 6.20
CA ASP B 246 17.95 22.29 5.49
C ASP B 246 17.30 22.98 4.30
N ALA B 247 17.14 24.29 4.37
CA ALA B 247 16.65 25.09 3.25
C ALA B 247 17.25 26.48 3.38
N VAL B 248 17.59 27.09 2.26
CA VAL B 248 18.10 28.46 2.23
C VAL B 248 17.13 29.31 1.43
N LEU B 249 16.86 30.51 1.92
CA LEU B 249 15.97 31.47 1.27
C LEU B 249 16.81 32.58 0.66
N LEU B 250 16.63 32.82 -0.63
CA LEU B 250 17.24 33.95 -1.31
C LEU B 250 16.21 35.07 -1.35
N ALA B 251 16.42 36.11 -0.53
CA ALA B 251 15.50 37.25 -0.43
C ALA B 251 16.33 38.53 -0.56
N ILE B 252 16.63 38.92 -1.80
CA ILE B 252 17.47 40.09 -2.04
C ILE B 252 16.76 41.08 -2.96
N GLY B 253 15.43 41.09 -2.92
CA GLY B 253 14.65 42.05 -3.66
C GLY B 253 13.94 41.43 -4.86
N ARG B 254 13.06 42.23 -5.43
CA ARG B 254 12.27 41.83 -6.59
C ARG B 254 12.40 42.89 -7.68
N LYS B 255 12.56 42.43 -8.93
CA LYS B 255 12.82 43.25 -10.11
C LYS B 255 11.62 43.24 -11.05
N PRO B 256 11.40 44.31 -11.81
CA PRO B 256 10.22 44.38 -12.69
C PRO B 256 10.25 43.30 -13.75
N ASN B 257 9.07 42.76 -14.05
CA ASN B 257 8.91 41.69 -15.04
C ASN B 257 8.45 42.33 -16.35
N THR B 258 9.40 42.59 -17.24
CA THR B 258 9.11 43.20 -18.53
C THR B 258 9.51 42.29 -19.68
N ASP B 259 9.31 40.98 -19.51
CA ASP B 259 9.53 40.01 -20.59
C ASP B 259 8.34 40.04 -21.56
N LEU B 260 8.27 41.14 -22.31
CA LEU B 260 7.11 41.41 -23.16
C LEU B 260 7.51 41.73 -24.59
N ALA B 261 8.76 41.46 -24.98
CA ALA B 261 9.27 41.77 -26.32
C ALA B 261 9.10 43.25 -26.62
N LEU B 262 9.52 44.09 -25.67
CA LEU B 262 9.42 45.53 -25.82
C LEU B 262 10.30 46.07 -26.94
N GLU B 263 11.18 45.24 -27.51
CA GLU B 263 11.95 45.65 -28.68
C GLU B 263 11.04 45.87 -29.89
N ASN B 264 9.86 45.28 -29.90
CA ASN B 264 8.87 45.52 -30.95
C ASN B 264 8.04 46.76 -30.70
N THR B 265 8.35 47.53 -29.65
CA THR B 265 7.58 48.71 -29.25
C THR B 265 8.51 49.90 -29.04
N ASP B 266 7.89 51.06 -28.81
CA ASP B 266 8.60 52.26 -28.38
C ASP B 266 8.47 52.50 -26.88
N ILE B 267 8.10 51.46 -26.13
CA ILE B 267 8.07 51.55 -24.67
C ILE B 267 9.50 51.57 -24.15
N GLU B 268 9.79 52.52 -23.27
CA GLU B 268 11.14 52.72 -22.76
C GLU B 268 11.29 52.15 -21.36
N LEU B 269 12.51 51.71 -21.05
CA LEU B 269 12.87 51.23 -19.72
C LEU B 269 13.80 52.23 -19.06
N GLY B 270 13.77 52.24 -17.72
CA GLY B 270 14.56 53.18 -16.93
C GLY B 270 15.84 52.57 -16.41
N ASP B 271 16.47 53.33 -15.50
CA ASP B 271 17.75 52.90 -14.92
C ASP B 271 17.63 51.54 -14.24
N ARG B 272 16.51 51.28 -13.58
CA ARG B 272 16.32 50.08 -12.78
C ARG B 272 15.44 49.04 -13.48
N GLY B 273 15.49 48.98 -14.81
CA GLY B 273 14.74 48.00 -15.55
C GLY B 273 13.24 48.13 -15.47
N GLU B 274 12.75 49.22 -14.88
CA GLU B 274 11.33 49.49 -14.77
C GLU B 274 10.80 50.11 -16.06
N ILE B 275 9.49 50.03 -16.25
CA ILE B 275 8.83 50.68 -17.38
C ILE B 275 8.64 52.15 -17.03
N LYS B 276 9.17 53.03 -17.89
CA LYS B 276 9.08 54.47 -17.65
C LYS B 276 7.64 54.93 -17.79
N VAL B 277 7.15 55.67 -16.78
CA VAL B 277 5.80 56.22 -16.81
C VAL B 277 5.86 57.68 -16.36
N ASN B 278 4.84 58.44 -16.78
CA ASN B 278 4.70 59.82 -16.32
C ASN B 278 3.79 59.84 -15.09
N ALA B 279 3.33 61.04 -14.71
CA ALA B 279 2.52 61.16 -13.51
C ALA B 279 1.18 60.45 -13.66
N HIS B 280 0.68 60.31 -14.88
CA HIS B 280 -0.56 59.61 -15.14
C HIS B 280 -0.34 58.14 -15.50
N LEU B 281 0.86 57.63 -15.27
CA LEU B 281 1.23 56.24 -15.54
C LEU B 281 1.19 55.89 -17.03
N GLN B 282 1.27 56.90 -17.90
CA GLN B 282 1.44 56.65 -19.31
C GLN B 282 2.86 56.20 -19.59
N THR B 283 3.01 55.19 -20.44
CA THR B 283 4.33 54.84 -20.96
C THR B 283 4.72 55.84 -22.03
N THR B 284 5.93 55.68 -22.58
CA THR B 284 6.34 56.54 -23.69
C THR B 284 5.49 56.33 -24.93
N VAL B 285 4.68 55.27 -24.98
CA VAL B 285 3.64 55.12 -25.98
C VAL B 285 2.34 55.59 -25.35
N PRO B 286 1.72 56.68 -25.86
CA PRO B 286 0.70 57.38 -25.06
C PRO B 286 -0.54 56.56 -24.77
N HIS B 287 -0.88 55.57 -25.60
CA HIS B 287 -2.08 54.77 -25.37
C HIS B 287 -1.80 53.52 -24.55
N ILE B 288 -0.59 53.36 -24.02
CA ILE B 288 -0.22 52.22 -23.21
C ILE B 288 0.15 52.72 -21.82
N TYR B 289 -0.47 52.15 -20.79
CA TYR B 289 -0.19 52.50 -19.41
C TYR B 289 0.49 51.32 -18.71
N ALA B 290 1.25 51.64 -17.66
CA ALA B 290 1.92 50.64 -16.84
C ALA B 290 1.54 50.87 -15.39
N ALA B 291 1.19 49.78 -14.70
CA ALA B 291 0.72 49.86 -13.32
C ALA B 291 1.42 48.81 -12.47
N GLY B 292 1.43 49.06 -11.16
CA GLY B 292 1.94 48.09 -10.23
C GLY B 292 3.46 48.10 -10.12
N ASP B 293 4.01 46.94 -9.78
CA ASP B 293 5.45 46.80 -9.59
C ASP B 293 6.25 47.02 -10.88
N VAL B 294 5.62 46.89 -12.06
CA VAL B 294 6.40 46.85 -13.29
C VAL B 294 7.00 48.21 -13.60
N LYS B 295 6.31 49.29 -13.25
CA LYS B 295 7.01 50.57 -13.18
C LYS B 295 7.76 50.64 -11.85
N GLY B 296 8.62 51.63 -11.71
CA GLY B 296 9.51 51.65 -10.56
C GLY B 296 8.79 51.82 -9.24
N GLY B 297 9.60 52.10 -8.21
CA GLY B 297 9.07 52.58 -6.94
C GLY B 297 8.52 51.49 -6.03
N LEU B 298 7.63 51.94 -5.15
CA LEU B 298 7.12 51.10 -4.07
C LEU B 298 6.39 49.89 -4.61
N GLN B 299 6.70 48.72 -4.04
CA GLN B 299 6.07 47.45 -4.40
C GLN B 299 5.11 47.07 -3.28
N PHE B 300 3.90 47.59 -3.35
CA PHE B 300 2.83 47.23 -2.44
C PHE B 300 1.56 47.02 -3.25
N THR B 301 0.69 46.14 -2.76
CA THR B 301 -0.55 45.88 -3.48
C THR B 301 -1.49 47.08 -3.40
N TYR B 302 -1.37 47.90 -2.36
CA TYR B 302 -2.21 49.09 -2.28
C TYR B 302 -1.70 50.23 -3.17
N ILE B 303 -0.40 50.25 -3.48
CA ILE B 303 0.09 51.18 -4.50
C ILE B 303 -0.47 50.78 -5.86
N SER B 304 -0.53 49.49 -6.14
CA SER B 304 -1.13 49.03 -7.39
C SER B 304 -2.61 49.39 -7.44
N LEU B 305 -3.33 49.24 -6.31
CA LEU B 305 -4.73 49.64 -6.27
C LEU B 305 -4.89 51.12 -6.55
N ASP B 306 -3.99 51.95 -6.00
CA ASP B 306 -4.04 53.38 -6.30
C ASP B 306 -3.66 53.65 -7.76
N ASP B 307 -2.78 52.83 -8.33
CA ASP B 307 -2.46 52.96 -9.75
C ASP B 307 -3.72 52.82 -10.60
N TYR B 308 -4.61 51.89 -10.23
CA TYR B 308 -5.90 51.80 -10.88
C TYR B 308 -6.68 53.11 -10.78
N ARG B 309 -6.61 53.76 -9.61
CA ARG B 309 -7.30 55.04 -9.44
C ARG B 309 -6.75 56.08 -10.40
N ILE B 310 -5.42 56.15 -10.53
CA ILE B 310 -4.81 57.11 -11.45
C ILE B 310 -5.19 56.79 -12.89
N ILE B 311 -5.12 55.51 -13.27
CA ILE B 311 -5.42 55.15 -14.65
C ILE B 311 -6.90 55.36 -14.96
N LYS B 312 -7.78 54.98 -14.03
CA LYS B 312 -9.21 55.24 -14.21
C LYS B 312 -9.48 56.73 -14.34
N SER B 313 -8.81 57.55 -13.51
CA SER B 313 -8.95 58.99 -13.60
C SER B 313 -8.51 59.51 -14.97
N ALA B 314 -7.44 58.91 -15.52
CA ALA B 314 -6.92 59.37 -16.80
C ALA B 314 -7.83 58.96 -17.95
N LEU B 315 -8.37 57.74 -17.90
CA LEU B 315 -9.13 57.22 -19.04
C LEU B 315 -10.62 57.48 -18.92
N TYR B 316 -11.17 57.53 -17.71
CA TYR B 316 -12.61 57.62 -17.52
C TYR B 316 -13.07 58.81 -16.69
N GLY B 317 -12.16 59.50 -15.99
CA GLY B 317 -12.56 60.56 -15.10
C GLY B 317 -12.04 61.93 -15.48
N ASN B 318 -11.81 62.78 -14.47
CA ASN B 318 -11.37 64.15 -14.67
C ASN B 318 -9.86 64.30 -14.67
N GLN B 319 -9.12 63.19 -14.64
CA GLN B 319 -7.66 63.18 -14.84
C GLN B 319 -6.90 63.92 -13.74
N SER B 320 -7.53 64.14 -12.59
CA SER B 320 -6.88 64.88 -11.51
C SER B 320 -5.93 64.03 -10.68
N ARG B 321 -6.06 62.70 -10.74
CA ARG B 321 -5.23 61.81 -9.92
C ARG B 321 -3.92 61.49 -10.64
N THR B 322 -2.80 61.68 -9.93
CA THR B 322 -1.48 61.38 -10.47
C THR B 322 -0.68 60.66 -9.40
N THR B 323 0.57 60.30 -9.74
CA THR B 323 1.48 59.73 -8.75
C THR B 323 2.00 60.79 -7.79
N ASP B 324 1.75 62.07 -8.06
CA ASP B 324 2.22 63.14 -7.19
C ASP B 324 1.23 63.52 -6.10
N ASN B 325 -0.01 63.04 -6.16
CA ASN B 325 -1.01 63.36 -5.15
C ASN B 325 -1.62 62.08 -4.58
N ARG B 326 -0.79 61.07 -4.30
CA ARG B 326 -1.28 59.85 -3.66
C ARG B 326 -1.60 60.07 -2.19
N GLY B 327 -1.03 61.10 -1.57
CA GLY B 327 -1.03 61.19 -0.12
C GLY B 327 0.11 60.37 0.45
N SER B 328 0.24 60.45 1.78
CA SER B 328 1.31 59.70 2.43
C SER B 328 1.04 58.20 2.35
N VAL B 329 2.09 57.43 2.11
CA VAL B 329 1.99 55.99 1.86
C VAL B 329 2.50 55.27 3.10
N PRO B 330 1.64 54.59 3.85
CA PRO B 330 2.09 53.79 4.98
C PRO B 330 2.52 52.39 4.55
N TYR B 331 3.34 51.77 5.39
CA TYR B 331 3.72 50.38 5.17
C TYR B 331 3.99 49.71 6.51
N THR B 332 3.94 48.38 6.48
CA THR B 332 4.15 47.56 7.67
C THR B 332 5.11 46.43 7.32
N VAL B 333 6.19 46.30 8.09
CA VAL B 333 7.01 45.09 8.05
C VAL B 333 6.45 44.15 9.10
N PHE B 334 6.08 42.94 8.67
CA PHE B 334 5.33 42.05 9.54
C PHE B 334 6.27 41.12 10.32
N ILE B 335 7.14 41.74 11.11
CA ILE B 335 7.83 41.02 12.16
C ILE B 335 6.88 40.92 13.34
N ASP B 336 7.36 40.43 14.48
CA ASP B 336 6.50 40.15 15.63
C ASP B 336 6.97 40.94 16.85
N PRO B 337 6.25 42.01 17.25
CA PRO B 337 5.02 42.56 16.66
C PRO B 337 5.30 43.33 15.37
N PRO B 338 4.27 43.73 14.61
CA PRO B 338 4.54 44.41 13.34
C PRO B 338 5.11 45.80 13.54
N LEU B 339 6.03 46.18 12.66
CA LEU B 339 6.58 47.53 12.61
C LEU B 339 5.89 48.29 11.50
N SER B 340 5.13 49.32 11.87
CA SER B 340 4.38 50.12 10.92
C SER B 340 4.95 51.54 10.88
N ARG B 341 4.87 52.16 9.71
CA ARG B 341 5.60 53.39 9.45
C ARG B 341 4.84 54.23 8.43
N VAL B 342 4.92 55.55 8.61
CA VAL B 342 4.43 56.50 7.61
C VAL B 342 5.18 57.81 7.82
N GLY B 343 5.50 58.48 6.72
CA GLY B 343 6.19 59.75 6.86
C GLY B 343 7.66 59.58 7.25
N LEU B 344 8.18 60.63 7.86
CA LEU B 344 9.61 60.73 8.11
C LEU B 344 10.02 60.00 9.38
N THR B 345 11.31 59.71 9.46
CA THR B 345 11.95 59.39 10.73
C THR B 345 12.50 60.66 11.36
N SER B 346 12.93 60.54 12.62
CA SER B 346 13.64 61.65 13.24
C SER B 346 14.90 62.01 12.45
N LYS B 347 15.64 60.98 12.01
CA LYS B 347 16.87 61.21 11.27
C LYS B 347 16.59 61.95 9.96
N GLU B 348 15.52 61.58 9.27
CA GLU B 348 15.17 62.26 8.03
C GLU B 348 14.74 63.70 8.28
N ALA B 349 13.93 63.92 9.32
CA ALA B 349 13.49 65.27 9.64
C ALA B 349 14.65 66.19 9.97
N ALA B 350 15.64 65.66 10.71
CA ALA B 350 16.82 66.46 11.02
C ALA B 350 17.65 66.73 9.76
N ALA B 351 17.73 65.75 8.87
CA ALA B 351 18.51 65.93 7.64
C ALA B 351 17.94 67.05 6.79
N GLN B 352 16.62 67.08 6.65
CA GLN B 352 15.96 68.10 5.84
C GLN B 352 15.79 69.43 6.58
N HIS B 353 16.39 69.56 7.78
CA HIS B 353 16.48 70.82 8.52
C HIS B 353 15.13 71.29 9.02
N TYR B 354 14.29 70.35 9.45
CA TYR B 354 13.05 70.71 10.13
C TYR B 354 13.34 71.16 11.56
N ASP B 355 12.51 72.08 12.04
CA ASP B 355 12.46 72.38 13.48
C ASP B 355 11.45 71.40 14.06
N TYR B 356 11.94 70.22 14.45
CA TYR B 356 11.08 69.10 14.81
C TYR B 356 11.19 68.76 16.28
N THR B 357 10.14 68.11 16.77
CA THR B 357 10.13 67.48 18.09
C THR B 357 9.77 66.01 17.92
N GLU B 358 10.50 65.14 18.59
CA GLU B 358 10.17 63.72 18.61
C GLU B 358 9.75 63.30 20.02
N HIS B 359 8.99 62.22 20.07
CA HIS B 359 8.48 61.68 21.33
C HIS B 359 8.21 60.21 21.13
N GLN B 360 8.42 59.43 22.18
CA GLN B 360 8.24 58.00 22.10
C GLN B 360 7.51 57.49 23.33
N LEU B 361 6.96 56.28 23.19
CA LEU B 361 6.20 55.64 24.26
C LEU B 361 6.37 54.15 24.11
N LEU B 362 6.96 53.51 25.12
CA LEU B 362 7.14 52.07 25.10
C LEU B 362 5.79 51.37 25.25
N VAL B 363 5.61 50.27 24.52
CA VAL B 363 4.39 49.49 24.61
C VAL B 363 4.19 48.96 26.03
N SER B 364 5.28 48.73 26.75
CA SER B 364 5.18 48.34 28.16
C SER B 364 4.55 49.41 29.03
N ALA B 365 4.52 50.66 28.57
CA ALA B 365 3.83 51.74 29.29
C ALA B 365 2.39 51.91 28.83
N ILE B 366 1.96 51.16 27.81
CA ILE B 366 0.58 51.19 27.36
C ILE B 366 -0.18 50.11 28.12
N PRO B 367 -1.15 50.45 28.97
CA PRO B 367 -1.78 49.43 29.81
C PRO B 367 -2.47 48.32 29.02
N ARG B 368 -2.91 48.60 27.80
CA ARG B 368 -3.53 47.57 26.97
C ARG B 368 -2.59 46.40 26.74
N HIS B 369 -1.27 46.65 26.80
CA HIS B 369 -0.31 45.56 26.63
C HIS B 369 -0.50 44.47 27.68
N LYS B 370 -0.96 44.85 28.88
CA LYS B 370 -1.25 43.85 29.90
C LYS B 370 -2.38 42.93 29.47
N ILE B 371 -3.41 43.48 28.83
CA ILE B 371 -4.49 42.65 28.30
C ILE B 371 -3.96 41.74 27.19
N ASN B 372 -3.15 42.30 26.28
CA ASN B 372 -2.58 41.52 25.19
C ASN B 372 -1.57 40.50 25.66
N ASN B 373 -1.04 40.64 26.87
CA ASN B 373 0.02 39.78 27.39
C ASN B 373 1.28 39.86 26.52
N ASP B 374 1.57 41.07 26.04
CA ASP B 374 2.75 41.31 25.21
C ASP B 374 3.32 42.69 25.53
N PRO B 375 4.44 42.77 26.22
CA PRO B 375 5.04 44.07 26.55
C PRO B 375 5.97 44.63 25.50
N ARG B 376 6.24 43.90 24.43
CA ARG B 376 7.23 44.33 23.45
C ARG B 376 6.67 45.46 22.58
N GLY B 377 7.55 46.39 22.24
CA GLY B 377 7.27 47.40 21.24
C GLY B 377 7.66 48.79 21.69
N LEU B 378 7.65 49.70 20.70
CA LEU B 378 7.95 51.11 20.93
C LEU B 378 7.19 51.93 19.90
N PHE B 379 6.51 52.98 20.36
CA PHE B 379 5.82 53.92 19.49
C PHE B 379 6.60 55.23 19.45
N LYS B 380 6.75 55.79 18.25
CA LYS B 380 7.58 56.98 18.07
C LYS B 380 6.95 57.89 17.03
N VAL B 381 6.86 59.18 17.33
CA VAL B 381 6.29 60.16 16.41
C VAL B 381 7.27 61.31 16.24
N VAL B 382 7.19 61.96 15.08
CA VAL B 382 7.99 63.13 14.76
C VAL B 382 7.04 64.25 14.35
N ILE B 383 7.20 65.42 14.97
CA ILE B 383 6.28 66.53 14.81
C ILE B 383 7.03 67.76 14.29
N ASN B 384 6.38 68.52 13.42
CA ASN B 384 6.89 69.82 12.98
C ASN B 384 6.49 70.88 14.00
N ASN B 385 7.43 71.73 14.39
CA ASN B 385 7.16 72.75 15.40
C ASN B 385 6.58 74.04 14.83
N GLU B 386 6.82 74.35 13.55
CA GLU B 386 6.34 75.61 13.00
C GLU B 386 4.81 75.59 12.88
N ASN B 387 4.24 74.57 12.24
CA ASN B 387 2.85 74.22 12.42
C ASN B 387 2.82 73.17 13.51
N ASN B 388 1.70 72.52 13.75
CA ASN B 388 1.67 71.43 14.72
C ASN B 388 1.41 70.09 14.02
N MET B 389 1.93 69.95 12.80
CA MET B 389 1.60 68.82 11.95
C MET B 389 2.56 67.66 12.18
N ILE B 390 2.08 66.47 11.88
CA ILE B 390 2.84 65.24 12.10
C ILE B 390 3.74 65.02 10.90
N LEU B 391 5.05 64.90 11.16
CA LEU B 391 5.98 64.63 10.07
C LEU B 391 6.09 63.14 9.77
N GLY B 392 5.90 62.29 10.77
CA GLY B 392 5.98 60.87 10.56
C GLY B 392 5.74 60.12 11.86
N ALA B 393 5.66 58.81 11.74
CA ALA B 393 5.42 57.96 12.89
C ALA B 393 5.94 56.55 12.60
N THR B 394 6.52 55.94 13.61
CA THR B 394 6.90 54.53 13.58
C THR B 394 6.20 53.85 14.76
N LEU B 395 5.29 52.93 14.45
CA LEU B 395 4.54 52.20 15.47
C LEU B 395 4.96 50.74 15.42
N TYR B 396 5.80 50.34 16.37
CA TYR B 396 6.26 48.97 16.50
C TYR B 396 5.54 48.37 17.71
N GLY B 397 4.59 47.50 17.45
CA GLY B 397 3.77 46.91 18.50
C GLY B 397 2.49 46.35 17.93
N LYS B 398 1.76 45.66 18.80
CA LYS B 398 0.51 45.02 18.38
C LYS B 398 -0.48 46.08 17.89
N GLN B 399 -1.26 45.69 16.86
CA GLN B 399 -2.27 46.51 16.19
C GLN B 399 -1.68 47.63 15.36
N SER B 400 -0.35 47.71 15.23
CA SER B 400 0.25 48.84 14.53
C SER B 400 -0.17 48.90 13.07
N GLU B 401 -0.41 47.74 12.44
CA GLU B 401 -0.80 47.76 11.03
C GLU B 401 -2.17 48.41 10.83
N GLU B 402 -3.00 48.46 11.87
CA GLU B 402 -4.25 49.19 11.80
C GLU B 402 -4.06 50.64 12.24
N LEU B 403 -3.39 50.84 13.38
CA LEU B 403 -3.25 52.17 13.96
C LEU B 403 -2.53 53.14 13.02
N ILE B 404 -1.60 52.65 12.20
CA ILE B 404 -0.81 53.55 11.37
C ILE B 404 -1.71 54.32 10.41
N ASN B 405 -2.88 53.77 10.06
CA ASN B 405 -3.77 54.44 9.13
C ASN B 405 -4.39 55.70 9.74
N ILE B 406 -4.51 55.75 11.07
CA ILE B 406 -4.99 56.97 11.72
C ILE B 406 -4.02 58.12 11.46
N ILE B 407 -2.73 57.85 11.64
CA ILE B 407 -1.72 58.90 11.47
C ILE B 407 -1.58 59.27 10.00
N LYS B 408 -1.72 58.30 9.10
CA LYS B 408 -1.76 58.61 7.67
C LYS B 408 -2.85 59.63 7.36
N LEU B 409 -4.06 59.39 7.91
CA LEU B 409 -5.18 60.30 7.64
C LEU B 409 -4.89 61.69 8.19
N ALA B 410 -4.33 61.75 9.41
CA ALA B 410 -4.02 63.05 10.01
C ALA B 410 -3.00 63.81 9.18
N ILE B 411 -1.97 63.12 8.68
CA ILE B 411 -0.95 63.79 7.88
C ILE B 411 -1.57 64.37 6.61
N ASP B 412 -2.37 63.56 5.90
CA ASP B 412 -2.97 64.04 4.66
C ASP B 412 -3.91 65.21 4.90
N GLN B 413 -4.72 65.14 5.96
CA GLN B 413 -5.74 66.14 6.23
C GLN B 413 -5.22 67.32 7.04
N ASN B 414 -3.93 67.35 7.34
CA ASN B 414 -3.33 68.41 8.15
C ASN B 414 -4.02 68.52 9.51
N ILE B 415 -4.30 67.37 10.11
CA ILE B 415 -4.80 67.33 11.49
C ILE B 415 -3.59 67.47 12.41
N PRO B 416 -3.52 68.53 13.22
CA PRO B 416 -2.36 68.69 14.11
C PRO B 416 -2.31 67.61 15.18
N TYR B 417 -1.09 67.39 15.69
CA TYR B 417 -0.90 66.35 16.69
C TYR B 417 -1.66 66.63 17.97
N THR B 418 -1.96 67.90 18.27
CA THR B 418 -2.72 68.22 19.46
C THR B 418 -4.12 67.61 19.42
N VAL B 419 -4.70 67.49 18.23
CA VAL B 419 -6.03 66.89 18.12
C VAL B 419 -5.97 65.41 18.46
N LEU B 420 -4.98 64.71 17.93
CA LEU B 420 -4.79 63.30 18.27
C LEU B 420 -4.45 63.14 19.74
N ARG B 421 -3.78 64.15 20.33
CA ARG B 421 -3.42 64.07 21.74
C ARG B 421 -4.65 64.14 22.63
N ASP B 422 -5.55 65.08 22.34
CA ASP B 422 -6.67 65.39 23.22
C ASP B 422 -7.93 64.59 22.91
N ASN B 423 -7.89 63.71 21.93
CA ASN B 423 -9.11 63.06 21.47
C ASN B 423 -9.61 62.01 22.47
N ILE B 424 -10.89 61.69 22.35
CA ILE B 424 -11.51 60.60 23.09
C ILE B 424 -11.37 59.33 22.27
N TYR B 425 -10.72 58.32 22.83
CA TYR B 425 -10.55 57.03 22.19
C TYR B 425 -11.31 55.96 22.96
N THR B 426 -11.60 54.86 22.28
CA THR B 426 -12.21 53.73 22.96
C THR B 426 -11.19 53.10 23.92
N HIS B 427 -11.71 52.49 24.97
CA HIS B 427 -10.91 51.88 26.01
C HIS B 427 -11.46 50.49 26.32
N PRO B 428 -10.59 49.49 26.54
CA PRO B 428 -9.12 49.53 26.48
C PRO B 428 -8.59 49.10 25.12
N THR B 429 -7.78 49.95 24.48
CA THR B 429 -7.30 49.70 23.13
C THR B 429 -5.84 50.09 23.04
N MET B 430 -5.25 49.85 21.86
CA MET B 430 -3.94 50.43 21.56
C MET B 430 -4.07 51.87 21.06
N ALA B 431 -5.18 52.21 20.42
CA ALA B 431 -5.35 53.55 19.86
C ALA B 431 -5.27 54.63 20.93
N GLU B 432 -5.83 54.35 22.11
CA GLU B 432 -5.87 55.34 23.18
C GLU B 432 -4.49 55.72 23.69
N SER B 433 -3.46 54.94 23.35
CA SER B 433 -2.08 55.33 23.66
C SER B 433 -1.69 56.64 22.98
N PHE B 434 -2.47 57.10 22.01
CA PHE B 434 -2.19 58.38 21.37
C PHE B 434 -2.35 59.55 22.34
N ASN B 435 -3.18 59.37 23.38
CA ASN B 435 -3.32 60.39 24.41
C ASN B 435 -1.98 60.68 25.09
N ASP B 436 -1.14 59.66 25.24
CA ASP B 436 0.19 59.80 25.83
C ASP B 436 1.28 59.98 24.81
N LEU B 437 1.19 59.28 23.68
CA LEU B 437 2.24 59.35 22.65
C LEU B 437 2.36 60.76 22.08
N PHE B 438 1.26 61.49 21.99
CA PHE B 438 1.26 62.84 21.45
C PHE B 438 1.22 63.92 22.53
N ASN B 439 1.44 63.56 23.79
CA ASN B 439 1.41 64.50 24.90
C ASN B 439 2.83 64.99 25.18
N PHE B 440 3.17 66.15 24.64
CA PHE B 440 4.49 66.74 24.84
C PHE B 440 4.48 68.18 24.35
N HIS B 441 5.44 68.96 24.82
CA HIS B 441 5.67 70.32 24.35
C HIS B 441 6.68 70.31 23.20
N HIS B 442 6.88 71.48 22.61
CA HIS B 442 7.89 71.62 21.57
C HIS B 442 9.29 71.58 22.17
N HIS B 443 10.18 70.85 21.53
CA HIS B 443 11.60 70.88 21.83
C HIS B 443 12.28 71.63 20.68
N HIS B 444 12.78 72.82 20.97
CA HIS B 444 13.47 73.62 19.96
C HIS B 444 14.97 73.38 20.01
N ASP C 5 66.06 -11.38 -11.25
CA ASP C 5 65.87 -11.89 -12.61
C ASP C 5 64.39 -11.94 -12.98
N LEU C 6 63.58 -12.50 -12.08
CA LEU C 6 62.17 -12.68 -12.33
C LEU C 6 61.41 -12.58 -11.02
N ILE C 7 60.22 -11.98 -11.07
CA ILE C 7 59.32 -11.94 -9.92
C ILE C 7 57.95 -12.38 -10.41
N VAL C 8 57.35 -13.34 -9.72
CA VAL C 8 55.96 -13.71 -9.94
C VAL C 8 55.18 -13.28 -8.71
N ILE C 9 53.95 -12.84 -8.93
CA ILE C 9 53.11 -12.28 -7.87
C ILE C 9 51.92 -13.21 -7.73
N GLY C 10 51.95 -14.07 -6.71
CA GLY C 10 50.91 -15.06 -6.50
C GLY C 10 51.45 -16.47 -6.46
N PHE C 11 50.69 -17.39 -5.86
CA PHE C 11 51.10 -18.78 -5.70
C PHE C 11 50.34 -19.72 -6.63
N GLY C 12 49.82 -19.22 -7.75
CA GLY C 12 49.06 -20.04 -8.65
C GLY C 12 49.92 -21.10 -9.34
N LYS C 13 49.24 -21.99 -10.07
CA LYS C 13 49.93 -23.06 -10.77
C LYS C 13 50.85 -22.51 -11.85
N ALA C 14 50.41 -21.48 -12.57
CA ALA C 14 51.24 -20.88 -13.60
C ALA C 14 52.50 -20.26 -12.99
N GLY C 15 52.32 -19.42 -11.97
CA GLY C 15 53.47 -18.78 -11.35
C GLY C 15 54.42 -19.78 -10.69
N LYS C 16 53.87 -20.85 -10.14
CA LYS C 16 54.72 -21.87 -9.51
C LYS C 16 55.54 -22.61 -10.55
N THR C 17 54.89 -23.05 -11.64
CA THR C 17 55.61 -23.81 -12.65
C THR C 17 56.64 -22.95 -13.37
N LEU C 18 56.32 -21.67 -13.57
CA LEU C 18 57.30 -20.77 -14.20
C LEU C 18 58.48 -20.52 -13.28
N ALA C 19 58.22 -20.27 -12.00
CA ALA C 19 59.31 -19.97 -11.07
C ALA C 19 60.25 -21.16 -10.92
N LYS C 20 59.71 -22.38 -10.94
CA LYS C 20 60.54 -23.57 -10.81
C LYS C 20 61.30 -23.88 -12.09
N TYR C 21 60.75 -23.53 -13.25
CA TYR C 21 61.54 -23.66 -14.48
C TYR C 21 62.61 -22.58 -14.57
N ALA C 22 62.25 -21.34 -14.23
CA ALA C 22 63.23 -20.25 -14.28
C ALA C 22 64.40 -20.51 -13.35
N ALA C 23 64.15 -21.22 -12.24
CA ALA C 23 65.22 -21.63 -11.34
C ALA C 23 66.03 -22.80 -11.88
N SER C 24 65.46 -23.59 -12.81
CA SER C 24 66.25 -24.61 -13.50
C SER C 24 67.37 -23.96 -14.32
N THR C 25 67.09 -22.81 -14.92
CA THR C 25 68.08 -22.07 -15.70
C THR C 25 69.01 -21.23 -14.84
N GLY C 26 68.81 -21.21 -13.52
CA GLY C 26 69.63 -20.41 -12.63
C GLY C 26 69.17 -18.98 -12.42
N GLN C 27 68.13 -18.55 -13.12
CA GLN C 27 67.57 -17.22 -12.88
C GLN C 27 67.10 -17.10 -11.43
N HIS C 28 67.24 -15.91 -10.87
CA HIS C 28 66.89 -15.65 -9.48
C HIS C 28 65.48 -15.08 -9.43
N VAL C 29 64.55 -15.86 -8.88
CA VAL C 29 63.13 -15.54 -8.90
C VAL C 29 62.64 -15.35 -7.47
N ALA C 30 61.71 -14.41 -7.30
CA ALA C 30 61.03 -14.21 -6.03
C ALA C 30 59.53 -14.28 -6.27
N VAL C 31 58.83 -15.00 -5.39
CA VAL C 31 57.38 -15.10 -5.41
C VAL C 31 56.86 -14.32 -4.21
N ILE C 32 55.82 -13.52 -4.43
CA ILE C 32 55.23 -12.71 -3.37
C ILE C 32 53.85 -13.24 -3.05
N GLU C 33 53.77 -14.15 -2.08
CA GLU C 33 52.50 -14.74 -1.68
C GLU C 33 52.35 -14.64 -0.18
N GLN C 34 51.31 -13.95 0.27
CA GLN C 34 50.98 -13.87 1.68
C GLN C 34 50.08 -15.04 2.08
N LEU C 85 55.03 -26.83 -0.14
CA LEU C 85 55.82 -25.60 -0.11
C LEU C 85 57.31 -25.91 -0.31
N LEU C 86 57.68 -26.20 -1.56
CA LEU C 86 59.09 -26.41 -1.91
C LEU C 86 59.78 -25.05 -1.99
N ALA C 87 60.18 -24.56 -0.82
CA ALA C 87 61.01 -23.37 -0.71
C ALA C 87 62.51 -23.70 -0.67
N ASP C 88 62.88 -24.96 -0.95
CA ASP C 88 64.26 -25.38 -0.82
C ASP C 88 65.15 -24.72 -1.87
N ASP C 89 64.63 -24.56 -3.09
CA ASP C 89 65.41 -24.05 -4.21
C ASP C 89 66.11 -22.75 -3.86
N ASN C 90 67.44 -22.78 -3.91
CA ASN C 90 68.23 -21.60 -3.58
C ASN C 90 68.05 -20.47 -4.60
N ASN C 91 67.50 -20.76 -5.77
CA ASN C 91 67.24 -19.75 -6.78
C ASN C 91 65.88 -19.07 -6.60
N ILE C 92 65.06 -19.51 -5.65
CA ILE C 92 63.78 -18.88 -5.35
C ILE C 92 63.82 -18.30 -3.93
N ASP C 93 63.19 -17.14 -3.77
CA ASP C 93 62.93 -16.54 -2.47
C ASP C 93 61.42 -16.42 -2.33
N VAL C 94 60.85 -17.17 -1.40
CA VAL C 94 59.41 -17.12 -1.13
C VAL C 94 59.18 -16.00 -0.12
N LEU C 95 58.49 -14.93 -0.55
CA LEU C 95 58.32 -13.72 0.23
C LEU C 95 56.90 -13.70 0.80
N ASP C 96 56.78 -13.78 2.13
CA ASP C 96 55.47 -13.74 2.77
C ASP C 96 55.15 -12.28 3.10
N PHE C 97 54.77 -11.54 2.06
CA PHE C 97 54.35 -10.15 2.18
C PHE C 97 53.23 -9.91 1.17
N LYS C 98 52.62 -8.74 1.24
CA LYS C 98 51.62 -8.32 0.27
C LYS C 98 52.27 -7.44 -0.78
N ALA C 99 52.06 -7.77 -2.06
CA ALA C 99 52.68 -7.06 -3.16
C ALA C 99 51.77 -5.94 -3.65
N GLN C 100 52.34 -4.74 -3.80
CA GLN C 100 51.64 -3.62 -4.41
C GLN C 100 52.63 -2.86 -5.28
N PHE C 101 52.25 -2.62 -6.53
CA PHE C 101 53.12 -1.92 -7.46
C PHE C 101 53.28 -0.46 -7.03
N LYS C 102 54.53 0.01 -7.03
CA LYS C 102 54.80 1.43 -6.88
C LYS C 102 55.26 2.07 -8.18
N SER C 103 55.63 1.27 -9.17
CA SER C 103 56.02 1.75 -10.48
C SER C 103 55.92 0.59 -11.45
N ASN C 104 56.15 0.89 -12.73
CA ASN C 104 56.17 -0.14 -13.76
C ASN C 104 57.35 -1.09 -13.62
N THR C 105 58.32 -0.77 -12.77
CA THR C 105 59.58 -1.50 -12.73
C THR C 105 59.94 -2.09 -11.36
N GLU C 106 59.25 -1.71 -10.28
CA GLU C 106 59.57 -2.32 -8.99
C GLU C 106 58.30 -2.44 -8.15
N VAL C 107 58.29 -3.46 -7.29
CA VAL C 107 57.13 -3.83 -6.49
C VAL C 107 57.47 -3.63 -5.02
N ASN C 108 56.50 -3.16 -4.24
CA ASN C 108 56.68 -2.95 -2.82
C ASN C 108 56.24 -4.18 -2.03
N LEU C 109 56.82 -4.34 -0.85
CA LEU C 109 56.65 -5.54 -0.01
C LEU C 109 56.01 -5.12 1.30
N LEU C 110 54.71 -5.37 1.44
CA LEU C 110 53.93 -4.91 2.59
C LEU C 110 53.70 -6.04 3.58
N ASP C 111 53.97 -5.78 4.86
CA ASP C 111 53.67 -6.73 5.91
C ASP C 111 52.20 -6.61 6.33
N GLN C 112 51.80 -7.42 7.31
CA GLN C 112 50.40 -7.42 7.75
C GLN C 112 50.03 -6.13 8.48
N HIS C 113 51.00 -5.28 8.80
CA HIS C 113 50.68 -3.95 9.32
C HIS C 113 50.57 -2.92 8.21
N ASP C 114 50.54 -3.36 6.94
CA ASP C 114 50.44 -2.47 5.78
C ASP C 114 51.59 -1.46 5.71
N ASP C 115 52.76 -1.86 6.19
CA ASP C 115 53.95 -1.03 6.14
C ASP C 115 54.86 -1.50 5.02
N ILE C 116 55.54 -0.55 4.37
CA ILE C 116 56.54 -0.88 3.35
C ILE C 116 57.78 -1.42 4.05
N VAL C 117 58.00 -2.74 3.95
CA VAL C 117 59.24 -3.31 4.45
C VAL C 117 60.38 -3.09 3.45
N ASP C 118 60.28 -3.72 2.27
CA ASP C 118 61.31 -3.65 1.22
C ASP C 118 60.69 -3.25 -0.11
N SER C 119 61.54 -3.20 -1.14
CA SER C 119 61.11 -3.00 -2.51
C SER C 119 62.07 -3.75 -3.43
N ILE C 120 61.51 -4.51 -4.37
CA ILE C 120 62.27 -5.41 -5.22
C ILE C 120 61.96 -5.11 -6.70
N THR C 121 62.87 -5.55 -7.57
CA THR C 121 62.76 -5.30 -9.01
C THR C 121 63.28 -6.50 -9.80
N ALA C 122 62.94 -6.51 -11.09
CA ALA C 122 63.36 -7.53 -12.04
C ALA C 122 62.88 -7.12 -13.44
N PRO C 123 63.54 -7.60 -14.51
CA PRO C 123 63.13 -7.21 -15.86
C PRO C 123 61.77 -7.76 -16.30
N HIS C 124 61.18 -8.70 -15.57
CA HIS C 124 59.89 -9.28 -15.96
C HIS C 124 59.07 -9.62 -14.72
N ILE C 125 57.83 -9.09 -14.66
CA ILE C 125 56.86 -9.46 -13.63
C ILE C 125 55.88 -10.44 -14.24
N ILE C 126 55.42 -11.39 -13.44
CA ILE C 126 54.33 -12.29 -13.79
C ILE C 126 53.25 -12.12 -12.72
N ILE C 127 52.07 -11.66 -13.11
CA ILE C 127 50.95 -11.51 -12.19
C ILE C 127 50.05 -12.73 -12.36
N ASN C 128 49.95 -13.56 -11.33
CA ASN C 128 48.93 -14.61 -11.28
C ASN C 128 48.39 -14.66 -9.85
N THR C 129 47.59 -13.66 -9.52
CA THR C 129 47.01 -13.51 -8.18
C THR C 129 45.65 -14.16 -8.04
N GLY C 130 45.18 -14.86 -9.07
CA GLY C 130 43.93 -15.60 -8.96
C GLY C 130 42.70 -14.71 -8.81
N ALA C 131 41.67 -15.30 -8.21
CA ALA C 131 40.38 -14.65 -8.01
C ALA C 131 39.83 -15.02 -6.64
N THR C 132 38.80 -14.27 -6.23
CA THR C 132 38.11 -14.52 -4.96
C THR C 132 36.62 -14.46 -5.21
N SER C 133 35.86 -15.08 -4.30
CA SER C 133 34.42 -15.23 -4.47
C SER C 133 33.73 -13.87 -4.42
N VAL C 134 32.77 -13.67 -5.33
CA VAL C 134 32.02 -12.43 -5.38
C VAL C 134 31.08 -12.35 -4.19
N ILE C 135 31.16 -11.25 -3.45
CA ILE C 135 30.34 -11.04 -2.26
C ILE C 135 29.08 -10.28 -2.68
N PRO C 136 27.89 -10.87 -2.57
CA PRO C 136 26.68 -10.17 -2.97
C PRO C 136 26.16 -9.25 -1.88
N ASN C 137 25.42 -8.23 -2.30
CA ASN C 137 24.79 -7.29 -1.38
C ASN C 137 23.39 -7.81 -1.07
N ILE C 138 23.24 -8.44 0.09
CA ILE C 138 21.96 -8.99 0.53
C ILE C 138 21.70 -8.50 1.95
N LYS C 139 20.44 -8.19 2.25
CA LYS C 139 20.07 -7.72 3.57
C LYS C 139 20.35 -8.79 4.63
N GLY C 140 21.05 -8.38 5.69
CA GLY C 140 21.34 -9.27 6.81
C GLY C 140 22.59 -10.11 6.65
N LEU C 141 23.22 -10.10 5.48
CA LEU C 141 24.43 -10.90 5.27
C LEU C 141 25.54 -10.49 6.22
N ASP C 142 25.72 -9.19 6.41
CA ASP C 142 26.83 -8.68 7.21
C ASP C 142 26.79 -9.17 8.66
N GLN C 143 25.65 -9.71 9.10
CA GLN C 143 25.52 -10.22 10.47
C GLN C 143 24.93 -11.62 10.52
N ALA C 144 24.83 -12.31 9.39
CA ALA C 144 24.22 -13.63 9.37
C ALA C 144 25.23 -14.71 9.73
N LYS C 145 24.76 -15.74 10.42
CA LYS C 145 25.58 -16.87 10.81
C LYS C 145 25.42 -18.02 9.81
N HIS C 146 26.37 -18.95 9.86
CA HIS C 146 26.33 -20.19 9.08
C HIS C 146 26.30 -19.93 7.58
N VAL C 147 26.96 -18.86 7.14
CA VAL C 147 27.08 -18.54 5.72
C VAL C 147 28.52 -18.84 5.30
N PHE C 148 28.68 -19.51 4.16
CA PHE C 148 29.96 -20.09 3.82
C PHE C 148 30.42 -19.70 2.42
N ASP C 149 31.73 -19.55 2.28
CA ASP C 149 32.41 -19.56 1.00
C ASP C 149 32.32 -20.95 0.38
N SER C 150 32.78 -21.06 -0.88
CA SER C 150 33.07 -22.39 -1.40
C SER C 150 34.24 -23.01 -0.65
N THR C 151 35.25 -22.20 -0.33
CA THR C 151 36.37 -22.69 0.47
C THR C 151 35.96 -22.90 1.92
N GLY C 152 35.12 -22.02 2.46
CA GLY C 152 34.66 -22.19 3.83
C GLY C 152 33.78 -23.41 4.02
N LEU C 153 33.01 -23.76 2.99
CA LEU C 153 32.17 -24.95 3.08
C LEU C 153 33.02 -26.23 3.08
N LEU C 154 34.13 -26.22 2.34
CA LEU C 154 35.03 -27.37 2.34
C LEU C 154 35.65 -27.62 3.71
N ASN C 155 35.73 -26.59 4.55
CA ASN C 155 36.27 -26.71 5.90
C ASN C 155 35.19 -26.64 6.96
N ILE C 156 33.96 -27.03 6.60
CA ILE C 156 32.85 -26.97 7.54
C ILE C 156 32.99 -28.09 8.57
N SER C 157 32.59 -27.80 9.81
CA SER C 157 32.81 -28.70 10.93
C SER C 157 31.65 -29.64 11.20
N TYR C 158 30.64 -29.65 10.34
CA TYR C 158 29.45 -30.47 10.57
C TYR C 158 28.81 -30.77 9.23
N GLN C 159 28.00 -31.83 9.21
CA GLN C 159 27.21 -32.14 8.02
C GLN C 159 25.85 -31.46 8.13
N PRO C 160 25.53 -30.51 7.26
CA PRO C 160 24.28 -29.77 7.41
C PRO C 160 23.06 -30.66 7.22
N LYS C 161 22.03 -30.42 8.04
CA LYS C 161 20.75 -31.07 7.80
C LYS C 161 20.07 -30.50 6.56
N HIS C 162 20.22 -29.20 6.34
CA HIS C 162 19.67 -28.54 5.16
C HIS C 162 20.65 -27.48 4.70
N LEU C 163 21.30 -27.73 3.57
CA LEU C 163 22.20 -26.78 2.94
C LEU C 163 21.43 -26.04 1.85
N VAL C 164 21.41 -24.71 1.93
CA VAL C 164 20.79 -23.87 0.91
C VAL C 164 21.89 -23.15 0.16
N ILE C 165 21.93 -23.33 -1.16
CA ILE C 165 22.97 -22.76 -2.02
C ILE C 165 22.38 -21.59 -2.77
N VAL C 166 22.99 -20.42 -2.60
CA VAL C 166 22.61 -19.23 -3.36
C VAL C 166 23.50 -19.20 -4.61
N GLY C 167 22.93 -19.57 -5.74
CA GLY C 167 23.67 -19.68 -6.98
C GLY C 167 23.47 -21.06 -7.57
N GLY C 168 23.49 -21.13 -8.91
CA GLY C 168 23.23 -22.39 -9.58
C GLY C 168 24.25 -22.75 -10.64
N GLY C 169 25.47 -22.20 -10.52
CA GLY C 169 26.53 -22.48 -11.47
C GLY C 169 27.15 -23.84 -11.23
N TYR C 170 28.22 -24.10 -12.00
CA TYR C 170 28.88 -25.40 -11.96
C TYR C 170 29.34 -25.75 -10.55
N ILE C 171 30.01 -24.80 -9.88
CA ILE C 171 30.53 -25.07 -8.54
C ILE C 171 29.39 -25.31 -7.56
N ALA C 172 28.29 -24.57 -7.71
CA ALA C 172 27.13 -24.78 -6.86
C ALA C 172 26.56 -26.19 -7.02
N LEU C 173 26.42 -26.65 -8.27
CA LEU C 173 25.84 -27.95 -8.50
C LEU C 173 26.78 -29.07 -8.06
N GLU C 174 28.09 -28.86 -8.16
CA GLU C 174 29.04 -29.86 -7.65
C GLU C 174 28.88 -30.02 -6.14
N PHE C 175 28.72 -28.92 -5.41
CA PHE C 175 28.50 -29.01 -3.98
C PHE C 175 27.14 -29.65 -3.67
N ALA C 176 26.12 -29.36 -4.47
CA ALA C 176 24.82 -29.99 -4.28
C ALA C 176 24.92 -31.49 -4.43
N SER C 177 25.63 -31.96 -5.46
CA SER C 177 25.80 -33.39 -5.66
C SER C 177 26.54 -34.03 -4.49
N MET C 178 27.68 -33.45 -4.10
CA MET C 178 28.49 -34.05 -3.03
C MET C 178 27.69 -34.15 -1.74
N PHE C 179 27.03 -33.06 -1.34
CA PHE C 179 26.38 -33.05 -0.04
C PHE C 179 25.10 -33.90 -0.04
N ALA C 180 24.41 -34.02 -1.17
CA ALA C 180 23.30 -34.95 -1.23
C ALA C 180 23.78 -36.40 -1.12
N ASN C 181 24.98 -36.69 -1.63
CA ASN C 181 25.55 -38.02 -1.46
C ASN C 181 25.79 -38.34 0.01
N LEU C 182 26.15 -37.32 0.80
CA LEU C 182 26.33 -37.51 2.23
C LEU C 182 25.01 -37.61 2.98
N GLY C 183 23.88 -37.36 2.33
CA GLY C 183 22.58 -37.45 2.95
C GLY C 183 21.95 -36.13 3.30
N SER C 184 22.65 -35.01 3.13
CA SER C 184 22.08 -33.70 3.44
C SER C 184 20.96 -33.36 2.47
N LYS C 185 19.90 -32.75 3.00
CA LYS C 185 18.93 -32.09 2.14
C LYS C 185 19.58 -30.84 1.56
N VAL C 186 19.49 -30.67 0.25
CA VAL C 186 20.11 -29.53 -0.43
C VAL C 186 19.06 -28.81 -1.26
N THR C 187 18.99 -27.49 -1.10
CA THR C 187 18.20 -26.62 -1.95
C THR C 187 19.15 -25.67 -2.68
N VAL C 188 19.03 -25.58 -4.00
CA VAL C 188 19.84 -24.67 -4.79
C VAL C 188 18.91 -23.67 -5.48
N LEU C 189 19.31 -22.40 -5.44
CA LEU C 189 18.52 -21.30 -5.96
C LEU C 189 19.28 -20.63 -7.08
N GLU C 190 18.74 -20.69 -8.29
CA GLU C 190 19.36 -20.08 -9.45
C GLU C 190 18.61 -18.79 -9.79
N ARG C 191 19.35 -17.69 -9.92
CA ARG C 191 18.73 -16.42 -10.26
C ARG C 191 18.29 -16.40 -11.72
N GLY C 192 19.06 -17.01 -12.60
CA GLY C 192 18.74 -17.02 -14.00
C GLY C 192 17.59 -17.97 -14.32
N GLU C 193 17.36 -18.13 -15.62
CA GLU C 193 16.18 -18.86 -16.07
C GLU C 193 16.38 -20.35 -16.13
N SER C 194 17.61 -20.84 -16.12
CA SER C 194 17.84 -22.27 -16.30
C SER C 194 19.23 -22.61 -15.78
N PHE C 195 19.49 -23.91 -15.68
CA PHE C 195 20.74 -24.43 -15.14
C PHE C 195 21.70 -24.79 -16.27
N MET C 196 22.97 -24.46 -16.08
CA MET C 196 24.02 -24.72 -17.05
C MET C 196 23.61 -24.34 -18.47
N PRO C 197 23.31 -23.05 -18.71
CA PRO C 197 22.76 -22.65 -20.02
C PRO C 197 23.73 -22.84 -21.17
N ARG C 198 25.04 -22.79 -20.92
CA ARG C 198 26.03 -22.98 -21.98
C ARG C 198 26.23 -24.44 -22.37
N GLU C 199 25.47 -25.36 -21.78
CA GLU C 199 25.61 -26.78 -22.05
C GLU C 199 24.44 -27.28 -22.87
N ASP C 200 24.64 -28.45 -23.49
CA ASP C 200 23.58 -29.10 -24.24
C ASP C 200 22.41 -29.37 -23.33
N GLN C 201 21.31 -28.63 -23.51
CA GLN C 201 20.21 -28.72 -22.55
C GLN C 201 19.56 -30.09 -22.53
N ASP C 202 19.79 -30.94 -23.55
CA ASP C 202 19.34 -32.32 -23.41
C ASP C 202 20.14 -33.05 -22.33
N VAL C 203 21.46 -32.86 -22.30
CA VAL C 203 22.26 -33.50 -21.25
C VAL C 203 21.98 -32.86 -19.90
N VAL C 204 21.73 -31.55 -19.87
CA VAL C 204 21.45 -30.84 -18.62
C VAL C 204 20.23 -31.44 -17.91
N ALA C 205 19.18 -31.75 -18.68
CA ALA C 205 17.99 -32.34 -18.10
C ALA C 205 18.27 -33.66 -17.39
N TYR C 206 19.40 -34.30 -17.67
CA TYR C 206 19.72 -35.57 -17.02
C TYR C 206 20.38 -35.33 -15.69
N GLY C 207 21.36 -34.43 -15.65
CA GLY C 207 21.94 -34.04 -14.38
C GLY C 207 20.89 -33.55 -13.41
N ILE C 208 19.98 -32.69 -13.90
CA ILE C 208 18.94 -32.14 -13.04
C ILE C 208 18.09 -33.25 -12.44
N THR C 209 17.59 -34.15 -13.28
CA THR C 209 16.73 -35.23 -12.79
C THR C 209 17.50 -36.16 -11.86
N ASP C 210 18.76 -36.45 -12.18
CA ASP C 210 19.58 -37.25 -11.28
C ASP C 210 19.82 -36.52 -9.97
N LEU C 211 20.06 -35.20 -10.03
CA LEU C 211 20.21 -34.42 -8.81
C LEU C 211 18.92 -34.42 -8.01
N GLU C 212 17.77 -34.30 -8.69
CA GLU C 212 16.50 -34.30 -7.98
C GLU C 212 16.18 -35.66 -7.37
N ASN C 213 16.59 -36.74 -8.03
CA ASN C 213 16.34 -38.06 -7.48
C ASN C 213 17.17 -38.35 -6.23
N LYS C 214 18.17 -37.53 -5.93
CA LYS C 214 18.92 -37.59 -4.68
C LYS C 214 18.31 -36.72 -3.58
N GLY C 215 17.15 -36.12 -3.83
CA GLY C 215 16.53 -35.24 -2.86
C GLY C 215 16.90 -33.77 -2.98
N ILE C 216 17.58 -33.37 -4.04
CA ILE C 216 17.95 -31.98 -4.23
C ILE C 216 16.77 -31.22 -4.81
N ALA C 217 16.43 -30.09 -4.18
CA ALA C 217 15.39 -29.21 -4.68
C ALA C 217 16.05 -28.04 -5.39
N LEU C 218 15.73 -27.89 -6.67
CA LEU C 218 16.28 -26.82 -7.50
C LEU C 218 15.17 -25.83 -7.83
N HIS C 219 15.52 -24.55 -7.80
CA HIS C 219 14.60 -23.47 -8.06
C HIS C 219 15.19 -22.54 -9.10
N THR C 220 14.34 -21.97 -9.95
CA THR C 220 14.77 -21.09 -11.02
C THR C 220 14.09 -19.73 -10.91
N ASN C 221 14.74 -18.71 -11.48
CA ASN C 221 14.23 -17.34 -11.47
C ASN C 221 13.96 -16.87 -10.05
N VAL C 222 14.94 -17.11 -9.16
CA VAL C 222 14.81 -16.85 -7.74
C VAL C 222 15.69 -15.67 -7.37
N GLU C 223 15.09 -14.67 -6.71
CA GLU C 223 15.82 -13.52 -6.19
C GLU C 223 15.95 -13.69 -4.68
N THR C 224 17.20 -13.78 -4.20
CA THR C 224 17.46 -13.87 -2.77
C THR C 224 17.54 -12.45 -2.20
N THR C 225 16.62 -12.12 -1.30
CA THR C 225 16.48 -10.76 -0.81
C THR C 225 17.05 -10.54 0.59
N GLU C 226 17.06 -11.57 1.44
CA GLU C 226 17.45 -11.35 2.83
C GLU C 226 17.96 -12.66 3.44
N LEU C 227 18.93 -12.52 4.33
CA LEU C 227 19.33 -13.58 5.24
C LEU C 227 19.00 -13.17 6.67
N SER C 228 18.55 -14.13 7.48
CA SER C 228 18.26 -13.89 8.89
C SER C 228 18.61 -15.13 9.69
N SER C 229 19.29 -14.93 10.81
CA SER C 229 19.79 -16.03 11.64
C SER C 229 19.16 -15.99 13.02
N ASP C 230 18.90 -17.17 13.57
CA ASP C 230 18.35 -17.32 14.92
C ASP C 230 19.31 -17.94 15.90
N ASN C 231 20.61 -18.01 15.53
CA ASN C 231 21.67 -18.83 16.10
C ASN C 231 21.86 -20.07 15.26
N HIS C 232 21.18 -21.17 15.62
CA HIS C 232 21.44 -22.45 14.99
C HIS C 232 20.95 -22.54 13.54
N HIS C 233 20.06 -21.64 13.12
CA HIS C 233 19.51 -21.68 11.78
C HIS C 233 19.70 -20.34 11.08
N THR C 234 19.72 -20.37 9.76
CA THR C 234 19.73 -19.17 8.94
C THR C 234 18.67 -19.33 7.86
N THR C 235 17.76 -18.36 7.78
CA THR C 235 16.66 -18.39 6.83
C THR C 235 17.03 -17.57 5.60
N VAL C 236 16.86 -18.17 4.43
CA VAL C 236 17.14 -17.52 3.14
C VAL C 236 15.81 -17.00 2.60
N HIS C 237 15.66 -15.68 2.55
CA HIS C 237 14.43 -15.04 2.11
C HIS C 237 14.49 -14.77 0.61
N THR C 238 13.54 -15.32 -0.13
CA THR C 238 13.49 -15.17 -1.58
C THR C 238 12.09 -14.74 -2.01
N ASN C 239 11.98 -14.42 -3.30
CA ASN C 239 10.69 -14.02 -3.84
C ASN C 239 9.67 -15.14 -3.86
N VAL C 240 10.09 -16.41 -3.82
CA VAL C 240 9.16 -17.52 -4.00
C VAL C 240 8.89 -18.22 -2.68
N ASP C 241 9.85 -18.19 -1.77
CA ASP C 241 9.71 -18.89 -0.50
C ASP C 241 10.79 -18.44 0.45
N ASN C 242 10.66 -18.88 1.70
CA ASN C 242 11.71 -18.80 2.71
C ASN C 242 12.26 -20.20 2.94
N PHE C 243 13.58 -20.31 3.01
CA PHE C 243 14.26 -21.59 3.20
C PHE C 243 15.11 -21.54 4.45
N GLU C 244 14.90 -22.48 5.36
CA GLU C 244 15.65 -22.56 6.60
C GLU C 244 16.80 -23.55 6.44
N ALA C 245 18.00 -23.15 6.82
CA ALA C 245 19.20 -23.90 6.51
C ALA C 245 20.09 -24.09 7.73
N ASP C 246 20.85 -25.18 7.70
CA ASP C 246 21.98 -25.39 8.61
C ASP C 246 23.19 -24.58 8.17
N ALA C 247 23.37 -24.46 6.86
CA ALA C 247 24.53 -23.80 6.26
C ALA C 247 24.09 -23.21 4.93
N VAL C 248 24.60 -22.03 4.62
CA VAL C 248 24.28 -21.34 3.38
C VAL C 248 25.56 -21.22 2.57
N LEU C 249 25.50 -21.59 1.30
CA LEU C 249 26.63 -21.45 0.39
C LEU C 249 26.34 -20.30 -0.57
N LEU C 250 27.25 -19.33 -0.59
CA LEU C 250 27.21 -18.25 -1.57
C LEU C 250 28.09 -18.66 -2.75
N ALA C 251 27.45 -18.99 -3.88
CA ALA C 251 28.15 -19.44 -5.10
C ALA C 251 27.66 -18.58 -6.26
N ILE C 252 28.16 -17.34 -6.31
CA ILE C 252 27.67 -16.33 -7.24
C ILE C 252 28.71 -16.01 -8.32
N GLY C 253 29.96 -16.41 -8.14
CA GLY C 253 31.01 -16.17 -9.09
C GLY C 253 32.29 -15.70 -8.42
N ARG C 254 33.34 -15.62 -9.22
CA ARG C 254 34.66 -15.21 -8.74
C ARG C 254 35.09 -13.97 -9.50
N LYS C 255 35.60 -12.98 -8.75
CA LYS C 255 36.08 -11.73 -9.32
C LYS C 255 37.60 -11.71 -9.34
N PRO C 256 38.21 -11.26 -10.45
CA PRO C 256 39.68 -11.24 -10.51
C PRO C 256 40.29 -10.43 -9.37
N ASN C 257 41.33 -11.00 -8.77
CA ASN C 257 41.99 -10.37 -7.62
C ASN C 257 43.00 -9.35 -8.17
N THR C 258 42.60 -8.08 -8.15
CA THR C 258 43.36 -7.01 -8.80
C THR C 258 43.85 -5.96 -7.81
N ASP C 259 43.94 -6.31 -6.53
CA ASP C 259 44.36 -5.37 -5.47
C ASP C 259 45.89 -5.30 -5.45
N LEU C 260 46.44 -4.52 -6.39
CA LEU C 260 47.88 -4.41 -6.53
C LEU C 260 48.36 -2.98 -6.75
N ALA C 261 47.53 -1.98 -6.44
CA ALA C 261 47.84 -0.57 -6.67
C ALA C 261 48.22 -0.34 -8.13
N LEU C 262 47.34 -0.78 -9.03
CA LEU C 262 47.60 -0.68 -10.46
C LEU C 262 47.55 0.76 -10.97
N GLU C 263 47.09 1.70 -10.14
CA GLU C 263 47.12 3.10 -10.56
C GLU C 263 48.54 3.61 -10.74
N ASN C 264 49.50 2.99 -10.05
CA ASN C 264 50.90 3.34 -10.20
C ASN C 264 51.53 2.72 -11.45
N THR C 265 50.76 2.00 -12.25
CA THR C 265 51.25 1.31 -13.43
C THR C 265 50.43 1.70 -14.64
N ASP C 266 50.78 1.13 -15.80
CA ASP C 266 50.02 1.29 -17.03
C ASP C 266 49.29 0.01 -17.41
N ILE C 267 49.04 -0.88 -16.45
CA ILE C 267 48.28 -2.10 -16.70
C ILE C 267 46.79 -1.77 -16.74
N GLU C 268 46.12 -2.20 -17.81
CA GLU C 268 44.71 -1.90 -18.02
C GLU C 268 43.83 -3.04 -17.51
N LEU C 269 42.58 -2.69 -17.19
CA LEU C 269 41.61 -3.62 -16.61
C LEU C 269 40.35 -3.69 -17.46
N GLY C 270 39.95 -4.91 -17.79
CA GLY C 270 38.91 -5.14 -18.77
C GLY C 270 37.52 -4.73 -18.30
N ASP C 271 36.53 -5.07 -19.14
CA ASP C 271 35.13 -4.81 -18.81
C ASP C 271 34.75 -5.43 -17.48
N ARG C 272 35.30 -6.61 -17.16
CA ARG C 272 34.94 -7.37 -15.97
C ARG C 272 36.00 -7.30 -14.88
N GLY C 273 36.83 -6.25 -14.88
CA GLY C 273 37.86 -6.12 -13.87
C GLY C 273 39.03 -7.06 -14.02
N GLU C 274 39.19 -7.68 -15.18
CA GLU C 274 40.30 -8.58 -15.45
C GLU C 274 41.46 -7.82 -16.07
N ILE C 275 42.66 -8.35 -15.88
CA ILE C 275 43.84 -7.74 -16.50
C ILE C 275 43.83 -8.06 -17.98
N LYS C 276 43.92 -7.02 -18.82
CA LYS C 276 43.99 -7.26 -20.25
C LYS C 276 45.31 -7.91 -20.61
N VAL C 277 45.24 -8.87 -21.54
CA VAL C 277 46.42 -9.55 -22.05
C VAL C 277 46.26 -9.75 -23.55
N ASN C 278 47.38 -9.78 -24.26
CA ASN C 278 47.38 -10.12 -25.68
C ASN C 278 47.45 -11.64 -25.82
N ALA C 279 47.78 -12.13 -27.02
CA ALA C 279 47.83 -13.57 -27.25
C ALA C 279 49.03 -14.22 -26.58
N HIS C 280 50.04 -13.45 -26.20
CA HIS C 280 51.20 -13.97 -25.48
C HIS C 280 51.10 -13.74 -23.98
N LEU C 281 49.90 -13.42 -23.49
CA LEU C 281 49.65 -13.13 -22.08
C LEU C 281 50.44 -11.93 -21.57
N GLN C 282 50.85 -11.04 -22.47
CA GLN C 282 51.44 -9.76 -22.08
C GLN C 282 50.34 -8.77 -21.75
N THR C 283 50.52 -8.03 -20.67
CA THR C 283 49.60 -6.95 -20.34
C THR C 283 49.92 -5.74 -21.22
N THR C 284 49.26 -4.61 -20.96
CA THR C 284 49.47 -3.42 -21.76
C THR C 284 50.88 -2.86 -21.63
N VAL C 285 51.58 -3.19 -20.55
CA VAL C 285 53.00 -2.89 -20.40
C VAL C 285 53.79 -4.16 -20.77
N PRO C 286 54.73 -4.09 -21.71
CA PRO C 286 55.16 -5.33 -22.40
C PRO C 286 55.95 -6.30 -21.54
N HIS C 287 56.77 -5.84 -20.60
CA HIS C 287 57.53 -6.75 -19.78
C HIS C 287 56.74 -7.28 -18.60
N ILE C 288 55.42 -7.05 -18.58
CA ILE C 288 54.57 -7.50 -17.49
C ILE C 288 53.59 -8.51 -18.06
N TYR C 289 53.52 -9.69 -17.46
CA TYR C 289 52.63 -10.74 -17.92
C TYR C 289 51.57 -11.04 -16.86
N ALA C 290 50.46 -11.61 -17.32
CA ALA C 290 49.36 -11.99 -16.42
C ALA C 290 48.87 -13.38 -16.82
N ALA C 291 48.76 -14.26 -15.83
CA ALA C 291 48.37 -15.64 -16.06
C ALA C 291 47.33 -16.05 -15.03
N GLY C 292 46.62 -17.14 -15.32
CA GLY C 292 45.64 -17.65 -14.40
C GLY C 292 44.35 -16.86 -14.44
N ASP C 293 43.60 -16.95 -13.33
CA ASP C 293 42.28 -16.34 -13.24
C ASP C 293 42.32 -14.81 -13.20
N VAL C 294 43.49 -14.21 -12.96
CA VAL C 294 43.52 -12.75 -12.83
C VAL C 294 43.28 -12.06 -14.16
N LYS C 295 43.65 -12.71 -15.27
CA LYS C 295 43.19 -12.25 -16.56
C LYS C 295 41.83 -12.90 -16.83
N GLY C 296 41.19 -12.54 -17.94
CA GLY C 296 39.85 -13.00 -18.19
C GLY C 296 39.79 -14.48 -18.57
N GLY C 297 38.60 -14.88 -19.00
CA GLY C 297 38.40 -16.19 -19.60
C GLY C 297 38.18 -17.38 -18.68
N LEU C 298 38.62 -18.55 -19.12
CA LEU C 298 38.32 -19.79 -18.42
C LEU C 298 39.08 -19.86 -17.10
N GLN C 299 38.41 -20.39 -16.07
CA GLN C 299 38.94 -20.44 -14.71
C GLN C 299 39.32 -21.86 -14.31
N PHE C 300 40.17 -22.50 -15.10
CA PHE C 300 40.54 -23.90 -14.86
C PHE C 300 42.00 -24.01 -14.43
N THR C 301 42.27 -25.03 -13.61
CA THR C 301 43.65 -25.42 -13.34
C THR C 301 44.34 -25.91 -14.61
N TYR C 302 43.58 -26.45 -15.57
CA TYR C 302 44.17 -26.78 -16.87
C TYR C 302 44.76 -25.53 -17.51
N ILE C 303 43.96 -24.47 -17.62
CA ILE C 303 44.38 -23.27 -18.34
C ILE C 303 45.61 -22.65 -17.68
N SER C 304 45.64 -22.64 -16.34
CA SER C 304 46.77 -22.04 -15.64
C SER C 304 48.08 -22.72 -16.02
N LEU C 305 48.08 -24.05 -16.15
CA LEU C 305 49.28 -24.75 -16.57
C LEU C 305 49.64 -24.44 -18.02
N ASP C 306 48.63 -24.32 -18.89
CA ASP C 306 48.91 -23.92 -20.27
C ASP C 306 49.38 -22.48 -20.35
N ASP C 307 48.92 -21.62 -19.43
CA ASP C 307 49.43 -20.25 -19.36
C ASP C 307 50.94 -20.26 -19.14
N TYR C 308 51.43 -21.14 -18.26
CA TYR C 308 52.86 -21.30 -18.08
C TYR C 308 53.54 -21.68 -19.39
N ARG C 309 52.90 -22.54 -20.19
CA ARG C 309 53.49 -22.92 -21.47
C ARG C 309 53.61 -21.71 -22.40
N ILE C 310 52.58 -20.87 -22.44
CA ILE C 310 52.61 -19.70 -23.31
C ILE C 310 53.70 -18.72 -22.87
N ILE C 311 53.75 -18.42 -21.57
CA ILE C 311 54.69 -17.41 -21.10
C ILE C 311 56.12 -17.95 -21.19
N LYS C 312 56.32 -19.24 -20.92
CA LYS C 312 57.64 -19.83 -21.10
C LYS C 312 58.06 -19.77 -22.56
N SER C 313 57.13 -20.05 -23.47
CA SER C 313 57.42 -19.89 -24.90
C SER C 313 57.75 -18.44 -25.23
N ALA C 314 57.08 -17.49 -24.57
CA ALA C 314 57.30 -16.08 -24.86
C ALA C 314 58.65 -15.61 -24.32
N LEU C 315 59.02 -16.05 -23.11
CA LEU C 315 60.21 -15.54 -22.46
C LEU C 315 61.44 -16.40 -22.68
N TYR C 316 61.27 -17.71 -22.87
CA TYR C 316 62.40 -18.61 -22.98
C TYR C 316 62.40 -19.46 -24.25
N GLY C 317 61.30 -19.51 -25.00
CA GLY C 317 61.23 -20.38 -26.17
C GLY C 317 61.13 -19.65 -27.49
N ASN C 318 60.45 -20.27 -28.46
CA ASN C 318 60.34 -19.74 -29.81
C ASN C 318 59.11 -18.87 -30.00
N GLN C 319 58.37 -18.58 -28.93
CA GLN C 319 57.24 -17.64 -28.93
C GLN C 319 56.09 -18.09 -29.83
N SER C 320 56.06 -19.37 -30.24
CA SER C 320 55.01 -19.86 -31.11
C SER C 320 53.72 -20.20 -30.37
N ARG C 321 53.75 -20.32 -29.05
CA ARG C 321 52.56 -20.65 -28.28
C ARG C 321 51.82 -19.38 -27.89
N THR C 322 50.51 -19.36 -28.13
CA THR C 322 49.65 -18.23 -27.79
C THR C 322 48.36 -18.76 -27.19
N THR C 323 47.49 -17.84 -26.75
CA THR C 323 46.17 -18.23 -26.31
C THR C 323 45.26 -18.64 -27.46
N ASP C 324 45.73 -18.49 -28.71
CA ASP C 324 44.94 -18.84 -29.88
C ASP C 324 45.25 -20.22 -30.43
N ASN C 325 46.27 -20.91 -29.90
CA ASN C 325 46.60 -22.27 -30.32
C ASN C 325 46.73 -23.18 -29.11
N ARG C 326 45.77 -23.10 -28.20
CA ARG C 326 45.74 -24.00 -27.05
C ARG C 326 45.15 -25.36 -27.40
N GLY C 327 44.49 -25.48 -28.54
CA GLY C 327 43.66 -26.63 -28.82
C GLY C 327 42.33 -26.50 -28.12
N SER C 328 41.42 -27.40 -28.48
CA SER C 328 40.11 -27.41 -27.84
C SER C 328 40.26 -27.73 -26.35
N VAL C 329 39.67 -26.88 -25.51
CA VAL C 329 39.85 -26.97 -24.06
C VAL C 329 38.71 -27.80 -23.49
N PRO C 330 38.98 -28.99 -22.95
CA PRO C 330 37.91 -29.78 -22.32
C PRO C 330 37.73 -29.38 -20.87
N TYR C 331 36.54 -29.65 -20.35
CA TYR C 331 36.29 -29.42 -18.93
C TYR C 331 35.24 -30.41 -18.44
N THR C 332 35.23 -30.59 -17.13
CA THR C 332 34.34 -31.55 -16.48
C THR C 332 33.62 -30.86 -15.34
N VAL C 333 32.31 -31.05 -15.26
CA VAL C 333 31.51 -30.66 -14.11
C VAL C 333 31.34 -31.89 -13.24
N PHE C 334 31.87 -31.85 -12.03
CA PHE C 334 31.95 -33.05 -11.19
C PHE C 334 30.67 -33.22 -10.35
N ILE C 335 29.54 -33.30 -11.06
CA ILE C 335 28.35 -33.88 -10.48
C ILE C 335 28.51 -35.40 -10.59
N ASP C 336 27.45 -36.14 -10.29
CA ASP C 336 27.54 -37.60 -10.13
C ASP C 336 26.51 -38.29 -11.02
N PRO C 337 26.92 -38.87 -12.16
CA PRO C 337 28.29 -39.00 -12.70
C PRO C 337 28.79 -37.68 -13.31
N PRO C 338 30.07 -37.59 -13.65
CA PRO C 338 30.60 -36.32 -14.18
C PRO C 338 30.05 -35.99 -15.57
N LEU C 339 29.80 -34.70 -15.78
CA LEU C 339 29.43 -34.15 -17.09
C LEU C 339 30.69 -33.56 -17.70
N SER C 340 31.17 -34.16 -18.78
CA SER C 340 32.42 -33.74 -19.42
C SER C 340 32.14 -33.22 -20.82
N ARG C 341 32.91 -32.22 -21.22
CA ARG C 341 32.54 -31.43 -22.38
C ARG C 341 33.79 -30.97 -23.12
N VAL C 342 33.69 -30.98 -24.46
CA VAL C 342 34.71 -30.40 -25.34
C VAL C 342 34.06 -30.03 -26.66
N GLY C 343 34.57 -28.97 -27.29
CA GLY C 343 34.05 -28.53 -28.56
C GLY C 343 32.70 -27.85 -28.43
N LEU C 344 31.94 -27.93 -29.52
CA LEU C 344 30.67 -27.25 -29.63
C LEU C 344 29.53 -28.11 -29.09
N THR C 345 28.51 -27.44 -28.58
CA THR C 345 27.21 -28.06 -28.41
C THR C 345 26.51 -28.14 -29.77
N SER C 346 25.55 -29.05 -29.87
CA SER C 346 24.74 -29.10 -31.09
C SER C 346 23.99 -27.80 -31.32
N LYS C 347 23.64 -27.09 -30.24
CA LYS C 347 23.01 -25.78 -30.38
C LYS C 347 23.96 -24.77 -31.01
N GLU C 348 25.22 -24.76 -30.57
CA GLU C 348 26.20 -23.83 -31.14
C GLU C 348 26.48 -24.17 -32.61
N ALA C 349 26.58 -25.46 -32.92
CA ALA C 349 26.81 -25.86 -34.31
C ALA C 349 25.65 -25.45 -35.20
N ALA C 350 24.41 -25.64 -34.72
CA ALA C 350 23.25 -25.21 -35.49
C ALA C 350 23.19 -23.69 -35.64
N ALA C 351 23.64 -22.95 -34.63
CA ALA C 351 23.58 -21.50 -34.72
C ALA C 351 24.64 -20.94 -35.67
N GLN C 352 25.77 -21.62 -35.79
CA GLN C 352 26.80 -21.18 -36.73
C GLN C 352 26.57 -21.71 -38.14
N HIS C 353 25.46 -22.42 -38.37
CA HIS C 353 25.05 -22.90 -39.69
C HIS C 353 26.00 -23.97 -40.23
N TYR C 354 26.45 -24.87 -39.36
CA TYR C 354 27.12 -26.07 -39.82
C TYR C 354 26.12 -27.04 -40.43
N ASP C 355 26.59 -27.83 -41.39
CA ASP C 355 25.86 -29.03 -41.81
C ASP C 355 26.32 -30.12 -40.87
N TYR C 356 25.64 -30.23 -39.73
CA TYR C 356 26.08 -31.08 -38.64
C TYR C 356 25.17 -32.28 -38.44
N THR C 357 25.76 -33.37 -37.97
CA THR C 357 25.03 -34.54 -37.49
C THR C 357 25.26 -34.65 -36.00
N GLU C 358 24.20 -34.90 -35.25
CA GLU C 358 24.33 -35.20 -33.83
C GLU C 358 23.80 -36.60 -33.56
N HIS C 359 24.33 -37.22 -32.50
CA HIS C 359 23.98 -38.58 -32.16
C HIS C 359 24.26 -38.79 -30.69
N GLN C 360 23.37 -39.50 -30.01
CA GLN C 360 23.55 -39.78 -28.60
C GLN C 360 23.53 -41.28 -28.34
N LEU C 361 23.97 -41.64 -27.14
CA LEU C 361 23.98 -43.01 -26.67
C LEU C 361 23.74 -43.00 -25.17
N LEU C 362 22.70 -43.67 -24.72
CA LEU C 362 22.42 -43.74 -23.29
C LEU C 362 23.42 -44.67 -22.61
N VAL C 363 23.86 -44.26 -21.42
CA VAL C 363 24.77 -45.09 -20.63
C VAL C 363 24.09 -46.38 -20.23
N SER C 364 22.77 -46.35 -20.03
CA SER C 364 21.98 -47.57 -19.84
C SER C 364 22.12 -48.53 -21.02
N ALA C 365 22.57 -48.05 -22.17
CA ALA C 365 22.80 -48.89 -23.34
C ALA C 365 24.26 -49.30 -23.49
N ILE C 366 25.12 -48.92 -22.54
CA ILE C 366 26.51 -49.35 -22.52
C ILE C 366 26.63 -50.49 -21.52
N PRO C 367 27.05 -51.69 -21.96
CA PRO C 367 27.06 -52.84 -21.03
C PRO C 367 27.99 -52.66 -19.83
N ARG C 368 29.00 -51.80 -19.93
CA ARG C 368 29.89 -51.56 -18.80
C ARG C 368 29.13 -50.94 -17.63
N HIS C 369 28.04 -50.21 -17.89
CA HIS C 369 27.24 -49.65 -16.80
C HIS C 369 26.75 -50.73 -15.85
N LYS C 370 26.54 -51.95 -16.35
CA LYS C 370 26.12 -53.05 -15.47
C LYS C 370 27.20 -53.38 -14.45
N ILE C 371 28.46 -53.42 -14.89
CA ILE C 371 29.57 -53.65 -13.97
C ILE C 371 29.71 -52.48 -13.00
N ASN C 372 29.55 -51.25 -13.50
CA ASN C 372 29.66 -50.06 -12.66
C ASN C 372 28.55 -49.95 -11.63
N ASN C 373 27.45 -50.70 -11.81
CA ASN C 373 26.25 -50.56 -10.97
C ASN C 373 25.73 -49.12 -11.02
N ASP C 374 25.66 -48.54 -12.21
CA ASP C 374 25.22 -47.16 -12.38
C ASP C 374 24.71 -47.01 -13.80
N PRO C 375 23.39 -46.95 -14.00
CA PRO C 375 22.84 -46.84 -15.35
C PRO C 375 22.72 -45.41 -15.85
N ARG C 376 23.07 -44.43 -15.03
CA ARG C 376 22.80 -43.04 -15.37
C ARG C 376 23.84 -42.53 -16.37
N GLY C 377 23.37 -41.84 -17.38
CA GLY C 377 24.26 -41.08 -18.22
C GLY C 377 23.81 -41.03 -19.67
N LEU C 378 24.32 -40.03 -20.37
CA LEU C 378 24.06 -39.82 -21.79
C LEU C 378 25.35 -39.34 -22.43
N PHE C 379 25.75 -40.00 -23.52
CA PHE C 379 26.88 -39.56 -24.34
C PHE C 379 26.35 -38.93 -25.61
N LYS C 380 26.96 -37.83 -26.03
CA LYS C 380 26.49 -37.07 -27.17
C LYS C 380 27.66 -36.57 -28.00
N VAL C 381 27.54 -36.70 -29.32
CA VAL C 381 28.56 -36.20 -30.25
C VAL C 381 27.87 -35.37 -31.34
N VAL C 382 28.59 -34.40 -31.86
CA VAL C 382 28.13 -33.60 -32.99
C VAL C 382 29.26 -33.52 -34.00
N ILE C 383 28.96 -33.86 -35.25
CA ILE C 383 29.96 -34.03 -36.30
C ILE C 383 29.66 -33.09 -37.45
N ASN C 384 30.71 -32.53 -38.05
CA ASN C 384 30.59 -31.77 -39.28
C ASN C 384 30.48 -32.71 -40.47
N ASN C 385 29.44 -32.53 -41.29
CA ASN C 385 29.23 -33.41 -42.43
C ASN C 385 30.10 -33.07 -43.63
N GLU C 386 30.54 -31.82 -43.77
CA GLU C 386 31.35 -31.41 -44.92
C GLU C 386 32.64 -32.22 -44.99
N ASN C 387 33.52 -32.05 -44.01
CA ASN C 387 34.53 -33.04 -43.71
C ASN C 387 33.85 -34.11 -42.87
N ASN C 388 34.60 -34.95 -42.18
CA ASN C 388 33.97 -35.89 -41.26
C ASN C 388 34.47 -35.65 -39.85
N MET C 389 34.70 -34.39 -39.52
CA MET C 389 35.39 -34.00 -38.31
C MET C 389 34.42 -33.86 -37.15
N ILE C 390 34.95 -34.06 -35.94
CA ILE C 390 34.16 -33.92 -34.72
C ILE C 390 34.11 -32.45 -34.34
N LEU C 391 32.89 -31.92 -34.18
CA LEU C 391 32.73 -30.54 -33.76
C LEU C 391 32.69 -30.38 -32.24
N GLY C 392 32.14 -31.36 -31.54
CA GLY C 392 32.11 -31.31 -30.09
C GLY C 392 31.49 -32.56 -29.53
N ALA C 393 31.57 -32.69 -28.21
CA ALA C 393 30.98 -33.84 -27.54
C ALA C 393 30.67 -33.46 -26.10
N THR C 394 29.58 -34.02 -25.60
CA THR C 394 29.22 -33.96 -24.18
C THR C 394 29.04 -35.38 -23.68
N LEU C 395 29.80 -35.74 -22.65
CA LEU C 395 29.77 -37.08 -22.07
C LEU C 395 29.35 -36.95 -20.61
N TYR C 396 28.10 -37.28 -20.32
CA TYR C 396 27.59 -37.35 -18.95
C TYR C 396 27.50 -38.82 -18.58
N GLY C 397 28.43 -39.28 -17.75
CA GLY C 397 28.45 -40.68 -17.35
C GLY C 397 29.78 -41.05 -16.74
N LYS C 398 29.82 -42.23 -16.14
CA LYS C 398 31.03 -42.72 -15.50
C LYS C 398 32.20 -42.70 -16.48
N GLN C 399 33.38 -42.32 -15.97
CA GLN C 399 34.63 -42.23 -16.72
C GLN C 399 34.62 -41.12 -17.77
N SER C 400 33.66 -40.20 -17.71
CA SER C 400 33.59 -39.16 -18.74
C SER C 400 34.75 -38.20 -18.63
N GLU C 401 35.20 -37.91 -17.41
CA GLU C 401 36.33 -37.01 -17.22
C GLU C 401 37.61 -37.57 -17.83
N GLU C 402 37.67 -38.88 -18.09
CA GLU C 402 38.80 -39.48 -18.78
C GLU C 402 38.54 -39.60 -20.28
N LEU C 403 37.35 -40.10 -20.65
CA LEU C 403 37.06 -40.34 -22.06
C LEU C 403 37.07 -39.06 -22.89
N ILE C 404 36.69 -37.93 -22.29
CA ILE C 404 36.59 -36.70 -23.05
C ILE C 404 37.92 -36.32 -23.67
N ASN C 405 39.03 -36.77 -23.06
CA ASN C 405 40.35 -36.45 -23.59
C ASN C 405 40.64 -37.17 -24.91
N ILE C 406 40.00 -38.32 -25.16
CA ILE C 406 40.13 -38.97 -26.46
C ILE C 406 39.58 -38.07 -27.56
N ILE C 407 38.40 -37.49 -27.32
CA ILE C 407 37.75 -36.68 -28.34
C ILE C 407 38.49 -35.36 -28.51
N LYS C 408 38.99 -34.78 -27.42
CA LYS C 408 39.85 -33.60 -27.52
C LYS C 408 40.99 -33.86 -28.49
N LEU C 409 41.70 -34.97 -28.31
CA LEU C 409 42.81 -35.30 -29.20
C LEU C 409 42.33 -35.42 -30.65
N ALA C 410 41.20 -36.10 -30.87
CA ALA C 410 40.70 -36.27 -32.23
C ALA C 410 40.37 -34.92 -32.87
N ILE C 411 39.76 -34.01 -32.11
CA ILE C 411 39.39 -32.71 -32.66
C ILE C 411 40.65 -31.94 -33.07
N ASP C 412 41.63 -31.89 -32.19
CA ASP C 412 42.85 -31.13 -32.46
C ASP C 412 43.61 -31.71 -33.66
N GLN C 413 43.76 -33.03 -33.72
CA GLN C 413 44.57 -33.67 -34.74
C GLN C 413 43.79 -33.94 -36.03
N ASN C 414 42.56 -33.46 -36.13
CA ASN C 414 41.72 -33.64 -37.32
C ASN C 414 41.58 -35.12 -37.67
N ILE C 415 41.20 -35.90 -36.67
CA ILE C 415 40.93 -37.32 -36.84
C ILE C 415 39.43 -37.48 -37.09
N PRO C 416 39.01 -37.97 -38.25
CA PRO C 416 37.57 -38.03 -38.54
C PRO C 416 36.86 -38.99 -37.60
N TYR C 417 35.55 -38.79 -37.47
CA TYR C 417 34.78 -39.56 -36.50
C TYR C 417 34.77 -41.04 -36.86
N THR C 418 34.89 -41.37 -38.15
CA THR C 418 34.89 -42.76 -38.58
C THR C 418 36.01 -43.55 -37.92
N VAL C 419 37.16 -42.91 -37.66
CA VAL C 419 38.26 -43.60 -36.98
C VAL C 419 37.81 -44.03 -35.59
N LEU C 420 37.12 -43.15 -34.87
CA LEU C 420 36.67 -43.49 -33.53
C LEU C 420 35.50 -44.47 -33.59
N ARG C 421 34.70 -44.43 -34.66
CA ARG C 421 33.59 -45.37 -34.78
C ARG C 421 34.08 -46.80 -34.96
N ASP C 422 35.16 -46.99 -35.73
CA ASP C 422 35.60 -48.31 -36.14
C ASP C 422 36.79 -48.83 -35.33
N ASN C 423 37.31 -48.04 -34.38
CA ASN C 423 38.53 -48.43 -33.69
C ASN C 423 38.29 -49.59 -32.73
N ILE C 424 39.37 -50.31 -32.46
CA ILE C 424 39.36 -51.41 -31.49
C ILE C 424 39.59 -50.80 -30.11
N TYR C 425 38.66 -51.06 -29.20
CA TYR C 425 38.75 -50.58 -27.83
C TYR C 425 38.89 -51.75 -26.88
N THR C 426 39.46 -51.47 -25.71
CA THR C 426 39.55 -52.47 -24.67
C THR C 426 38.15 -52.80 -24.14
N HIS C 427 38.01 -53.99 -23.53
CA HIS C 427 36.71 -54.54 -23.21
C HIS C 427 36.77 -55.36 -21.93
N PRO C 428 35.81 -55.20 -21.02
CA PRO C 428 34.68 -54.25 -21.04
C PRO C 428 35.06 -52.88 -20.47
N THR C 429 34.80 -51.81 -21.23
CA THR C 429 35.15 -50.46 -20.81
C THR C 429 34.00 -49.52 -21.15
N MET C 430 34.14 -48.26 -20.72
CA MET C 430 33.27 -47.20 -21.20
C MET C 430 33.72 -46.69 -22.56
N ALA C 431 35.03 -46.78 -22.85
CA ALA C 431 35.56 -46.29 -24.12
C ALA C 431 34.93 -47.02 -25.30
N GLU C 432 34.68 -48.32 -25.18
CA GLU C 432 34.18 -49.07 -26.31
C GLU C 432 32.78 -48.64 -26.73
N SER C 433 32.06 -47.88 -25.90
CA SER C 433 30.82 -47.26 -26.32
C SER C 433 30.99 -46.38 -27.55
N PHE C 434 32.21 -45.90 -27.79
CA PHE C 434 32.46 -45.05 -28.96
C PHE C 434 32.16 -45.77 -30.26
N ASN C 435 32.24 -47.10 -30.27
CA ASN C 435 31.85 -47.88 -31.45
C ASN C 435 30.41 -47.59 -31.84
N ASP C 436 29.52 -47.46 -30.85
CA ASP C 436 28.11 -47.19 -31.10
C ASP C 436 27.79 -45.69 -31.10
N LEU C 437 28.46 -44.93 -30.23
CA LEU C 437 28.19 -43.51 -30.11
C LEU C 437 28.47 -42.78 -31.42
N PHE C 438 29.58 -43.13 -32.08
CA PHE C 438 29.97 -42.53 -33.35
C PHE C 438 29.42 -43.28 -34.56
N ASN C 439 28.45 -44.17 -34.36
CA ASN C 439 27.83 -44.90 -35.46
C ASN C 439 26.50 -44.22 -35.79
N PHE C 440 26.40 -43.66 -36.99
CA PHE C 440 25.22 -42.93 -37.43
C PHE C 440 24.31 -43.78 -38.32
N HIS C 441 24.73 -45.00 -38.65
CA HIS C 441 23.90 -45.97 -39.35
C HIS C 441 23.41 -45.45 -40.70
N HIS C 442 24.30 -44.80 -41.46
CA HIS C 442 23.93 -44.34 -42.79
C HIS C 442 23.56 -45.52 -43.70
N HIS C 443 24.22 -46.66 -43.52
CA HIS C 443 23.96 -47.85 -44.33
C HIS C 443 22.99 -48.82 -43.67
N HIS C 444 22.07 -48.32 -42.84
CA HIS C 444 21.19 -49.20 -42.06
C HIS C 444 19.98 -49.62 -42.89
N HIS C 445 20.26 -50.44 -43.89
CA HIS C 445 19.22 -51.13 -44.68
C HIS C 445 19.84 -52.27 -45.48
N THR D 3 -52.00 -46.90 11.68
CA THR D 3 -50.98 -47.46 10.79
C THR D 3 -50.49 -46.42 9.79
N TYR D 4 -49.22 -46.01 9.92
CA TYR D 4 -48.65 -44.91 9.16
C TYR D 4 -47.56 -45.40 8.21
N ASP D 5 -47.06 -44.48 7.39
CA ASP D 5 -45.93 -44.72 6.51
C ASP D 5 -44.60 -44.49 7.22
N LEU D 6 -44.51 -43.39 7.97
CA LEU D 6 -43.29 -43.02 8.68
C LEU D 6 -43.68 -42.39 10.01
N ILE D 7 -42.95 -42.75 11.07
CA ILE D 7 -43.14 -42.16 12.39
C ILE D 7 -41.81 -41.58 12.85
N VAL D 8 -41.81 -40.29 13.19
CA VAL D 8 -40.68 -39.67 13.87
C VAL D 8 -41.10 -39.40 15.31
N ILE D 9 -40.18 -39.64 16.23
CA ILE D 9 -40.43 -39.45 17.66
C ILE D 9 -39.62 -38.25 18.09
N GLY D 10 -40.29 -37.15 18.37
CA GLY D 10 -39.63 -35.93 18.76
C GLY D 10 -39.72 -34.87 17.68
N PHE D 11 -39.66 -33.61 18.10
CA PHE D 11 -39.82 -32.46 17.21
C PHE D 11 -38.49 -31.79 16.90
N GLY D 12 -37.40 -32.55 16.85
CA GLY D 12 -36.10 -31.99 16.50
C GLY D 12 -36.03 -31.59 15.05
N LYS D 13 -34.88 -31.04 14.66
CA LYS D 13 -34.72 -30.55 13.29
C LYS D 13 -34.72 -31.69 12.29
N ALA D 14 -34.05 -32.79 12.61
CA ALA D 14 -33.95 -33.90 11.67
C ALA D 14 -35.32 -34.53 11.40
N GLY D 15 -36.07 -34.82 12.46
CA GLY D 15 -37.37 -35.44 12.28
C GLY D 15 -38.37 -34.50 11.63
N LYS D 16 -38.30 -33.21 11.95
CA LYS D 16 -39.25 -32.25 11.40
C LYS D 16 -39.07 -32.10 9.89
N THR D 17 -37.83 -31.92 9.45
CA THR D 17 -37.58 -31.76 8.02
C THR D 17 -37.76 -33.08 7.27
N LEU D 18 -37.43 -34.21 7.91
CA LEU D 18 -37.67 -35.51 7.28
C LEU D 18 -39.16 -35.76 7.10
N ALA D 19 -39.98 -35.37 8.07
CA ALA D 19 -41.42 -35.52 7.93
C ALA D 19 -41.97 -34.64 6.82
N LYS D 20 -41.46 -33.41 6.71
CA LYS D 20 -41.92 -32.52 5.64
C LYS D 20 -41.55 -33.06 4.27
N TYR D 21 -40.35 -33.63 4.13
CA TYR D 21 -39.98 -34.23 2.85
C TYR D 21 -40.87 -35.42 2.53
N ALA D 22 -41.04 -36.33 3.49
CA ALA D 22 -41.85 -37.51 3.25
C ALA D 22 -43.28 -37.15 2.91
N ALA D 23 -43.77 -36.01 3.41
CA ALA D 23 -45.13 -35.58 3.11
C ALA D 23 -45.25 -35.08 1.67
N SER D 24 -44.23 -34.38 1.17
CA SER D 24 -44.25 -33.96 -0.22
C SER D 24 -44.14 -35.15 -1.16
N THR D 25 -43.55 -36.26 -0.69
CA THR D 25 -43.57 -37.51 -1.44
C THR D 25 -44.98 -38.06 -1.55
N GLY D 26 -45.83 -37.77 -0.56
CA GLY D 26 -47.18 -38.30 -0.50
C GLY D 26 -47.40 -39.24 0.67
N GLN D 27 -46.35 -39.55 1.43
CA GLN D 27 -46.47 -40.45 2.56
C GLN D 27 -47.20 -39.78 3.71
N HIS D 28 -47.92 -40.58 4.48
CA HIS D 28 -48.59 -40.11 5.69
C HIS D 28 -47.63 -40.28 6.86
N VAL D 29 -47.28 -39.17 7.51
CA VAL D 29 -46.29 -39.16 8.57
C VAL D 29 -46.97 -38.89 9.90
N ALA D 30 -46.41 -39.49 10.96
CA ALA D 30 -46.84 -39.26 12.33
C ALA D 30 -45.67 -38.70 13.12
N VAL D 31 -45.85 -37.53 13.70
CA VAL D 31 -44.86 -36.93 14.61
C VAL D 31 -45.41 -37.01 16.02
N ILE D 32 -44.64 -37.62 16.92
CA ILE D 32 -45.00 -37.70 18.32
C ILE D 32 -44.14 -36.69 19.09
N GLU D 33 -44.81 -35.81 19.82
CA GLU D 33 -44.14 -34.75 20.58
C GLU D 33 -44.88 -34.55 21.88
N GLN D 34 -44.15 -34.56 23.00
CA GLN D 34 -44.80 -34.52 24.31
C GLN D 34 -45.25 -33.09 24.66
N SER D 35 -44.32 -32.15 24.69
CA SER D 35 -44.63 -30.77 25.05
C SER D 35 -43.75 -29.77 24.28
N ASN D 82 -43.47 -22.66 12.77
CA ASN D 82 -42.81 -23.94 12.97
C ASN D 82 -43.81 -24.98 13.44
N TYR D 83 -44.51 -24.66 14.53
CA TYR D 83 -45.49 -25.57 15.11
C TYR D 83 -46.65 -25.81 14.17
N HIS D 84 -47.06 -24.80 13.40
CA HIS D 84 -48.15 -24.96 12.45
C HIS D 84 -47.68 -25.54 11.13
N LEU D 85 -46.44 -25.23 10.72
CA LEU D 85 -45.91 -25.73 9.45
C LEU D 85 -45.87 -27.26 9.40
N LEU D 86 -45.99 -27.94 10.54
CA LEU D 86 -46.10 -29.39 10.59
C LEU D 86 -47.54 -29.86 10.69
N ALA D 87 -48.30 -29.28 11.63
CA ALA D 87 -49.69 -29.71 11.84
C ALA D 87 -50.56 -29.40 10.64
N ASP D 88 -50.37 -28.22 10.04
CA ASP D 88 -51.23 -27.78 8.94
C ASP D 88 -50.99 -28.56 7.65
N ASP D 89 -49.91 -29.34 7.57
CA ASP D 89 -49.70 -30.20 6.41
C ASP D 89 -50.73 -31.33 6.42
N ASN D 90 -51.34 -31.57 5.25
CA ASN D 90 -52.38 -32.60 5.15
C ASN D 90 -51.82 -33.97 5.48
N ASN D 91 -50.56 -34.23 5.13
CA ASN D 91 -49.98 -35.56 5.24
C ASN D 91 -49.20 -35.78 6.53
N ILE D 92 -49.26 -34.84 7.47
CA ILE D 92 -48.54 -34.96 8.73
C ILE D 92 -49.55 -34.82 9.88
N ASP D 93 -49.58 -35.81 10.75
CA ASP D 93 -50.36 -35.76 11.99
C ASP D 93 -49.39 -35.63 13.15
N VAL D 94 -49.44 -34.49 13.83
CA VAL D 94 -48.66 -34.28 15.05
C VAL D 94 -49.50 -34.77 16.23
N LEU D 95 -48.94 -35.70 17.00
CA LEU D 95 -49.63 -36.32 18.12
C LEU D 95 -49.05 -35.80 19.42
N ASP D 96 -49.90 -35.17 20.24
CA ASP D 96 -49.46 -34.58 21.50
C ASP D 96 -49.58 -35.61 22.63
N PHE D 97 -48.67 -36.59 22.59
CA PHE D 97 -48.61 -37.65 23.57
C PHE D 97 -47.15 -37.89 23.94
N LYS D 98 -46.91 -38.82 24.86
CA LYS D 98 -45.57 -39.26 25.20
C LYS D 98 -45.33 -40.61 24.55
N ALA D 99 -44.26 -40.70 23.75
CA ALA D 99 -43.94 -41.92 23.03
C ALA D 99 -43.24 -42.93 23.94
N GLN D 100 -43.60 -44.19 23.79
CA GLN D 100 -42.94 -45.27 24.51
C GLN D 100 -43.13 -46.57 23.74
N PHE D 101 -42.02 -47.22 23.42
CA PHE D 101 -42.07 -48.43 22.58
C PHE D 101 -42.83 -49.55 23.29
N LYS D 102 -43.72 -50.20 22.54
CA LYS D 102 -44.29 -51.46 22.99
C LYS D 102 -43.54 -52.65 22.42
N SER D 103 -42.97 -52.51 21.22
CA SER D 103 -42.16 -53.54 20.59
C SER D 103 -41.28 -52.86 19.55
N ASN D 104 -40.58 -53.66 18.76
CA ASN D 104 -39.77 -53.12 17.67
C ASN D 104 -40.61 -52.53 16.54
N THR D 105 -41.94 -52.73 16.57
CA THR D 105 -42.79 -52.36 15.46
C THR D 105 -43.94 -51.41 15.84
N GLU D 106 -44.29 -51.31 17.13
CA GLU D 106 -45.38 -50.46 17.55
C GLU D 106 -44.95 -49.53 18.69
N VAL D 107 -45.56 -48.35 18.72
CA VAL D 107 -45.24 -47.29 19.68
C VAL D 107 -46.50 -46.89 20.41
N ASN D 108 -46.44 -46.88 21.74
CA ASN D 108 -47.57 -46.49 22.57
C ASN D 108 -47.59 -44.98 22.77
N LEU D 109 -48.80 -44.42 22.81
CA LEU D 109 -49.02 -42.99 23.01
C LEU D 109 -49.60 -42.78 24.41
N LEU D 110 -48.84 -42.09 25.26
CA LEU D 110 -49.22 -41.87 26.65
C LEU D 110 -49.68 -40.43 26.83
N ASP D 111 -50.83 -40.24 27.47
CA ASP D 111 -51.31 -38.91 27.79
C ASP D 111 -50.56 -38.37 29.01
N GLN D 112 -50.94 -37.18 29.46
CA GLN D 112 -50.29 -36.56 30.61
C GLN D 112 -50.54 -37.33 31.90
N HIS D 113 -51.49 -38.27 31.92
CA HIS D 113 -51.73 -39.13 33.07
C HIS D 113 -50.99 -40.46 32.97
N ASP D 114 -50.03 -40.57 32.05
CA ASP D 114 -49.22 -41.77 31.86
C ASP D 114 -50.07 -43.01 31.57
N ASP D 115 -51.21 -42.80 30.92
CA ASP D 115 -52.10 -43.89 30.52
C ASP D 115 -51.94 -44.15 29.03
N ILE D 116 -52.10 -45.42 28.65
CA ILE D 116 -52.02 -45.80 27.24
C ILE D 116 -53.31 -45.35 26.56
N VAL D 117 -53.18 -44.42 25.62
CA VAL D 117 -54.34 -43.95 24.86
C VAL D 117 -54.47 -44.70 23.54
N ASP D 118 -53.35 -44.99 22.89
CA ASP D 118 -53.37 -45.59 21.56
C ASP D 118 -51.99 -46.16 21.26
N SER D 119 -51.93 -47.01 20.24
CA SER D 119 -50.69 -47.58 19.73
C SER D 119 -50.65 -47.40 18.22
N ILE D 120 -49.44 -47.23 17.68
CA ILE D 120 -49.26 -46.87 16.28
C ILE D 120 -48.05 -47.61 15.71
N THR D 121 -48.03 -47.74 14.38
CA THR D 121 -46.99 -48.51 13.71
C THR D 121 -46.65 -47.90 12.35
N ALA D 122 -45.49 -48.30 11.82
CA ALA D 122 -44.99 -47.90 10.51
C ALA D 122 -43.72 -48.69 10.21
N PRO D 123 -43.38 -48.90 8.92
CA PRO D 123 -42.19 -49.71 8.60
C PRO D 123 -40.87 -49.04 8.95
N HIS D 124 -40.87 -47.74 9.24
CA HIS D 124 -39.65 -47.04 9.63
C HIS D 124 -39.98 -46.04 10.72
N ILE D 125 -39.18 -46.04 11.78
CA ILE D 125 -39.36 -45.16 12.92
C ILE D 125 -38.05 -44.41 13.16
N ILE D 126 -38.16 -43.10 13.36
CA ILE D 126 -37.00 -42.24 13.60
C ILE D 126 -37.06 -41.76 15.04
N ILE D 127 -35.98 -42.00 15.78
CA ILE D 127 -35.86 -41.49 17.15
C ILE D 127 -35.08 -40.19 17.10
N ASN D 128 -35.68 -39.11 17.60
CA ASN D 128 -35.13 -37.77 17.50
C ASN D 128 -35.58 -36.99 18.73
N THR D 129 -35.21 -37.49 19.91
CA THR D 129 -35.73 -37.00 21.18
C THR D 129 -34.79 -36.04 21.90
N GLY D 130 -33.67 -35.66 21.29
CA GLY D 130 -32.81 -34.66 21.90
C GLY D 130 -32.08 -35.14 23.14
N ALA D 131 -31.71 -34.17 23.98
CA ALA D 131 -31.03 -34.42 25.23
C ALA D 131 -31.60 -33.50 26.30
N THR D 132 -31.18 -33.73 27.55
CA THR D 132 -31.60 -32.92 28.68
C THR D 132 -30.38 -32.51 29.50
N SER D 133 -30.56 -31.46 30.29
CA SER D 133 -29.48 -30.96 31.14
C SER D 133 -29.08 -32.03 32.16
N VAL D 134 -27.78 -32.17 32.36
CA VAL D 134 -27.26 -33.10 33.36
C VAL D 134 -27.38 -32.45 34.73
N ILE D 135 -28.08 -33.10 35.65
CA ILE D 135 -28.22 -32.61 37.01
C ILE D 135 -27.04 -33.14 37.83
N PRO D 136 -26.27 -32.28 38.49
CA PRO D 136 -25.16 -32.77 39.31
C PRO D 136 -25.61 -33.10 40.72
N ASN D 137 -25.12 -34.23 41.22
CA ASN D 137 -25.45 -34.65 42.58
C ASN D 137 -24.59 -33.84 43.55
N ILE D 138 -25.14 -32.75 44.06
CA ILE D 138 -24.46 -31.91 45.04
C ILE D 138 -25.37 -31.75 46.25
N LYS D 139 -24.84 -31.13 47.29
CA LYS D 139 -25.54 -31.02 48.56
C LYS D 139 -26.48 -29.82 48.54
N GLY D 140 -27.78 -30.07 48.73
CA GLY D 140 -28.76 -29.02 48.82
C GLY D 140 -29.42 -28.61 47.52
N LEU D 141 -29.24 -29.38 46.45
CA LEU D 141 -29.82 -28.99 45.16
C LEU D 141 -31.34 -29.00 45.21
N ASP D 142 -31.93 -30.14 45.60
CA ASP D 142 -33.38 -30.28 45.58
C ASP D 142 -34.05 -29.26 46.48
N GLN D 143 -33.35 -28.77 47.50
CA GLN D 143 -33.90 -27.78 48.40
C GLN D 143 -33.57 -26.35 47.99
N ALA D 144 -32.47 -26.14 47.28
CA ALA D 144 -32.06 -24.79 46.92
C ALA D 144 -33.05 -24.16 45.94
N LYS D 145 -33.12 -22.83 45.98
CA LYS D 145 -33.99 -22.04 45.12
C LYS D 145 -33.14 -21.18 44.20
N HIS D 146 -33.79 -20.62 43.18
CA HIS D 146 -33.15 -19.75 42.20
C HIS D 146 -32.05 -20.46 41.43
N VAL D 147 -32.20 -21.76 41.22
CA VAL D 147 -31.26 -22.56 40.44
C VAL D 147 -31.89 -22.85 39.09
N PHE D 148 -31.07 -22.80 38.03
CA PHE D 148 -31.57 -22.91 36.67
C PHE D 148 -30.63 -23.75 35.82
N ASP D 149 -31.20 -24.46 34.87
CA ASP D 149 -30.44 -24.99 33.76
C ASP D 149 -30.49 -23.96 32.62
N SER D 150 -30.02 -24.34 31.44
CA SER D 150 -29.98 -23.39 30.33
C SER D 150 -31.39 -22.97 29.91
N THR D 151 -32.34 -23.91 29.91
CA THR D 151 -33.69 -23.58 29.48
C THR D 151 -34.40 -22.68 30.49
N GLY D 152 -34.29 -23.03 31.79
CA GLY D 152 -34.93 -22.21 32.81
C GLY D 152 -34.38 -20.80 32.87
N LEU D 153 -33.09 -20.64 32.58
CA LEU D 153 -32.49 -19.30 32.59
C LEU D 153 -33.07 -18.46 31.46
N LEU D 154 -33.18 -19.03 30.26
CA LEU D 154 -33.71 -18.30 29.12
C LEU D 154 -35.13 -17.80 29.36
N ASN D 155 -35.83 -18.35 30.36
CA ASN D 155 -37.17 -17.92 30.72
C ASN D 155 -37.20 -17.30 32.11
N ILE D 156 -36.09 -16.71 32.55
CA ILE D 156 -36.04 -16.14 33.89
C ILE D 156 -36.83 -14.84 33.92
N SER D 157 -37.49 -14.59 35.06
CA SER D 157 -38.35 -13.41 35.16
C SER D 157 -37.53 -12.13 35.30
N TYR D 158 -36.44 -12.19 36.06
CA TYR D 158 -35.67 -11.02 36.45
C TYR D 158 -34.28 -11.07 35.83
N GLN D 159 -33.59 -9.93 35.88
CA GLN D 159 -32.17 -9.92 35.58
C GLN D 159 -31.38 -10.08 36.88
N PRO D 160 -30.51 -11.08 36.98
CA PRO D 160 -29.76 -11.25 38.23
C PRO D 160 -28.71 -10.17 38.39
N LYS D 161 -28.63 -9.61 39.60
CA LYS D 161 -27.51 -8.73 39.93
C LYS D 161 -26.21 -9.51 39.96
N HIS D 162 -26.26 -10.76 40.43
CA HIS D 162 -25.09 -11.63 40.43
C HIS D 162 -25.54 -13.02 39.99
N LEU D 163 -25.06 -13.45 38.83
CA LEU D 163 -25.31 -14.79 38.31
C LEU D 163 -24.05 -15.63 38.46
N VAL D 164 -24.17 -16.75 39.17
CA VAL D 164 -23.07 -17.70 39.33
C VAL D 164 -23.34 -18.88 38.43
N ILE D 165 -22.35 -19.26 37.63
CA ILE D 165 -22.44 -20.38 36.71
C ILE D 165 -21.48 -21.47 37.20
N VAL D 166 -22.03 -22.62 37.57
CA VAL D 166 -21.21 -23.80 37.83
C VAL D 166 -21.06 -24.56 36.52
N GLY D 167 -19.81 -24.72 36.06
CA GLY D 167 -19.55 -25.19 34.72
C GLY D 167 -18.92 -24.11 33.87
N GLY D 168 -17.93 -24.48 33.06
CA GLY D 168 -17.23 -23.52 32.24
C GLY D 168 -17.16 -23.91 30.78
N GLY D 169 -18.18 -24.62 30.32
CA GLY D 169 -18.24 -25.05 28.94
C GLY D 169 -18.63 -23.93 28.00
N TYR D 170 -18.75 -24.28 26.72
CA TYR D 170 -19.10 -23.30 25.70
C TYR D 170 -20.42 -22.62 26.02
N ILE D 171 -21.43 -23.40 26.44
CA ILE D 171 -22.73 -22.82 26.77
C ILE D 171 -22.61 -21.91 27.98
N ALA D 172 -21.79 -22.31 28.96
CA ALA D 172 -21.62 -21.48 30.15
C ALA D 172 -20.96 -20.15 29.82
N LEU D 173 -19.90 -20.18 29.02
CA LEU D 173 -19.24 -18.94 28.64
C LEU D 173 -20.14 -18.05 27.79
N GLU D 174 -21.00 -18.65 26.96
CA GLU D 174 -21.95 -17.86 26.19
C GLU D 174 -22.87 -17.07 27.10
N PHE D 175 -23.52 -17.75 28.06
CA PHE D 175 -24.43 -17.08 28.98
C PHE D 175 -23.73 -16.00 29.78
N ALA D 176 -22.48 -16.27 30.21
CA ALA D 176 -21.73 -15.28 30.95
C ALA D 176 -21.53 -14.01 30.12
N SER D 177 -21.26 -14.17 28.83
CA SER D 177 -21.14 -13.02 27.95
C SER D 177 -22.47 -12.32 27.77
N MET D 178 -23.54 -13.08 27.51
CA MET D 178 -24.84 -12.49 27.24
C MET D 178 -25.33 -11.67 28.43
N PHE D 179 -25.06 -12.13 29.64
CA PHE D 179 -25.56 -11.45 30.84
C PHE D 179 -24.65 -10.34 31.33
N ALA D 180 -23.34 -10.45 31.09
CA ALA D 180 -22.47 -9.32 31.36
C ALA D 180 -22.86 -8.13 30.49
N ASN D 181 -23.20 -8.40 29.23
CA ASN D 181 -23.65 -7.34 28.33
C ASN D 181 -24.95 -6.70 28.83
N LEU D 182 -25.78 -7.46 29.53
CA LEU D 182 -27.01 -6.94 30.08
C LEU D 182 -26.83 -6.29 31.45
N GLY D 183 -25.60 -6.20 31.94
CA GLY D 183 -25.30 -5.49 33.18
C GLY D 183 -25.19 -6.36 34.42
N SER D 184 -25.23 -7.68 34.27
CA SER D 184 -25.15 -8.59 35.41
C SER D 184 -23.70 -8.89 35.77
N LYS D 185 -23.43 -8.93 37.07
CA LYS D 185 -22.15 -9.41 37.56
C LYS D 185 -22.14 -10.94 37.49
N VAL D 186 -21.15 -11.50 36.81
CA VAL D 186 -21.14 -12.92 36.47
C VAL D 186 -19.86 -13.56 37.01
N THR D 187 -20.03 -14.63 37.78
CA THR D 187 -18.95 -15.52 38.17
C THR D 187 -19.21 -16.89 37.56
N VAL D 188 -18.18 -17.50 36.96
CA VAL D 188 -18.30 -18.84 36.39
C VAL D 188 -17.21 -19.71 37.00
N LEU D 189 -17.59 -20.95 37.33
CA LEU D 189 -16.71 -21.90 38.02
C LEU D 189 -16.42 -23.08 37.09
N GLU D 190 -15.16 -23.32 36.81
CA GLU D 190 -14.73 -24.45 35.99
C GLU D 190 -14.03 -25.48 36.87
N ARG D 191 -14.45 -26.74 36.76
CA ARG D 191 -13.84 -27.80 37.53
C ARG D 191 -12.46 -28.19 37.00
N GLY D 192 -12.26 -28.11 35.69
CA GLY D 192 -11.03 -28.53 35.07
C GLY D 192 -9.89 -27.54 35.32
N GLU D 193 -8.78 -27.80 34.62
CA GLU D 193 -7.57 -27.00 34.82
C GLU D 193 -7.55 -25.74 33.98
N SER D 194 -8.39 -25.64 32.96
CA SER D 194 -8.37 -24.49 32.06
C SER D 194 -9.69 -24.36 31.34
N PHE D 195 -9.93 -23.18 30.77
CA PHE D 195 -11.15 -22.90 30.04
C PHE D 195 -10.98 -23.25 28.57
N MET D 196 -12.06 -23.76 27.96
CA MET D 196 -12.12 -24.17 26.57
C MET D 196 -10.87 -24.97 26.17
N PRO D 197 -10.63 -26.11 26.80
CA PRO D 197 -9.34 -26.79 26.63
C PRO D 197 -9.13 -27.39 25.24
N ARG D 198 -10.19 -27.68 24.50
CA ARG D 198 -10.05 -28.22 23.16
C ARG D 198 -9.78 -27.15 22.11
N GLU D 199 -9.62 -25.90 22.52
CA GLU D 199 -9.42 -24.79 21.60
C GLU D 199 -7.99 -24.26 21.70
N ASP D 200 -7.60 -23.52 20.67
CA ASP D 200 -6.26 -22.94 20.59
C ASP D 200 -6.03 -21.99 21.76
N GLN D 201 -4.98 -22.25 22.53
CA GLN D 201 -4.93 -21.71 23.88
C GLN D 201 -4.51 -20.24 23.94
N ASP D 202 -3.72 -19.74 23.01
CA ASP D 202 -3.46 -18.30 23.04
C ASP D 202 -4.55 -17.51 22.31
N VAL D 203 -5.51 -18.20 21.68
CA VAL D 203 -6.74 -17.53 21.27
C VAL D 203 -7.69 -17.42 22.45
N VAL D 204 -7.83 -18.49 23.25
CA VAL D 204 -8.73 -18.42 24.40
C VAL D 204 -8.19 -17.42 25.43
N ALA D 205 -6.88 -17.22 25.48
CA ALA D 205 -6.33 -16.20 26.37
C ALA D 205 -6.88 -14.83 26.02
N TYR D 206 -6.98 -14.51 24.72
CA TYR D 206 -7.61 -13.26 24.31
C TYR D 206 -9.08 -13.25 24.70
N GLY D 207 -9.75 -14.40 24.59
CA GLY D 207 -11.15 -14.48 24.96
C GLY D 207 -11.37 -14.27 26.45
N ILE D 208 -10.51 -14.87 27.28
CA ILE D 208 -10.62 -14.66 28.73
C ILE D 208 -10.38 -13.20 29.07
N THR D 209 -9.40 -12.56 28.43
CA THR D 209 -9.14 -11.15 28.67
C THR D 209 -10.37 -10.30 28.36
N ASP D 210 -10.96 -10.51 27.18
CA ASP D 210 -12.14 -9.75 26.81
C ASP D 210 -13.33 -10.06 27.72
N LEU D 211 -13.40 -11.29 28.24
CA LEU D 211 -14.47 -11.63 29.18
C LEU D 211 -14.24 -10.97 30.53
N GLU D 212 -13.00 -10.97 31.01
CA GLU D 212 -12.69 -10.32 32.27
C GLU D 212 -12.90 -8.81 32.18
N ASN D 213 -12.53 -8.21 31.05
CA ASN D 213 -12.69 -6.78 30.87
C ASN D 213 -14.16 -6.35 30.92
N LYS D 214 -15.08 -7.29 30.72
CA LYS D 214 -16.51 -7.03 30.87
C LYS D 214 -17.00 -7.28 32.29
N GLY D 215 -16.09 -7.44 33.25
CA GLY D 215 -16.47 -7.65 34.64
C GLY D 215 -16.77 -9.08 35.01
N ILE D 216 -16.48 -10.04 34.14
CA ILE D 216 -16.76 -11.45 34.43
C ILE D 216 -15.61 -12.03 35.24
N ALA D 217 -15.96 -12.79 36.28
CA ALA D 217 -14.98 -13.44 37.14
C ALA D 217 -14.87 -14.91 36.77
N LEU D 218 -13.71 -15.31 36.27
CA LEU D 218 -13.45 -16.69 35.89
C LEU D 218 -12.65 -17.39 36.99
N HIS D 219 -12.95 -18.68 37.20
CA HIS D 219 -12.26 -19.46 38.21
C HIS D 219 -12.02 -20.86 37.69
N THR D 220 -10.82 -21.38 37.94
CA THR D 220 -10.41 -22.70 37.49
C THR D 220 -10.12 -23.59 38.70
N ASN D 221 -10.17 -24.91 38.45
CA ASN D 221 -9.91 -25.92 39.47
C ASN D 221 -10.83 -25.73 40.67
N VAL D 222 -12.13 -25.60 40.40
CA VAL D 222 -13.13 -25.29 41.41
C VAL D 222 -14.03 -26.50 41.58
N GLU D 223 -13.99 -27.11 42.76
CA GLU D 223 -14.96 -28.12 43.14
C GLU D 223 -16.05 -27.43 43.96
N THR D 224 -17.29 -27.58 43.52
CA THR D 224 -18.43 -27.02 44.23
C THR D 224 -19.00 -28.06 45.18
N THR D 225 -19.11 -27.70 46.46
CA THR D 225 -19.44 -28.67 47.49
C THR D 225 -20.91 -28.63 47.92
N GLU D 226 -21.55 -27.46 47.93
CA GLU D 226 -22.87 -27.36 48.51
C GLU D 226 -23.58 -26.12 47.99
N LEU D 227 -24.91 -26.21 47.89
CA LEU D 227 -25.77 -25.08 47.56
C LEU D 227 -26.74 -24.84 48.71
N SER D 228 -26.89 -23.58 49.10
CA SER D 228 -27.83 -23.19 50.14
C SER D 228 -28.45 -21.85 49.76
N SER D 229 -29.66 -21.61 50.26
CA SER D 229 -30.45 -20.46 49.84
C SER D 229 -31.06 -19.77 51.07
N ASP D 230 -30.77 -18.48 51.22
CA ASP D 230 -31.35 -17.71 52.32
C ASP D 230 -32.70 -17.12 51.89
N ASN D 231 -33.45 -17.89 51.09
CA ASN D 231 -34.71 -17.52 50.46
C ASN D 231 -34.47 -16.68 49.21
N HIS D 232 -34.32 -15.36 49.36
CA HIS D 232 -34.20 -14.50 48.19
C HIS D 232 -32.88 -14.69 47.46
N HIS D 233 -31.88 -15.30 48.09
CA HIS D 233 -30.56 -15.47 47.49
C HIS D 233 -30.09 -16.91 47.71
N THR D 234 -29.09 -17.30 46.92
CA THR D 234 -28.52 -18.64 46.98
C THR D 234 -27.00 -18.53 46.99
N THR D 235 -26.35 -19.29 47.86
CA THR D 235 -24.90 -19.27 48.02
C THR D 235 -24.33 -20.59 47.52
N VAL D 236 -23.30 -20.51 46.67
CA VAL D 236 -22.58 -21.67 46.16
C VAL D 236 -21.32 -21.85 46.98
N HIS D 237 -21.19 -23.00 47.65
CA HIS D 237 -20.03 -23.30 48.47
C HIS D 237 -18.99 -24.04 47.63
N THR D 238 -17.81 -23.44 47.48
CA THR D 238 -16.78 -23.99 46.62
C THR D 238 -15.47 -24.13 47.38
N ASN D 239 -14.49 -24.74 46.71
CA ASN D 239 -13.18 -24.96 47.31
C ASN D 239 -12.46 -23.65 47.58
N VAL D 240 -12.62 -22.66 46.69
CA VAL D 240 -11.87 -21.42 46.81
C VAL D 240 -12.64 -20.33 47.56
N ASP D 241 -13.97 -20.37 47.53
CA ASP D 241 -14.77 -19.25 48.03
C ASP D 241 -16.22 -19.71 48.13
N ASN D 242 -17.06 -18.87 48.75
CA ASN D 242 -18.50 -19.07 48.83
C ASN D 242 -19.18 -17.84 48.23
N PHE D 243 -19.83 -18.00 47.08
CA PHE D 243 -20.39 -16.88 46.33
C PHE D 243 -21.90 -16.79 46.55
N GLU D 244 -22.39 -15.57 46.74
CA GLU D 244 -23.81 -15.29 46.90
C GLU D 244 -24.37 -14.80 45.57
N ALA D 245 -25.51 -15.38 45.16
CA ALA D 245 -26.06 -15.08 43.84
C ALA D 245 -27.58 -14.93 43.92
N ASP D 246 -28.14 -14.24 42.91
CA ASP D 246 -29.58 -14.20 42.70
C ASP D 246 -30.06 -15.35 41.83
N ALA D 247 -29.17 -15.93 41.02
CA ALA D 247 -29.52 -17.05 40.17
C ALA D 247 -28.27 -17.90 39.98
N VAL D 248 -28.46 -19.21 39.93
CA VAL D 248 -27.38 -20.17 39.75
C VAL D 248 -27.67 -20.96 38.49
N LEU D 249 -26.73 -20.96 37.55
CA LEU D 249 -26.86 -21.70 36.31
C LEU D 249 -26.07 -23.00 36.41
N LEU D 250 -26.77 -24.12 36.26
CA LEU D 250 -26.14 -25.43 36.15
C LEU D 250 -25.89 -25.70 34.67
N ALA D 251 -24.63 -25.61 34.24
CA ALA D 251 -24.25 -25.78 32.85
C ALA D 251 -23.08 -26.76 32.77
N ILE D 252 -23.37 -28.04 33.00
CA ILE D 252 -22.31 -29.05 33.04
C ILE D 252 -22.61 -30.18 32.06
N GLY D 253 -23.30 -29.86 30.97
CA GLY D 253 -23.45 -30.79 29.87
C GLY D 253 -24.86 -31.33 29.75
N ARG D 254 -25.11 -31.96 28.59
CA ARG D 254 -26.39 -32.53 28.24
C ARG D 254 -26.22 -34.03 27.98
N LYS D 255 -27.16 -34.83 28.48
CA LYS D 255 -27.14 -36.27 28.32
C LYS D 255 -28.34 -36.74 27.53
N PRO D 256 -28.17 -37.72 26.63
CA PRO D 256 -29.27 -38.11 25.73
C PRO D 256 -30.58 -38.40 26.45
N ASN D 257 -31.67 -37.97 25.83
CA ASN D 257 -33.04 -38.19 26.31
C ASN D 257 -33.49 -39.55 25.79
N THR D 258 -33.31 -40.58 26.60
CA THR D 258 -33.51 -41.96 26.17
C THR D 258 -34.68 -42.63 26.90
N ASP D 259 -35.67 -41.85 27.32
CA ASP D 259 -36.77 -42.37 28.13
C ASP D 259 -37.95 -42.71 27.22
N LEU D 260 -37.95 -43.93 26.69
CA LEU D 260 -39.10 -44.42 25.93
C LEU D 260 -39.12 -45.95 25.90
N ALA D 261 -38.94 -46.56 27.08
CA ALA D 261 -38.99 -48.01 27.28
C ALA D 261 -38.21 -48.78 26.23
N LEU D 262 -36.89 -48.63 26.22
CA LEU D 262 -36.05 -49.37 25.28
C LEU D 262 -35.90 -50.84 25.67
N GLU D 263 -36.37 -51.23 26.85
CA GLU D 263 -36.28 -52.63 27.26
C GLU D 263 -37.21 -53.52 26.43
N ASN D 264 -38.30 -52.96 25.92
CA ASN D 264 -39.21 -53.68 25.04
C ASN D 264 -38.70 -53.77 23.60
N THR D 265 -37.47 -53.33 23.35
CA THR D 265 -36.89 -53.30 22.01
C THR D 265 -35.49 -53.91 22.04
N ASP D 266 -34.89 -54.03 20.86
CA ASP D 266 -33.51 -54.47 20.71
C ASP D 266 -32.57 -53.31 20.41
N ILE D 267 -32.99 -52.08 20.71
CA ILE D 267 -32.13 -50.91 20.52
C ILE D 267 -31.11 -50.87 21.64
N GLU D 268 -29.83 -50.81 21.27
CA GLU D 268 -28.74 -50.82 22.22
C GLU D 268 -28.30 -49.41 22.56
N LEU D 269 -27.69 -49.27 23.74
CA LEU D 269 -27.12 -48.01 24.20
C LEU D 269 -25.61 -48.13 24.33
N GLY D 270 -24.92 -47.03 24.09
CA GLY D 270 -23.47 -46.98 24.15
C GLY D 270 -22.95 -46.69 25.54
N ASP D 271 -21.67 -46.32 25.59
CA ASP D 271 -21.01 -46.05 26.86
C ASP D 271 -21.76 -44.99 27.66
N ARG D 272 -22.13 -43.89 27.02
CA ARG D 272 -22.65 -42.71 27.70
C ARG D 272 -24.16 -42.55 27.51
N GLY D 273 -24.90 -43.66 27.54
CA GLY D 273 -26.34 -43.60 27.46
C GLY D 273 -26.92 -43.19 26.13
N GLU D 274 -26.08 -43.02 25.10
CA GLU D 274 -26.55 -42.64 23.78
C GLU D 274 -27.01 -43.87 23.00
N ILE D 275 -27.93 -43.65 22.06
CA ILE D 275 -28.40 -44.73 21.21
C ILE D 275 -27.32 -45.07 20.19
N LYS D 276 -26.95 -46.35 20.13
CA LYS D 276 -25.89 -46.77 19.21
C LYS D 276 -26.39 -46.72 17.78
N VAL D 277 -25.62 -46.07 16.91
CA VAL D 277 -25.96 -45.97 15.49
C VAL D 277 -24.74 -46.32 14.66
N ASN D 278 -25.00 -46.83 13.45
CA ASN D 278 -23.94 -47.12 12.50
C ASN D 278 -23.71 -45.88 11.63
N ALA D 279 -23.01 -46.04 10.50
CA ALA D 279 -22.69 -44.91 9.63
C ALA D 279 -23.92 -44.32 8.94
N HIS D 280 -24.98 -45.11 8.76
CA HIS D 280 -26.21 -44.63 8.17
C HIS D 280 -27.25 -44.25 9.22
N LEU D 281 -26.82 -44.09 10.47
CA LEU D 281 -27.70 -43.72 11.60
C LEU D 281 -28.75 -44.80 11.87
N GLN D 282 -28.44 -46.05 11.56
CA GLN D 282 -29.28 -47.17 11.94
C GLN D 282 -28.96 -47.59 13.37
N THR D 283 -29.98 -47.80 14.18
CA THR D 283 -29.79 -48.41 15.49
C THR D 283 -29.53 -49.91 15.31
N THR D 284 -29.43 -50.66 16.41
CA THR D 284 -29.20 -52.09 16.29
C THR D 284 -30.41 -52.84 15.73
N VAL D 285 -31.58 -52.20 15.67
CA VAL D 285 -32.72 -52.74 14.93
C VAL D 285 -32.80 -51.99 13.61
N PRO D 286 -32.82 -52.69 12.46
CA PRO D 286 -32.42 -52.04 11.20
C PRO D 286 -33.44 -51.07 10.63
N HIS D 287 -34.73 -51.18 10.97
CA HIS D 287 -35.72 -50.28 10.42
C HIS D 287 -35.99 -49.08 11.32
N ILE D 288 -35.19 -48.88 12.36
CA ILE D 288 -35.35 -47.75 13.28
C ILE D 288 -34.05 -46.95 13.26
N TYR D 289 -34.18 -45.63 13.15
CA TYR D 289 -33.05 -44.73 13.04
C TYR D 289 -33.06 -43.74 14.20
N ALA D 290 -31.86 -43.23 14.51
CA ALA D 290 -31.69 -42.25 15.58
C ALA D 290 -30.94 -41.05 15.03
N ALA D 291 -31.47 -39.86 15.30
CA ALA D 291 -30.88 -38.63 14.79
C ALA D 291 -30.76 -37.61 15.91
N GLY D 292 -29.93 -36.59 15.68
CA GLY D 292 -29.80 -35.51 16.64
C GLY D 292 -28.99 -35.91 17.87
N ASP D 293 -29.28 -35.21 18.98
CA ASP D 293 -28.48 -35.37 20.19
C ASP D 293 -28.68 -36.72 20.87
N VAL D 294 -29.73 -37.47 20.51
CA VAL D 294 -30.04 -38.69 21.23
C VAL D 294 -29.04 -39.80 20.92
N LYS D 295 -28.40 -39.76 19.75
CA LYS D 295 -27.19 -40.54 19.56
C LYS D 295 -25.99 -39.72 20.04
N GLY D 296 -24.81 -40.33 20.02
CA GLY D 296 -23.62 -39.70 20.56
C GLY D 296 -23.13 -38.52 19.73
N GLY D 297 -21.97 -37.99 20.14
CA GLY D 297 -21.23 -37.02 19.33
C GLY D 297 -21.59 -35.56 19.43
N LEU D 298 -21.36 -34.83 18.34
CA LEU D 298 -21.54 -33.38 18.33
C LEU D 298 -23.02 -33.03 18.47
N GLN D 299 -23.30 -32.06 19.32
CA GLN D 299 -24.67 -31.62 19.62
C GLN D 299 -24.86 -30.23 18.99
N PHE D 300 -25.19 -30.22 17.70
CA PHE D 300 -25.45 -28.98 16.98
C PHE D 300 -26.74 -29.11 16.17
N THR D 301 -27.37 -27.97 15.91
CA THR D 301 -28.57 -27.97 15.09
C THR D 301 -28.26 -28.38 13.66
N TYR D 302 -27.11 -27.95 13.13
CA TYR D 302 -26.76 -28.29 11.77
C TYR D 302 -26.34 -29.75 11.64
N ILE D 303 -25.76 -30.34 12.70
CA ILE D 303 -25.51 -31.77 12.67
C ILE D 303 -26.82 -32.53 12.58
N SER D 304 -27.85 -32.03 13.25
CA SER D 304 -29.18 -32.64 13.14
C SER D 304 -29.73 -32.51 11.72
N LEU D 305 -29.49 -31.37 11.07
CA LEU D 305 -29.93 -31.22 9.69
C LEU D 305 -29.19 -32.20 8.77
N ASP D 306 -27.89 -32.36 8.99
CA ASP D 306 -27.13 -33.34 8.21
C ASP D 306 -27.58 -34.76 8.51
N ASP D 307 -28.00 -35.03 9.74
CA ASP D 307 -28.56 -36.35 10.07
C ASP D 307 -29.74 -36.68 9.16
N TYR D 308 -30.60 -35.69 8.91
CA TYR D 308 -31.72 -35.89 8.00
C TYR D 308 -31.23 -36.25 6.60
N ARG D 309 -30.15 -35.61 6.15
CA ARG D 309 -29.61 -35.93 4.83
C ARG D 309 -29.16 -37.38 4.76
N ILE D 310 -28.51 -37.86 5.83
CA ILE D 310 -28.05 -39.24 5.88
C ILE D 310 -29.24 -40.20 5.88
N ILE D 311 -30.25 -39.92 6.70
CA ILE D 311 -31.39 -40.81 6.81
C ILE D 311 -32.22 -40.78 5.53
N LYS D 312 -32.41 -39.60 4.94
CA LYS D 312 -33.09 -39.52 3.66
C LYS D 312 -32.32 -40.29 2.58
N SER D 313 -30.99 -40.16 2.58
CA SER D 313 -30.16 -40.92 1.66
C SER D 313 -30.34 -42.42 1.86
N ALA D 314 -30.46 -42.86 3.13
CA ALA D 314 -30.59 -44.29 3.40
C ALA D 314 -31.98 -44.80 3.04
N LEU D 315 -33.00 -43.98 3.25
CA LEU D 315 -34.39 -44.43 3.06
C LEU D 315 -34.92 -44.14 1.66
N TYR D 316 -34.51 -43.02 1.05
CA TYR D 316 -35.08 -42.59 -0.22
C TYR D 316 -34.07 -42.42 -1.34
N GLY D 317 -32.77 -42.42 -1.04
CA GLY D 317 -31.78 -42.13 -2.06
C GLY D 317 -30.83 -43.28 -2.36
N ASN D 318 -29.60 -42.94 -2.72
CA ASN D 318 -28.59 -43.93 -3.10
C ASN D 318 -27.73 -44.40 -1.93
N GLN D 319 -28.01 -43.92 -0.72
CA GLN D 319 -27.34 -44.36 0.50
C GLN D 319 -25.87 -43.99 0.54
N SER D 320 -25.45 -42.99 -0.24
CA SER D 320 -24.04 -42.61 -0.27
C SER D 320 -23.66 -41.70 0.90
N ARG D 321 -24.62 -41.01 1.52
CA ARG D 321 -24.31 -40.12 2.62
C ARG D 321 -24.21 -40.90 3.93
N THR D 322 -23.12 -40.68 4.67
CA THR D 322 -22.90 -41.33 5.95
C THR D 322 -22.34 -40.30 6.92
N THR D 323 -22.20 -40.71 8.18
CA THR D 323 -21.52 -39.87 9.16
C THR D 323 -20.01 -39.80 8.92
N ASP D 324 -19.49 -40.57 7.97
CA ASP D 324 -18.07 -40.55 7.62
C ASP D 324 -17.74 -39.57 6.51
N ASN D 325 -18.74 -39.00 5.84
CA ASN D 325 -18.50 -38.04 4.77
C ASN D 325 -19.36 -36.80 4.96
N ARG D 326 -19.45 -36.30 6.20
CA ARG D 326 -20.13 -35.03 6.46
C ARG D 326 -19.36 -33.83 5.95
N GLY D 327 -18.09 -33.98 5.60
CA GLY D 327 -17.21 -32.84 5.46
C GLY D 327 -16.78 -32.31 6.82
N SER D 328 -15.86 -31.34 6.80
CA SER D 328 -15.42 -30.73 8.04
C SER D 328 -16.57 -29.96 8.68
N VAL D 329 -16.73 -30.13 9.98
CA VAL D 329 -17.87 -29.59 10.72
C VAL D 329 -17.42 -28.31 11.44
N PRO D 330 -17.93 -27.14 11.08
CA PRO D 330 -17.58 -25.92 11.79
C PRO D 330 -18.52 -25.65 12.95
N TYR D 331 -18.03 -24.86 13.91
CA TYR D 331 -18.88 -24.45 15.02
C TYR D 331 -18.42 -23.09 15.53
N THR D 332 -19.34 -22.43 16.22
CA THR D 332 -19.12 -21.10 16.77
C THR D 332 -19.52 -21.08 18.23
N VAL D 333 -18.63 -20.57 19.08
CA VAL D 333 -18.94 -20.28 20.47
C VAL D 333 -19.32 -18.80 20.54
N PHE D 334 -20.59 -18.52 20.83
CA PHE D 334 -21.12 -17.16 20.70
C PHE D 334 -20.82 -16.33 21.95
N ILE D 335 -19.53 -16.08 22.15
CA ILE D 335 -19.12 -15.03 23.08
C ILE D 335 -19.05 -13.73 22.28
N ASP D 336 -18.46 -12.69 22.85
CA ASP D 336 -18.46 -11.36 22.25
C ASP D 336 -17.04 -10.82 22.16
N PRO D 337 -16.42 -10.85 20.98
CA PRO D 337 -16.89 -11.36 19.68
C PRO D 337 -16.96 -12.89 19.62
N PRO D 338 -17.58 -13.45 18.58
CA PRO D 338 -17.72 -14.91 18.50
C PRO D 338 -16.42 -15.61 18.14
N LEU D 339 -16.21 -16.77 18.75
CA LEU D 339 -15.08 -17.65 18.45
C LEU D 339 -15.60 -18.76 17.55
N SER D 340 -15.11 -18.79 16.31
CA SER D 340 -15.54 -19.79 15.33
C SER D 340 -14.36 -20.68 14.97
N ARG D 341 -14.67 -21.95 14.70
CA ARG D 341 -13.64 -22.98 14.60
C ARG D 341 -14.00 -24.00 13.53
N VAL D 342 -12.98 -24.50 12.83
CA VAL D 342 -13.15 -25.61 11.91
C VAL D 342 -11.78 -26.27 11.73
N GLY D 343 -11.78 -27.58 11.51
CA GLY D 343 -10.52 -28.28 11.34
C GLY D 343 -9.70 -28.33 12.60
N LEU D 344 -8.39 -28.57 12.41
CA LEU D 344 -7.47 -28.76 13.52
C LEU D 344 -7.02 -27.44 14.11
N THR D 345 -6.60 -27.51 15.37
CA THR D 345 -5.72 -26.49 15.94
C THR D 345 -4.28 -26.86 15.64
N SER D 346 -3.39 -25.87 15.71
CA SER D 346 -1.98 -26.15 15.47
C SER D 346 -1.43 -27.14 16.48
N LYS D 347 -2.00 -27.18 17.69
CA LYS D 347 -1.58 -28.18 18.68
C LYS D 347 -1.93 -29.58 18.21
N GLU D 348 -3.10 -29.77 17.59
CA GLU D 348 -3.46 -31.08 17.07
C GLU D 348 -2.60 -31.43 15.86
N ALA D 349 -2.38 -30.48 14.95
CA ALA D 349 -1.57 -30.74 13.77
C ALA D 349 -0.17 -31.18 14.14
N ALA D 350 0.42 -30.54 15.16
CA ALA D 350 1.74 -30.96 15.61
C ALA D 350 1.70 -32.34 16.25
N ALA D 351 0.59 -32.69 16.93
CA ALA D 351 0.51 -33.99 17.60
C ALA D 351 0.36 -35.13 16.60
N GLN D 352 -0.31 -34.88 15.48
CA GLN D 352 -0.46 -35.87 14.43
C GLN D 352 0.68 -35.86 13.44
N HIS D 353 1.72 -35.07 13.71
CA HIS D 353 2.97 -35.07 12.96
C HIS D 353 2.80 -34.51 11.55
N TYR D 354 1.92 -33.53 11.39
CA TYR D 354 1.85 -32.78 10.14
C TYR D 354 3.07 -31.88 9.99
N ASP D 355 3.54 -31.73 8.75
CA ASP D 355 4.50 -30.68 8.43
C ASP D 355 3.68 -29.42 8.17
N TYR D 356 3.44 -28.65 9.24
CA TYR D 356 2.45 -27.58 9.21
C TYR D 356 3.12 -26.22 9.37
N THR D 357 2.36 -25.18 9.00
CA THR D 357 2.70 -23.79 9.23
C THR D 357 1.46 -23.11 9.79
N GLU D 358 1.63 -22.34 10.86
CA GLU D 358 0.55 -21.55 11.42
C GLU D 358 0.83 -20.06 11.24
N HIS D 359 -0.25 -19.29 11.14
CA HIS D 359 -0.15 -17.85 10.98
C HIS D 359 -1.35 -17.22 11.68
N GLN D 360 -1.16 -16.00 12.18
CA GLN D 360 -2.21 -15.32 12.92
C GLN D 360 -2.26 -13.85 12.54
N LEU D 361 -3.41 -13.24 12.84
CA LEU D 361 -3.66 -11.84 12.54
C LEU D 361 -4.58 -11.28 13.61
N LEU D 362 -4.09 -10.29 14.36
CA LEU D 362 -4.94 -9.62 15.33
C LEU D 362 -6.02 -8.83 14.61
N VAL D 363 -7.22 -8.83 15.19
CA VAL D 363 -8.32 -8.06 14.61
C VAL D 363 -8.00 -6.57 14.63
N SER D 364 -7.22 -6.12 15.62
CA SER D 364 -6.81 -4.72 15.66
C SER D 364 -5.94 -4.34 14.47
N ALA D 365 -5.35 -5.31 13.78
CA ALA D 365 -4.60 -5.06 12.56
C ALA D 365 -5.47 -5.12 11.31
N ILE D 366 -6.76 -5.37 11.46
CA ILE D 366 -7.70 -5.41 10.34
C ILE D 366 -8.36 -4.04 10.24
N PRO D 367 -8.20 -3.32 9.14
CA PRO D 367 -8.73 -1.94 9.08
C PRO D 367 -10.24 -1.86 9.23
N ARG D 368 -10.97 -2.89 8.81
CA ARG D 368 -12.42 -2.92 8.98
C ARG D 368 -12.84 -2.81 10.44
N HIS D 369 -11.97 -3.21 11.37
CA HIS D 369 -12.29 -3.09 12.79
C HIS D 369 -12.52 -1.64 13.19
N LYS D 370 -11.88 -0.69 12.49
CA LYS D 370 -12.10 0.73 12.78
C LYS D 370 -13.52 1.14 12.44
N ILE D 371 -14.06 0.63 11.34
CA ILE D 371 -15.46 0.88 11.01
C ILE D 371 -16.38 0.21 12.03
N ASN D 372 -16.03 -1.02 12.44
CA ASN D 372 -16.82 -1.75 13.42
C ASN D 372 -16.73 -1.14 14.82
N ASN D 373 -15.71 -0.31 15.07
CA ASN D 373 -15.46 0.25 16.41
C ASN D 373 -15.21 -0.84 17.44
N ASP D 374 -14.63 -1.95 17.00
CA ASP D 374 -14.30 -3.08 17.88
C ASP D 374 -12.93 -3.64 17.49
N PRO D 375 -11.91 -3.48 18.33
CA PRO D 375 -10.57 -3.97 18.01
C PRO D 375 -10.25 -5.37 18.53
N ARG D 376 -11.17 -5.99 19.26
CA ARG D 376 -10.90 -7.27 19.89
C ARG D 376 -10.90 -8.41 18.89
N GLY D 377 -9.99 -9.35 19.11
CA GLY D 377 -10.04 -10.64 18.46
C GLY D 377 -8.68 -11.06 17.91
N LEU D 378 -8.65 -12.30 17.43
CA LEU D 378 -7.45 -12.91 16.88
C LEU D 378 -7.87 -13.97 15.87
N PHE D 379 -7.33 -13.89 14.66
CA PHE D 379 -7.56 -14.87 13.61
C PHE D 379 -6.32 -15.74 13.47
N LYS D 380 -6.51 -17.05 13.35
CA LYS D 380 -5.40 -18.00 13.32
C LYS D 380 -5.71 -19.15 12.38
N VAL D 381 -4.72 -19.53 11.55
CA VAL D 381 -4.89 -20.61 10.59
C VAL D 381 -3.73 -21.57 10.69
N VAL D 382 -4.00 -22.83 10.34
CA VAL D 382 -3.00 -23.90 10.31
C VAL D 382 -3.01 -24.49 8.91
N ILE D 383 -1.83 -24.63 8.31
CA ILE D 383 -1.68 -25.02 6.91
C ILE D 383 -0.79 -26.26 6.84
N ASN D 384 -1.12 -27.17 5.93
CA ASN D 384 -0.28 -28.31 5.61
C ASN D 384 0.76 -27.90 4.58
N ASN D 385 2.04 -28.18 4.85
CA ASN D 385 3.08 -27.74 3.92
C ASN D 385 3.27 -28.71 2.76
N GLU D 386 2.96 -30.00 2.95
CA GLU D 386 3.15 -31.00 1.90
C GLU D 386 2.38 -30.63 0.66
N ASN D 387 1.06 -30.67 0.74
CA ASN D 387 0.21 -29.94 -0.20
C ASN D 387 0.16 -28.50 0.31
N ASN D 388 -0.76 -27.68 -0.17
CA ASN D 388 -0.91 -26.35 0.39
C ASN D 388 -2.31 -26.19 0.98
N MET D 389 -2.81 -27.28 1.55
CA MET D 389 -4.18 -27.37 1.99
C MET D 389 -4.31 -26.78 3.39
N ILE D 390 -5.51 -26.29 3.70
CA ILE D 390 -5.81 -25.73 5.02
C ILE D 390 -6.19 -26.87 5.96
N LEU D 391 -5.53 -26.94 7.11
CA LEU D 391 -5.83 -27.98 8.10
C LEU D 391 -6.85 -27.53 9.13
N GLY D 392 -6.94 -26.24 9.41
CA GLY D 392 -7.88 -25.76 10.40
C GLY D 392 -7.73 -24.27 10.58
N ALA D 393 -8.74 -23.69 11.23
CA ALA D 393 -8.77 -22.25 11.44
C ALA D 393 -9.53 -21.94 12.72
N THR D 394 -9.06 -20.92 13.43
CA THR D 394 -9.75 -20.36 14.59
C THR D 394 -9.91 -18.87 14.36
N LEU D 395 -11.14 -18.42 14.15
CA LEU D 395 -11.45 -17.01 13.94
C LEU D 395 -12.21 -16.50 15.16
N TYR D 396 -11.54 -15.69 15.97
CA TYR D 396 -12.14 -15.03 17.12
C TYR D 396 -12.26 -13.56 16.77
N GLY D 397 -13.46 -13.12 16.44
CA GLY D 397 -13.68 -11.75 16.02
C GLY D 397 -15.02 -11.59 15.34
N LYS D 398 -15.38 -10.33 15.08
CA LYS D 398 -16.65 -10.04 14.44
C LYS D 398 -16.72 -10.70 13.07
N GLN D 399 -17.94 -11.09 12.69
CA GLN D 399 -18.24 -11.79 11.45
C GLN D 399 -17.62 -13.19 11.37
N SER D 400 -16.98 -13.66 12.45
CA SER D 400 -16.30 -14.95 12.37
C SER D 400 -17.28 -16.09 12.14
N GLU D 401 -18.50 -15.99 12.67
CA GLU D 401 -19.49 -17.02 12.44
C GLU D 401 -19.88 -17.11 10.97
N GLU D 402 -19.66 -16.05 10.21
CA GLU D 402 -19.91 -16.11 8.77
C GLU D 402 -18.66 -16.49 8.00
N LEU D 403 -17.53 -15.88 8.33
CA LEU D 403 -16.29 -16.11 7.60
C LEU D 403 -15.86 -17.57 7.69
N ILE D 404 -16.11 -18.23 8.83
CA ILE D 404 -15.62 -19.58 9.04
C ILE D 404 -16.13 -20.54 7.96
N ASN D 405 -17.28 -20.22 7.37
CA ASN D 405 -17.84 -21.10 6.35
C ASN D 405 -17.02 -21.08 5.06
N ILE D 406 -16.30 -19.98 4.80
CA ILE D 406 -15.40 -19.93 3.64
C ILE D 406 -14.30 -20.97 3.79
N ILE D 407 -13.69 -21.03 4.97
CA ILE D 407 -12.59 -21.96 5.20
C ILE D 407 -13.10 -23.39 5.20
N LYS D 408 -14.30 -23.62 5.75
CA LYS D 408 -14.90 -24.93 5.67
C LYS D 408 -14.96 -25.43 4.23
N LEU D 409 -15.43 -24.57 3.32
CA LEU D 409 -15.54 -24.96 1.92
C LEU D 409 -14.17 -25.26 1.31
N ALA D 410 -13.17 -24.46 1.66
CA ALA D 410 -11.82 -24.67 1.14
C ALA D 410 -11.26 -26.00 1.59
N ILE D 411 -11.45 -26.36 2.86
CA ILE D 411 -10.94 -27.64 3.35
C ILE D 411 -11.60 -28.80 2.62
N ASP D 412 -12.93 -28.77 2.50
CA ASP D 412 -13.64 -29.85 1.84
C ASP D 412 -13.24 -29.97 0.38
N GLN D 413 -13.18 -28.84 -0.33
CA GLN D 413 -12.96 -28.83 -1.77
C GLN D 413 -11.50 -28.75 -2.15
N ASN D 414 -10.58 -28.89 -1.19
CA ASN D 414 -9.14 -28.90 -1.46
C ASN D 414 -8.69 -27.64 -2.19
N ILE D 415 -9.19 -26.49 -1.73
CA ILE D 415 -8.75 -25.20 -2.24
C ILE D 415 -7.53 -24.78 -1.42
N PRO D 416 -6.35 -24.64 -2.03
CA PRO D 416 -5.16 -24.31 -1.25
C PRO D 416 -5.25 -22.90 -0.67
N TYR D 417 -4.52 -22.71 0.44
CA TYR D 417 -4.55 -21.41 1.12
C TYR D 417 -4.03 -20.29 0.24
N THR D 418 -3.21 -20.60 -0.77
CA THR D 418 -2.74 -19.57 -1.69
C THR D 418 -3.89 -18.93 -2.47
N VAL D 419 -4.95 -19.68 -2.74
CA VAL D 419 -6.09 -19.12 -3.44
C VAL D 419 -6.80 -18.10 -2.57
N LEU D 420 -7.03 -18.43 -1.30
CA LEU D 420 -7.65 -17.48 -0.37
C LEU D 420 -6.76 -16.28 -0.14
N ARG D 421 -5.44 -16.47 -0.20
CA ARG D 421 -4.50 -15.36 -0.04
C ARG D 421 -4.62 -14.36 -1.18
N ASP D 422 -4.73 -14.84 -2.41
CA ASP D 422 -4.64 -13.98 -3.59
C ASP D 422 -6.01 -13.56 -4.12
N ASN D 423 -7.09 -13.99 -3.49
CA ASN D 423 -8.42 -13.73 -4.02
C ASN D 423 -8.81 -12.28 -3.86
N ILE D 424 -9.73 -11.85 -4.72
CA ILE D 424 -10.34 -10.53 -4.64
C ILE D 424 -11.54 -10.62 -3.70
N TYR D 425 -11.54 -9.79 -2.65
CA TYR D 425 -12.65 -9.74 -1.71
C TYR D 425 -13.33 -8.38 -1.78
N THR D 426 -14.59 -8.36 -1.34
CA THR D 426 -15.28 -7.09 -1.22
C THR D 426 -14.62 -6.25 -0.13
N HIS D 427 -14.83 -4.93 -0.21
CA HIS D 427 -14.14 -3.99 0.62
C HIS D 427 -15.10 -2.85 0.96
N PRO D 428 -15.11 -2.36 2.20
CA PRO D 428 -14.33 -2.81 3.37
C PRO D 428 -15.08 -3.88 4.16
N THR D 429 -14.44 -5.02 4.42
CA THR D 429 -15.07 -6.17 5.04
C THR D 429 -14.09 -6.83 6.00
N MET D 430 -14.59 -7.84 6.72
CA MET D 430 -13.67 -8.70 7.45
C MET D 430 -13.11 -9.81 6.57
N ALA D 431 -13.87 -10.24 5.56
CA ALA D 431 -13.41 -11.31 4.68
C ALA D 431 -12.09 -10.95 4.02
N GLU D 432 -11.93 -9.69 3.62
CA GLU D 432 -10.72 -9.29 2.92
C GLU D 432 -9.48 -9.42 3.79
N SER D 433 -9.63 -9.59 5.11
CA SER D 433 -8.48 -9.87 5.95
C SER D 433 -7.78 -11.16 5.54
N PHE D 434 -8.47 -12.03 4.79
CA PHE D 434 -7.83 -13.25 4.30
C PHE D 434 -6.63 -12.94 3.39
N ASN D 435 -6.61 -11.76 2.76
CA ASN D 435 -5.43 -11.36 1.98
C ASN D 435 -4.19 -11.31 2.85
N ASP D 436 -4.34 -10.97 4.13
CA ASP D 436 -3.22 -10.93 5.06
C ASP D 436 -3.14 -12.16 5.95
N LEU D 437 -4.29 -12.70 6.38
CA LEU D 437 -4.28 -13.88 7.22
C LEU D 437 -3.55 -15.06 6.55
N PHE D 438 -3.68 -15.19 5.23
CA PHE D 438 -3.07 -16.29 4.50
C PHE D 438 -1.82 -15.86 3.73
N ASN D 439 -1.27 -14.68 4.03
CA ASN D 439 -0.08 -14.18 3.35
C ASN D 439 1.15 -14.58 4.15
N PHE D 440 1.65 -15.79 3.89
CA PHE D 440 2.85 -16.27 4.59
C PHE D 440 3.48 -17.38 3.77
N HIS D 441 4.76 -17.63 4.08
CA HIS D 441 5.51 -18.70 3.44
C HIS D 441 5.57 -19.92 4.36
N HIS D 442 5.98 -21.05 3.79
CA HIS D 442 6.14 -22.26 4.57
C HIS D 442 7.17 -22.07 5.67
N HIS D 443 6.82 -22.47 6.89
CA HIS D 443 7.79 -22.70 7.94
C HIS D 443 7.73 -24.20 8.24
N HIS D 444 8.76 -24.92 7.79
CA HIS D 444 8.71 -26.38 7.81
C HIS D 444 8.99 -26.90 9.20
N HIS D 445 7.96 -27.48 9.83
CA HIS D 445 8.11 -28.17 11.11
C HIS D 445 8.31 -29.66 10.86
PA FAD E . -6.32 6.39 -5.33
O1A FAD E . -6.63 5.65 -4.09
O2A FAD E . -7.47 7.21 -5.95
O5B FAD E . -5.09 7.34 -5.06
C5B FAD E . -4.55 8.19 -6.09
C4B FAD E . -3.59 9.13 -5.42
O4B FAD E . -2.74 9.76 -6.42
C3B FAD E . -4.24 10.27 -4.63
O3B FAD E . -3.73 10.27 -3.29
C2B FAD E . -3.85 11.54 -5.41
O2B FAD E . -3.64 12.64 -4.54
C1B FAD E . -2.56 11.11 -6.07
N9A FAD E . -2.19 11.84 -7.28
C8A FAD E . -2.98 12.05 -8.39
N7A FAD E . -2.38 12.72 -9.35
C5A FAD E . -1.11 12.95 -8.84
C6A FAD E . 0.02 13.61 -9.36
N6A FAD E . 0.05 14.19 -10.56
N1A FAD E . 1.13 13.67 -8.59
C2A FAD E . 1.11 13.10 -7.39
N3A FAD E . 0.10 12.45 -6.79
C4A FAD E . -0.98 12.41 -7.57
N1 FAD E . -14.22 1.20 -3.38
C2 FAD E . -14.50 0.04 -2.72
O2 FAD E . -13.93 -1.03 -3.01
N3 FAD E . -15.41 0.03 -1.69
C4 FAD E . -16.13 1.12 -1.23
O4 FAD E . -16.93 0.99 -0.31
C4X FAD E . -15.83 2.35 -1.94
N5 FAD E . -16.46 3.44 -1.58
C5X FAD E . -16.16 4.62 -2.25
C6 FAD E . -16.82 5.79 -1.88
C7 FAD E . -16.55 6.99 -2.53
C7M FAD E . -17.28 8.25 -2.11
C8 FAD E . -15.63 7.03 -3.58
C8M FAD E . -15.32 8.32 -4.31
C9 FAD E . -14.97 5.86 -3.96
C9A FAD E . -15.24 4.67 -3.30
N10 FAD E . -14.58 3.47 -3.66
C10 FAD E . -14.86 2.29 -3.00
C1' FAD E . -13.60 3.44 -4.75
C2' FAD E . -12.17 3.60 -4.28
O2' FAD E . -12.00 4.80 -3.53
C3' FAD E . -11.26 3.66 -5.50
O3' FAD E . -11.73 2.76 -6.49
C4' FAD E . -9.80 3.33 -5.20
O4' FAD E . -9.39 4.08 -4.05
C5' FAD E . -8.91 3.64 -6.38
O5' FAD E . -7.54 3.74 -5.92
P FAD E . -6.37 4.01 -6.93
O1P FAD E . -5.31 2.93 -6.73
O2P FAD E . -6.93 4.16 -8.31
O3P FAD E . -5.76 5.40 -6.44
N HIS F . 14.41 72.05 17.27
CA HIS F . 15.82 72.01 16.94
C HIS F . 16.06 72.97 15.77
O HIS F . 15.30 72.96 14.80
CB HIS F . 16.27 70.59 16.59
CG HIS F . 15.81 69.53 17.56
ND1 HIS F . 16.20 68.22 17.46
CD2 HIS F . 14.98 69.60 18.63
CE1 HIS F . 15.64 67.51 18.43
NE2 HIS F . 14.90 68.33 19.16
N HIS G . 17.12 73.78 15.88
CA HIS G . 17.46 74.87 14.94
C HIS G . 16.71 74.89 13.60
O HIS G . 16.93 74.04 12.74
CB HIS G . 18.96 74.85 14.64
CG HIS G . 19.81 75.09 15.85
ND1 HIS G . 20.28 76.34 16.20
CD2 HIS G . 20.30 74.24 16.79
CE1 HIS G . 21.00 76.26 17.30
NE2 HIS G . 21.04 74.98 17.68
PA FAD H . 1.01 41.28 -9.72
O1A FAD H . 0.10 41.03 -8.57
O2A FAD H . 2.50 41.02 -9.47
O5B FAD H . 0.50 40.44 -10.97
C5B FAD H . 1.26 40.39 -12.20
C4B FAD H . 0.72 39.23 -13.01
O4B FAD H . 1.17 39.34 -14.38
C3B FAD H . 1.13 37.83 -12.52
O3B FAD H . -0.04 37.05 -12.31
C2B FAD H . 2.00 37.30 -13.66
O2B FAD H . 1.85 35.89 -13.82
C1B FAD H . 1.43 38.04 -14.86
N9A FAD H . 2.33 38.14 -16.01
C8A FAD H . 3.66 38.48 -16.00
N7A FAD H . 4.21 38.50 -17.18
C5A FAD H . 3.18 38.15 -18.04
C6A FAD H . 3.10 37.99 -19.43
N6A FAD H . 4.14 38.16 -20.25
N1A FAD H . 1.91 37.63 -19.97
C2A FAD H . 0.87 37.45 -19.16
N3A FAD H . 0.82 37.57 -17.82
C4A FAD H . 2.01 37.93 -17.32
N1 FAD H . 2.35 44.01 -0.51
C2 FAD H . 1.58 44.60 0.46
O2 FAD H . 0.94 45.63 0.25
N3 FAD H . 1.50 44.00 1.71
C4 FAD H . 2.14 42.85 2.11
O4 FAD H . 2.00 42.42 3.25
C4X FAD H . 2.95 42.25 1.07
N5 FAD H . 3.59 41.14 1.36
C5X FAD H . 4.38 40.56 0.36
C6 FAD H . 5.05 39.38 0.65
C7 FAD H . 5.85 38.76 -0.31
C7M FAD H . 6.58 37.50 0.03
C8 FAD H . 5.96 39.33 -1.60
C8M FAD H . 6.80 38.68 -2.65
C9 FAD H . 5.27 40.51 -1.88
C9A FAD H . 4.48 41.13 -0.92
N10 FAD H . 3.76 42.31 -1.19
C10 FAD H . 2.99 42.90 -0.21
C1' FAD H . 3.84 42.96 -2.50
C2' FAD H . 2.66 42.64 -3.41
O2' FAD H . 2.48 41.23 -3.52
C3' FAD H . 2.93 43.23 -4.80
O3' FAD H . 3.54 44.50 -4.65
C4' FAD H . 1.70 43.38 -5.69
O4' FAD H . 0.98 42.15 -5.68
C5' FAD H . 2.06 43.79 -7.09
O5' FAD H . 0.88 43.71 -7.92
P FAD H . 0.92 44.13 -9.43
O1P FAD H . -0.35 44.92 -9.75
O2P FAD H . 2.20 44.82 -9.72
O3P FAD H . 0.85 42.76 -10.26
PA FAD I . 45.48 -19.35 -7.69
O1A FAD I . 45.82 -20.78 -7.65
O2A FAD I . 43.98 -19.04 -7.55
O5B FAD I . 46.31 -18.54 -6.62
C5B FAD I . 46.53 -17.13 -6.74
C4B FAD I . 47.05 -16.61 -5.42
O4B FAD I . 47.29 -15.19 -5.49
C3B FAD I . 46.10 -16.81 -4.23
O3B FAD I . 46.58 -17.83 -3.37
C2B FAD I . 46.07 -15.43 -3.53
O2B FAD I . 46.29 -15.55 -2.13
C1B FAD I . 47.24 -14.70 -4.18
N9A FAD I . 47.10 -13.25 -4.22
C8A FAD I . 46.01 -12.52 -4.60
N7A FAD I . 46.17 -11.22 -4.52
C5A FAD I . 47.46 -11.08 -4.04
C6A FAD I . 48.24 -9.94 -3.73
N6A FAD I . 47.81 -8.69 -3.86
N1A FAD I . 49.50 -10.16 -3.27
C2A FAD I . 49.92 -11.41 -3.13
N3A FAD I . 49.28 -12.55 -3.39
C4A FAD I . 48.05 -12.32 -3.84
N1 FAD I . 39.83 -25.87 -11.76
C2 FAD I . 39.97 -27.02 -12.47
O2 FAD I . 40.73 -27.09 -13.45
N3 FAD I . 39.27 -28.15 -12.10
C4 FAD I . 38.40 -28.26 -11.03
O4 FAD I . 37.84 -29.32 -10.79
C4X FAD I . 38.25 -27.03 -10.28
N5 FAD I . 37.45 -27.03 -9.25
C5X FAD I . 37.31 -25.84 -8.54
C6 FAD I . 36.45 -25.82 -7.44
C7 FAD I . 36.28 -24.66 -6.69
C7M FAD I . 35.34 -24.69 -5.50
C8 FAD I . 36.98 -23.50 -7.04
C8M FAD I . 36.82 -22.23 -6.25
C9 FAD I . 37.83 -23.52 -8.14
C9A FAD I . 38.00 -24.67 -8.89
N10 FAD I . 38.87 -24.72 -10.00
C10 FAD I . 39.01 -25.88 -10.72
C1' FAD I . 39.61 -23.53 -10.42
C2' FAD I . 41.06 -23.53 -9.92
O2' FAD I . 41.09 -23.54 -8.49
C3' FAD I . 41.78 -22.29 -10.45
O3' FAD I . 41.23 -21.93 -11.71
C4' FAD I . 43.28 -22.46 -10.57
O4' FAD I . 43.85 -22.72 -9.29
C5' FAD I . 43.96 -21.25 -11.20
O5' FAD I . 44.50 -20.43 -10.15
P FAD I . 45.44 -19.20 -10.48
O1P FAD I . 46.66 -19.72 -11.27
O2P FAD I . 44.68 -18.13 -11.14
O3P FAD I . 45.95 -18.71 -9.06
PA FAD J . -34.26 -31.30 19.63
O1A FAD J . -34.20 -30.06 18.81
O2A FAD J . -33.45 -31.30 20.92
O5B FAD J . -35.75 -31.66 19.93
C5B FAD J . -36.11 -32.90 20.57
C4B FAD J . -37.61 -32.93 20.75
O4B FAD J . -38.04 -34.27 21.08
C3B FAD J . -38.15 -32.01 21.85
O3B FAD J . -39.13 -31.12 21.34
C2B FAD J . -38.74 -32.99 22.88
O2B FAD J . -39.91 -32.47 23.49
C1B FAD J . -39.09 -34.18 22.00
N9A FAD J . -39.21 -35.44 22.70
C8A FAD J . -38.39 -35.93 23.68
N7A FAD J . -38.75 -37.10 24.15
C5A FAD J . -39.89 -37.41 23.42
C6A FAD J . -40.75 -38.52 23.43
N6A FAD J . -40.60 -39.58 24.24
N1A FAD J . -41.80 -38.51 22.58
C2A FAD J . -41.96 -37.46 21.78
N3A FAD J . -41.22 -36.36 21.68
C4A FAD J . -40.18 -36.40 22.52
N1 FAD J . -26.74 -25.57 18.48
C2 FAD J . -26.22 -24.82 17.47
O2 FAD J . -25.95 -25.30 16.37
N3 FAD J . -26.00 -23.47 17.69
C4 FAD J . -26.23 -22.77 18.85
O4 FAD J . -25.98 -21.56 18.92
C4X FAD J . -26.79 -23.58 19.92
N5 FAD J . -27.05 -23.00 21.06
C5X FAD J . -27.58 -23.78 22.08
C6 FAD J . -27.87 -23.19 23.29
C7 FAD J . -28.40 -23.92 24.35
C7M FAD J . -28.70 -23.24 25.65
C8 FAD J . -28.65 -25.29 24.17
C8M FAD J . -29.23 -26.12 25.29
C9 FAD J . -28.36 -25.90 22.95
C9A FAD J . -27.83 -25.16 21.91
N10 FAD J . -27.54 -25.73 20.65
C10 FAD J . -27.01 -24.98 19.63
C1' FAD J . -27.77 -27.16 20.41
C2' FAD J . -29.13 -27.45 19.78
O2' FAD J . -30.18 -26.87 20.55
C3' FAD J . -29.33 -28.96 19.69
O3' FAD J . -28.08 -29.59 19.45
C4' FAD J . -30.32 -29.40 18.60
O4' FAD J . -31.55 -28.71 18.77
C5' FAD J . -30.54 -30.90 18.60
O5' FAD J . -31.83 -31.18 18.03
P FAD J . -32.41 -32.65 17.99
O1P FAD J . -32.71 -33.04 16.54
O2P FAD J . -31.49 -33.54 18.73
O3P FAD J . -33.79 -32.53 18.75
#